data_2P2D
#
_entry.id   2P2D
#
_cell.length_a   57.763
_cell.length_b   151.586
_cell.length_c   87.142
_cell.angle_alpha   90.00
_cell.angle_beta   88.63
_cell.angle_gamma   90.00
#
_symmetry.space_group_name_H-M   'P 1 21 1'
#
loop_
_entity.id
_entity.type
_entity.pdbx_description
1 polymer 'L-ASPARAGINASE I'
2 non-polymer GLYCEROL
3 water water
#
_entity_poly.entity_id   1
_entity_poly.type   'polypeptide(L)'
_entity_poly.pdbx_seq_one_letter_code
;MGSSHHHHHHSSGLVPRGSHMQKKSIYVAYTGGTIGMQRSEQGYIPVSGHLQRQLALMPEFHRPEMPDFTIHEYTPLMDS
SDMTPEDWQHIAEDIKAHYDDYDGFVILHGTDTMAYTASALSFMLENLGKPVIVTGSQIPLAELRSDGQINLLNALYVAA
NYPINEVTLFFNNRLYRGNRTTKAHADGFDAFASPNLPPLLEAGIHIRRLNTPPAPHGEGELIVHPITPQPIGVVTIYPG
ISADVVRNFLRQPVKALILRSYGVGNAPQNKAFLQELQEASDRGIVVVNLTQCMSGKVNMGGYATGNALAHAGVIGGADM
TVEATLTKLHYLLSQELDTETIRKAMSQNLRGELTPDD
;
_entity_poly.pdbx_strand_id   A,B,C,D
#
# COMPACT_ATOMS: atom_id res chain seq x y z
N GLN A 22 -6.14 32.93 -28.95
CA GLN A 22 -6.92 33.03 -27.70
C GLN A 22 -6.89 31.74 -26.88
N LYS A 23 -6.96 31.90 -25.56
CA LYS A 23 -6.94 30.76 -24.64
C LYS A 23 -8.26 30.02 -24.67
N LYS A 24 -8.28 28.81 -24.14
CA LYS A 24 -9.52 28.07 -24.08
C LYS A 24 -10.28 28.77 -22.97
N SER A 25 -11.60 28.59 -22.97
CA SER A 25 -12.44 29.24 -21.96
C SER A 25 -13.28 28.19 -21.22
N ILE A 26 -13.20 28.21 -19.89
CA ILE A 26 -13.93 27.25 -19.06
C ILE A 26 -15.03 27.91 -18.21
N TYR A 27 -16.21 27.28 -18.20
CA TYR A 27 -17.34 27.77 -17.43
C TYR A 27 -17.33 27.07 -16.08
N VAL A 28 -17.31 27.86 -15.01
CA VAL A 28 -17.28 27.33 -13.64
C VAL A 28 -18.57 27.65 -12.90
N ALA A 29 -19.32 26.61 -12.56
CA ALA A 29 -20.57 26.80 -11.83
C ALA A 29 -20.23 26.53 -10.35
N TYR A 30 -20.33 27.57 -9.53
CA TYR A 30 -20.07 27.40 -8.10
C TYR A 30 -21.45 27.15 -7.52
N THR A 31 -21.85 25.88 -7.47
CA THR A 31 -23.16 25.49 -6.98
C THR A 31 -23.25 25.45 -5.46
N GLY A 32 -22.12 25.13 -4.81
CA GLY A 32 -22.11 25.05 -3.36
C GLY A 32 -20.80 24.51 -2.84
N GLY A 33 -20.68 24.34 -1.54
CA GLY A 33 -19.44 23.82 -0.98
C GLY A 33 -18.62 24.90 -0.30
N THR A 34 -17.66 24.47 0.50
CA THR A 34 -16.78 25.36 1.26
C THR A 34 -15.76 26.23 0.49
N ILE A 35 -15.49 25.91 -0.77
CA ILE A 35 -14.48 26.64 -1.53
C ILE A 35 -14.48 28.17 -1.52
N GLY A 36 -15.64 28.82 -1.63
CA GLY A 36 -15.66 30.27 -1.63
C GLY A 36 -15.99 30.92 -0.30
N MET A 37 -16.04 30.12 0.77
CA MET A 37 -16.37 30.66 2.09
C MET A 37 -15.27 31.52 2.72
N GLN A 38 -15.70 32.40 3.62
CA GLN A 38 -14.81 33.32 4.31
C GLN A 38 -14.61 32.96 5.77
N ARG A 39 -13.78 33.74 6.46
CA ARG A 39 -13.48 33.54 7.88
C ARG A 39 -14.17 34.60 8.73
N SER A 40 -14.82 34.17 9.80
CA SER A 40 -15.51 35.08 10.72
C SER A 40 -15.30 34.56 12.15
N GLU A 41 -15.81 35.28 13.13
CA GLU A 41 -15.66 34.89 14.52
C GLU A 41 -16.68 33.80 14.86
N GLN A 42 -17.22 33.18 13.81
CA GLN A 42 -18.22 32.12 13.96
C GLN A 42 -17.90 30.88 13.12
N GLY A 43 -16.82 30.94 12.36
CA GLY A 43 -16.43 29.82 11.51
C GLY A 43 -16.47 30.15 10.02
N TYR A 44 -16.65 29.15 9.18
CA TYR A 44 -16.73 29.35 7.72
C TYR A 44 -18.13 29.84 7.37
N ILE A 45 -18.22 30.93 6.61
CA ILE A 45 -19.51 31.46 6.20
C ILE A 45 -19.53 31.81 4.71
N PRO A 46 -20.67 31.61 4.05
CA PRO A 46 -20.73 31.93 2.61
C PRO A 46 -20.82 33.43 2.41
N VAL A 47 -19.97 33.98 1.55
CA VAL A 47 -19.97 35.40 1.25
C VAL A 47 -20.06 35.53 -0.26
N SER A 48 -21.18 36.07 -0.73
CA SER A 48 -21.42 36.23 -2.15
C SER A 48 -20.30 36.98 -2.87
N GLY A 49 -19.76 36.36 -3.92
CA GLY A 49 -18.70 36.97 -4.70
C GLY A 49 -17.27 36.79 -4.18
N HIS A 50 -17.12 36.22 -3.00
CA HIS A 50 -15.80 36.02 -2.41
C HIS A 50 -14.86 35.14 -3.24
N LEU A 51 -15.40 34.09 -3.86
CA LEU A 51 -14.55 33.21 -4.68
C LEU A 51 -13.96 34.01 -5.83
N GLN A 52 -14.83 34.71 -6.57
CA GLN A 52 -14.41 35.52 -7.71
C GLN A 52 -13.39 36.62 -7.35
N ARG A 53 -13.64 37.28 -6.23
CA ARG A 53 -12.76 38.36 -5.77
C ARG A 53 -11.37 37.81 -5.43
N GLN A 54 -11.33 36.64 -4.79
CA GLN A 54 -10.05 36.03 -4.44
C GLN A 54 -9.26 35.60 -5.66
N LEU A 55 -9.92 34.89 -6.58
CA LEU A 55 -9.25 34.41 -7.78
C LEU A 55 -8.63 35.52 -8.65
N ALA A 56 -9.19 36.73 -8.57
CA ALA A 56 -8.68 37.87 -9.33
C ALA A 56 -7.36 38.36 -8.75
N LEU A 57 -7.06 37.93 -7.52
CA LEU A 57 -5.83 38.33 -6.83
C LEU A 57 -4.79 37.21 -6.74
N MET A 58 -5.06 36.10 -7.40
CA MET A 58 -4.15 34.96 -7.39
C MET A 58 -3.56 34.77 -8.79
N PRO A 59 -2.36 35.35 -9.02
CA PRO A 59 -1.66 35.27 -10.31
C PRO A 59 -1.56 33.90 -10.98
N GLU A 60 -1.45 32.84 -10.20
CA GLU A 60 -1.33 31.51 -10.77
C GLU A 60 -2.52 31.13 -11.64
N PHE A 61 -3.69 31.70 -11.35
CA PHE A 61 -4.89 31.40 -12.13
C PHE A 61 -4.98 32.25 -13.39
N HIS A 62 -4.02 33.13 -13.59
CA HIS A 62 -4.05 34.02 -14.75
C HIS A 62 -2.84 33.89 -15.67
N ARG A 63 -2.05 32.84 -15.47
CA ARG A 63 -0.86 32.57 -16.26
C ARG A 63 -1.21 32.10 -17.67
N PRO A 64 -0.27 32.25 -18.62
CA PRO A 64 -0.48 31.84 -20.02
C PRO A 64 -0.91 30.39 -20.16
N GLU A 65 -0.44 29.55 -19.25
CA GLU A 65 -0.76 28.12 -19.28
C GLU A 65 -2.18 27.80 -18.83
N MET A 66 -2.81 28.77 -18.16
CA MET A 66 -4.17 28.57 -17.66
C MET A 66 -5.25 29.14 -18.56
N PRO A 67 -6.40 28.45 -18.64
CA PRO A 67 -7.50 28.90 -19.49
C PRO A 67 -8.20 30.11 -18.91
N ASP A 68 -8.97 30.78 -19.74
CA ASP A 68 -9.74 31.92 -19.26
C ASP A 68 -10.89 31.17 -18.61
N PHE A 69 -11.56 31.79 -17.66
CA PHE A 69 -12.71 31.16 -17.00
C PHE A 69 -13.72 32.20 -16.52
N THR A 70 -14.97 31.77 -16.43
CA THR A 70 -16.08 32.61 -15.99
C THR A 70 -16.77 31.88 -14.86
N ILE A 71 -17.06 32.58 -13.77
CA ILE A 71 -17.71 31.95 -12.63
C ILE A 71 -19.17 32.34 -12.48
N HIS A 72 -20.05 31.35 -12.38
CA HIS A 72 -21.47 31.60 -12.17
C HIS A 72 -21.73 31.05 -10.77
N GLU A 73 -21.87 31.96 -9.81
CA GLU A 73 -22.12 31.57 -8.42
C GLU A 73 -23.61 31.44 -8.16
N TYR A 74 -24.03 30.29 -7.68
CA TYR A 74 -25.44 30.05 -7.41
C TYR A 74 -25.95 30.90 -6.25
N THR A 75 -27.17 31.40 -6.40
CA THR A 75 -27.80 32.26 -5.39
C THR A 75 -29.16 31.67 -5.03
N PRO A 76 -29.28 31.05 -3.85
CA PRO A 76 -28.21 30.82 -2.86
C PRO A 76 -27.35 29.61 -3.20
N LEU A 77 -26.30 29.39 -2.42
CA LEU A 77 -25.46 28.24 -2.67
C LEU A 77 -26.27 27.03 -2.24
N MET A 78 -25.94 25.86 -2.78
CA MET A 78 -26.65 24.63 -2.43
C MET A 78 -25.90 23.90 -1.32
N ASP A 79 -26.63 23.42 -0.32
CA ASP A 79 -26.03 22.65 0.78
C ASP A 79 -26.10 21.28 0.15
N SER A 80 -24.97 20.64 -0.13
CA SER A 80 -25.02 19.36 -0.81
C SER A 80 -25.80 18.26 -0.10
N SER A 81 -25.89 18.30 1.23
CA SER A 81 -26.64 17.29 1.98
C SER A 81 -28.14 17.51 1.83
N ASP A 82 -28.55 18.70 1.38
CA ASP A 82 -29.97 19.01 1.23
C ASP A 82 -30.41 19.07 -0.24
N MET A 83 -29.55 18.60 -1.14
CA MET A 83 -29.88 18.61 -2.56
C MET A 83 -30.90 17.54 -2.98
N THR A 84 -31.60 17.81 -4.07
CA THR A 84 -32.58 16.89 -4.62
C THR A 84 -32.39 16.84 -6.14
N PRO A 85 -33.06 15.89 -6.80
CA PRO A 85 -32.94 15.76 -8.26
C PRO A 85 -33.31 17.06 -9.00
N GLU A 86 -34.07 17.93 -8.35
CA GLU A 86 -34.43 19.19 -8.99
C GLU A 86 -33.17 20.04 -9.14
N ASP A 87 -32.25 19.88 -8.19
CA ASP A 87 -30.99 20.61 -8.22
C ASP A 87 -30.08 20.04 -9.31
N TRP A 88 -30.16 18.73 -9.54
CA TRP A 88 -29.35 18.10 -10.60
C TRP A 88 -29.83 18.69 -11.93
N GLN A 89 -31.15 18.82 -12.05
CA GLN A 89 -31.78 19.36 -13.27
C GLN A 89 -31.32 20.79 -13.52
N HIS A 90 -31.30 21.59 -12.47
CA HIS A 90 -30.89 22.98 -12.60
C HIS A 90 -29.43 23.08 -13.05
N ILE A 91 -28.56 22.23 -12.52
CA ILE A 91 -27.16 22.25 -12.93
C ILE A 91 -27.03 21.83 -14.38
N ALA A 92 -27.78 20.80 -14.78
CA ALA A 92 -27.75 20.31 -16.16
C ALA A 92 -28.23 21.40 -17.13
N GLU A 93 -29.27 22.13 -16.74
CA GLU A 93 -29.81 23.21 -17.56
C GLU A 93 -28.76 24.33 -17.70
N ASP A 94 -27.98 24.54 -16.64
CA ASP A 94 -26.94 25.57 -16.64
C ASP A 94 -25.87 25.18 -17.66
N ILE A 95 -25.44 23.92 -17.63
CA ILE A 95 -24.46 23.44 -18.58
C ILE A 95 -25.02 23.56 -20.01
N LYS A 96 -26.25 23.09 -20.20
CA LYS A 96 -26.89 23.16 -21.52
C LYS A 96 -26.93 24.59 -22.08
N ALA A 97 -27.34 25.53 -21.24
CA ALA A 97 -27.46 26.93 -21.65
C ALA A 97 -26.14 27.59 -22.05
N HIS A 98 -25.01 27.08 -21.55
CA HIS A 98 -23.71 27.66 -21.86
C HIS A 98 -22.81 26.71 -22.65
N TYR A 99 -23.36 25.57 -23.04
CA TYR A 99 -22.57 24.56 -23.76
C TYR A 99 -21.81 25.02 -25.01
N ASP A 100 -22.46 25.78 -25.88
CA ASP A 100 -21.83 26.24 -27.12
C ASP A 100 -20.84 27.39 -26.95
N ASP A 101 -20.83 28.00 -25.78
CA ASP A 101 -19.97 29.15 -25.53
C ASP A 101 -18.64 28.91 -24.83
N TYR A 102 -18.45 27.72 -24.28
CA TYR A 102 -17.23 27.40 -23.55
C TYR A 102 -16.63 26.07 -24.04
N ASP A 103 -15.35 25.85 -23.72
CA ASP A 103 -14.65 24.64 -24.15
C ASP A 103 -14.70 23.51 -23.14
N GLY A 104 -15.14 23.82 -21.93
CA GLY A 104 -15.22 22.82 -20.89
C GLY A 104 -15.98 23.38 -19.71
N PHE A 105 -16.29 22.52 -18.75
CA PHE A 105 -17.06 22.93 -17.59
C PHE A 105 -16.54 22.36 -16.27
N VAL A 106 -16.55 23.19 -15.22
CA VAL A 106 -16.14 22.75 -13.89
C VAL A 106 -17.30 23.06 -12.94
N ILE A 107 -17.75 22.04 -12.23
CA ILE A 107 -18.87 22.18 -11.29
C ILE A 107 -18.32 22.07 -9.85
N LEU A 108 -18.29 23.18 -9.13
CA LEU A 108 -17.82 23.20 -7.74
C LEU A 108 -19.04 22.79 -6.92
N HIS A 109 -18.84 21.82 -6.03
CA HIS A 109 -19.93 21.21 -5.29
C HIS A 109 -19.49 20.83 -3.86
N GLY A 110 -20.43 20.73 -2.93
CA GLY A 110 -20.09 20.32 -1.57
C GLY A 110 -19.77 18.84 -1.70
N THR A 111 -18.88 18.32 -0.85
CA THR A 111 -18.49 16.90 -0.96
C THR A 111 -19.49 15.80 -0.59
N ASP A 112 -20.35 16.04 0.41
CA ASP A 112 -21.30 15.01 0.84
C ASP A 112 -22.08 14.26 -0.25
N THR A 113 -22.59 14.96 -1.26
CA THR A 113 -23.31 14.28 -2.33
C THR A 113 -22.75 14.53 -3.72
N MET A 114 -21.49 14.95 -3.78
CA MET A 114 -20.81 15.22 -5.05
C MET A 114 -20.87 14.03 -6.00
N ALA A 115 -20.67 12.83 -5.46
CA ALA A 115 -20.69 11.62 -6.28
C ALA A 115 -22.07 11.34 -6.88
N TYR A 116 -23.13 11.70 -6.15
CA TYR A 116 -24.49 11.51 -6.66
C TYR A 116 -24.72 12.45 -7.84
N THR A 117 -24.33 13.72 -7.67
CA THR A 117 -24.50 14.69 -8.74
C THR A 117 -23.69 14.32 -9.99
N ALA A 118 -22.44 13.90 -9.79
CA ALA A 118 -21.61 13.52 -10.93
C ALA A 118 -22.26 12.33 -11.64
N SER A 119 -22.75 11.36 -10.86
CA SER A 119 -23.39 10.20 -11.46
C SER A 119 -24.65 10.58 -12.23
N ALA A 120 -25.50 11.39 -11.62
CA ALA A 120 -26.75 11.81 -12.26
C ALA A 120 -26.46 12.56 -13.58
N LEU A 121 -25.52 13.49 -13.56
CA LEU A 121 -25.18 14.24 -14.76
C LEU A 121 -24.67 13.34 -15.88
N SER A 122 -23.96 12.26 -15.53
CA SER A 122 -23.44 11.36 -16.55
C SER A 122 -24.57 10.73 -17.38
N PHE A 123 -25.70 10.45 -16.72
CA PHE A 123 -26.84 9.87 -17.43
C PHE A 123 -27.66 10.94 -18.15
N MET A 124 -27.84 12.10 -17.51
CA MET A 124 -28.64 13.17 -18.11
C MET A 124 -28.00 13.74 -19.39
N LEU A 125 -26.68 13.81 -19.42
CA LEU A 125 -26.00 14.31 -20.59
C LEU A 125 -25.71 13.11 -21.49
N GLU A 126 -26.10 13.20 -22.76
CA GLU A 126 -25.86 12.14 -23.72
C GLU A 126 -25.12 12.79 -24.89
N ASN A 127 -24.15 12.06 -25.45
CA ASN A 127 -23.32 12.55 -26.55
C ASN A 127 -22.53 13.77 -26.08
N LEU A 128 -22.02 13.71 -24.86
CA LEU A 128 -21.24 14.81 -24.30
C LEU A 128 -19.95 14.93 -25.11
N GLY A 129 -19.66 16.13 -25.60
CA GLY A 129 -18.46 16.35 -26.41
C GLY A 129 -17.46 17.33 -25.85
N LYS A 130 -17.58 17.63 -24.56
CA LYS A 130 -16.67 18.56 -23.87
C LYS A 130 -16.56 18.09 -22.42
N PRO A 131 -15.43 18.37 -21.76
CA PRO A 131 -15.30 17.92 -20.37
C PRO A 131 -16.22 18.61 -19.37
N VAL A 132 -16.70 17.83 -18.40
CA VAL A 132 -17.52 18.33 -17.32
C VAL A 132 -16.87 17.72 -16.10
N ILE A 133 -16.17 18.56 -15.33
CA ILE A 133 -15.46 18.09 -14.14
C ILE A 133 -16.12 18.58 -12.85
N VAL A 134 -16.56 17.63 -12.03
CA VAL A 134 -17.18 17.99 -10.77
C VAL A 134 -16.08 17.91 -9.71
N THR A 135 -15.95 18.94 -8.89
CA THR A 135 -14.93 18.94 -7.85
C THR A 135 -15.33 19.84 -6.69
N GLY A 136 -14.47 19.90 -5.68
CA GLY A 136 -14.75 20.72 -4.52
C GLY A 136 -13.53 20.70 -3.62
N SER A 137 -13.74 20.98 -2.33
CA SER A 137 -12.63 20.98 -1.38
C SER A 137 -13.12 20.86 0.05
N GLN A 138 -12.22 20.42 0.92
CA GLN A 138 -12.50 20.26 2.32
C GLN A 138 -12.25 21.60 2.99
N ILE A 139 -11.27 22.32 2.44
CA ILE A 139 -10.84 23.61 2.97
C ILE A 139 -11.12 24.79 2.02
N PRO A 140 -11.64 25.92 2.53
CA PRO A 140 -11.92 27.09 1.68
C PRO A 140 -10.66 27.56 0.96
N LEU A 141 -10.83 28.11 -0.22
CA LEU A 141 -9.71 28.60 -1.03
C LEU A 141 -8.95 29.72 -0.31
N ALA A 142 -9.63 30.42 0.61
CA ALA A 142 -9.04 31.52 1.36
C ALA A 142 -7.93 31.11 2.34
N GLU A 143 -8.02 29.88 2.85
CA GLU A 143 -7.04 29.39 3.81
C GLU A 143 -5.66 29.16 3.17
N LEU A 144 -4.61 29.37 3.98
CA LEU A 144 -3.23 29.22 3.52
C LEU A 144 -2.91 27.91 2.79
N ARG A 145 -3.15 26.78 3.44
CA ARG A 145 -2.89 25.47 2.84
C ARG A 145 -4.24 24.88 2.48
N SER A 146 -4.70 25.20 1.28
CA SER A 146 -6.01 24.76 0.86
C SER A 146 -6.07 23.78 -0.30
N ASP A 147 -6.87 22.73 -0.15
CA ASP A 147 -7.00 21.77 -1.24
C ASP A 147 -7.88 22.42 -2.29
N GLY A 148 -8.59 23.48 -1.90
CA GLY A 148 -9.44 24.18 -2.85
C GLY A 148 -8.64 24.84 -3.94
N GLN A 149 -7.50 25.43 -3.58
CA GLN A 149 -6.64 26.07 -4.58
C GLN A 149 -6.13 25.02 -5.56
N ILE A 150 -5.69 23.87 -5.02
CA ILE A 150 -5.17 22.77 -5.82
C ILE A 150 -6.23 22.15 -6.74
N ASN A 151 -7.40 21.86 -6.19
CA ASN A 151 -8.45 21.24 -6.98
C ASN A 151 -9.01 22.14 -8.08
N LEU A 152 -9.19 23.42 -7.81
CA LEU A 152 -9.72 24.30 -8.86
C LEU A 152 -8.67 24.55 -9.94
N LEU A 153 -7.41 24.77 -9.54
CA LEU A 153 -6.33 25.01 -10.51
C LEU A 153 -6.22 23.79 -11.44
N ASN A 154 -6.18 22.60 -10.85
CA ASN A 154 -6.06 21.39 -11.66
C ASN A 154 -7.28 21.10 -12.52
N ALA A 155 -8.47 21.30 -11.98
CA ALA A 155 -9.69 21.06 -12.75
C ALA A 155 -9.72 21.96 -13.99
N LEU A 156 -9.39 23.24 -13.79
CA LEU A 156 -9.37 24.18 -14.91
C LEU A 156 -8.33 23.77 -15.96
N TYR A 157 -7.13 23.43 -15.50
CA TYR A 157 -6.05 23.03 -16.39
C TYR A 157 -6.36 21.72 -17.16
N VAL A 158 -6.90 20.74 -16.45
CA VAL A 158 -7.24 19.46 -17.08
C VAL A 158 -8.40 19.61 -18.08
N ALA A 159 -9.42 20.38 -17.72
CA ALA A 159 -10.57 20.59 -18.61
C ALA A 159 -10.12 21.22 -19.93
N ALA A 160 -9.15 22.11 -19.85
CA ALA A 160 -8.65 22.79 -21.05
C ALA A 160 -7.61 22.02 -21.86
N ASN A 161 -6.70 21.35 -21.16
CA ASN A 161 -5.60 20.63 -21.80
C ASN A 161 -5.65 19.13 -21.98
N TYR A 162 -6.30 18.44 -21.05
CA TYR A 162 -6.42 16.98 -21.14
C TYR A 162 -7.90 16.72 -21.14
N PRO A 163 -8.61 17.25 -22.15
CA PRO A 163 -10.06 17.01 -22.20
C PRO A 163 -10.49 15.55 -22.34
N ILE A 164 -11.46 15.16 -21.54
CA ILE A 164 -12.03 13.83 -21.57
C ILE A 164 -13.51 14.14 -21.60
N ASN A 165 -14.18 13.69 -22.66
CA ASN A 165 -15.60 13.99 -22.85
C ASN A 165 -16.58 13.15 -22.04
N GLU A 166 -16.45 13.24 -20.73
CA GLU A 166 -17.30 12.51 -19.78
C GLU A 166 -17.51 13.39 -18.57
N VAL A 167 -18.46 13.00 -17.73
CA VAL A 167 -18.68 13.73 -16.50
C VAL A 167 -17.72 13.03 -15.56
N THR A 168 -16.75 13.79 -15.06
CA THR A 168 -15.73 13.24 -14.18
C THR A 168 -15.78 13.89 -12.81
N LEU A 169 -15.09 13.30 -11.84
CA LEU A 169 -15.04 13.86 -10.50
C LEU A 169 -13.56 13.93 -10.14
N PHE A 170 -13.11 15.12 -9.73
CA PHE A 170 -11.71 15.31 -9.37
C PHE A 170 -11.52 15.50 -7.87
N PHE A 171 -10.70 14.65 -7.27
CA PHE A 171 -10.39 14.73 -5.85
C PHE A 171 -9.19 13.84 -5.52
N ASN A 172 -8.47 14.21 -4.48
CA ASN A 172 -7.29 13.47 -4.05
C ASN A 172 -6.29 13.29 -5.22
N ASN A 173 -6.17 14.35 -6.03
CA ASN A 173 -5.27 14.39 -7.19
C ASN A 173 -5.55 13.33 -8.27
N ARG A 174 -6.79 12.87 -8.32
CA ARG A 174 -7.19 11.87 -9.31
C ARG A 174 -8.47 12.31 -10.01
N LEU A 175 -8.58 12.01 -11.30
CA LEU A 175 -9.77 12.36 -12.07
C LEU A 175 -10.46 11.02 -12.32
N TYR A 176 -11.60 10.82 -11.65
CA TYR A 176 -12.36 9.58 -11.77
C TYR A 176 -13.56 9.72 -12.70
N ARG A 177 -14.06 8.59 -13.19
CA ARG A 177 -15.25 8.62 -14.02
C ARG A 177 -16.32 8.92 -12.97
N GLY A 178 -17.08 9.98 -13.19
CA GLY A 178 -18.10 10.38 -12.23
C GLY A 178 -19.03 9.30 -11.69
N ASN A 179 -19.60 8.50 -12.58
CA ASN A 179 -20.53 7.46 -12.18
C ASN A 179 -19.89 6.17 -11.64
N ARG A 180 -18.62 6.26 -11.22
CA ARG A 180 -17.89 5.13 -10.64
C ARG A 180 -17.41 5.53 -9.25
N THR A 181 -17.70 6.76 -8.86
CA THR A 181 -17.23 7.28 -7.56
C THR A 181 -18.16 7.20 -6.35
N THR A 182 -17.56 7.23 -5.18
CA THR A 182 -18.29 7.25 -3.91
C THR A 182 -17.43 7.99 -2.90
N LYS A 183 -18.06 8.75 -2.00
CA LYS A 183 -17.28 9.47 -0.99
C LYS A 183 -16.91 8.38 0.00
N ALA A 184 -15.61 8.07 0.08
CA ALA A 184 -15.09 7.01 0.94
C ALA A 184 -14.75 7.36 2.40
N HIS A 185 -14.48 8.63 2.67
CA HIS A 185 -14.13 9.07 4.02
C HIS A 185 -14.53 10.53 4.19
N ALA A 186 -14.87 10.90 5.43
CA ALA A 186 -15.27 12.27 5.73
C ALA A 186 -14.82 12.74 7.12
N ASP A 187 -14.61 11.78 8.01
CA ASP A 187 -14.20 12.05 9.38
C ASP A 187 -12.72 12.48 9.47
N GLY A 188 -12.49 13.78 9.67
CA GLY A 188 -11.12 14.28 9.75
C GLY A 188 -10.63 14.73 8.38
N PHE A 189 -10.88 13.92 7.36
CA PHE A 189 -10.48 14.26 6.00
C PHE A 189 -11.45 13.67 4.99
N ASP A 190 -11.66 14.39 3.89
CA ASP A 190 -12.56 13.93 2.83
C ASP A 190 -11.77 13.10 1.83
N ALA A 191 -12.38 12.04 1.29
CA ALA A 191 -11.71 11.20 0.30
C ALA A 191 -12.75 10.51 -0.57
N PHE A 192 -12.45 10.39 -1.86
CA PHE A 192 -13.34 9.73 -2.80
C PHE A 192 -12.63 8.50 -3.36
N ALA A 193 -13.41 7.51 -3.79
CA ALA A 193 -12.85 6.29 -4.36
C ALA A 193 -13.66 5.89 -5.57
N SER A 194 -13.03 5.10 -6.43
CA SER A 194 -13.66 4.54 -7.65
C SER A 194 -13.30 3.07 -7.45
N PRO A 195 -14.02 2.38 -6.55
CA PRO A 195 -13.76 0.97 -6.25
C PRO A 195 -13.62 -0.04 -7.37
N ASN A 196 -14.39 0.11 -8.45
CA ASN A 196 -14.34 -0.87 -9.54
C ASN A 196 -13.77 -0.42 -10.87
N LEU A 197 -13.09 0.73 -10.89
CA LEU A 197 -12.46 1.22 -12.11
C LEU A 197 -11.32 2.17 -11.77
N PRO A 198 -10.20 2.06 -12.49
CA PRO A 198 -9.07 2.94 -12.21
C PRO A 198 -9.47 4.35 -12.60
N PRO A 199 -8.66 5.36 -12.21
CA PRO A 199 -9.00 6.75 -12.56
C PRO A 199 -8.82 6.89 -14.06
N LEU A 200 -9.33 7.97 -14.64
CA LEU A 200 -9.17 8.20 -16.07
C LEU A 200 -7.89 9.02 -16.23
N LEU A 201 -7.52 9.74 -15.18
CA LEU A 201 -6.32 10.57 -15.20
C LEU A 201 -5.75 10.79 -13.80
N GLU A 202 -4.43 10.90 -13.72
CA GLU A 202 -3.77 11.13 -12.44
C GLU A 202 -3.08 12.49 -12.55
N ALA A 203 -3.27 13.32 -11.54
CA ALA A 203 -2.69 14.66 -11.54
C ALA A 203 -1.59 14.80 -10.49
N GLY A 204 -0.51 14.03 -10.68
CA GLY A 204 0.62 14.08 -9.77
C GLY A 204 1.60 15.10 -10.29
N ILE A 205 2.89 14.87 -10.06
CA ILE A 205 3.90 15.80 -10.52
C ILE A 205 3.70 16.07 -12.02
N HIS A 206 3.50 15.02 -12.81
CA HIS A 206 3.22 15.17 -14.25
C HIS A 206 1.82 14.56 -14.48
N ILE A 207 0.95 15.33 -15.13
CA ILE A 207 -0.40 14.87 -15.44
C ILE A 207 -0.29 13.66 -16.35
N ARG A 208 -0.97 12.57 -16.00
CA ARG A 208 -0.91 11.36 -16.80
C ARG A 208 -2.31 10.81 -17.09
N ARG A 209 -2.67 10.69 -18.36
CA ARG A 209 -3.97 10.13 -18.69
C ARG A 209 -3.74 8.62 -18.70
N LEU A 210 -4.58 7.87 -18.00
CA LEU A 210 -4.42 6.42 -17.94
C LEU A 210 -5.09 5.76 -19.15
N ASN A 211 -4.82 4.48 -19.38
CA ASN A 211 -5.39 3.77 -20.52
C ASN A 211 -6.76 3.16 -20.24
N THR A 212 -7.48 3.75 -19.29
CA THR A 212 -8.81 3.28 -18.92
C THR A 212 -9.69 3.53 -20.14
N PRO A 213 -10.31 2.46 -20.67
CA PRO A 213 -11.17 2.59 -21.85
C PRO A 213 -12.30 3.62 -21.71
N PRO A 214 -12.43 4.52 -22.70
CA PRO A 214 -13.45 5.56 -22.72
C PRO A 214 -14.87 5.00 -22.61
N ALA A 215 -15.75 5.76 -21.98
CA ALA A 215 -17.13 5.35 -21.82
C ALA A 215 -17.83 5.28 -23.17
N PRO A 216 -18.89 4.48 -23.29
CA PRO A 216 -19.59 4.38 -24.57
C PRO A 216 -20.32 5.68 -24.85
N HIS A 217 -20.44 6.05 -26.13
CA HIS A 217 -21.13 7.27 -26.48
C HIS A 217 -21.77 7.18 -27.86
N GLY A 218 -22.67 8.12 -28.14
CA GLY A 218 -23.36 8.16 -29.42
C GLY A 218 -22.66 9.13 -30.34
N GLU A 219 -23.21 9.35 -31.52
CA GLU A 219 -22.58 10.25 -32.49
C GLU A 219 -23.20 11.65 -32.70
N GLY A 220 -24.49 11.82 -32.41
CA GLY A 220 -25.12 13.11 -32.62
C GLY A 220 -24.64 14.27 -31.75
N GLU A 221 -25.45 15.32 -31.68
CA GLU A 221 -25.09 16.47 -30.87
C GLU A 221 -25.57 16.18 -29.44
N LEU A 222 -25.20 17.06 -28.51
CA LEU A 222 -25.58 16.88 -27.10
C LEU A 222 -27.07 16.75 -26.82
N ILE A 223 -27.44 15.75 -26.03
CA ILE A 223 -28.83 15.58 -25.66
C ILE A 223 -28.89 15.68 -24.14
N VAL A 224 -29.73 16.58 -23.65
CA VAL A 224 -29.86 16.76 -22.21
C VAL A 224 -31.23 16.24 -21.76
N HIS A 225 -31.19 15.16 -20.99
CA HIS A 225 -32.39 14.51 -20.49
C HIS A 225 -32.91 15.09 -19.18
N PRO A 226 -34.23 15.16 -19.04
CA PRO A 226 -34.76 15.71 -17.79
C PRO A 226 -34.69 14.67 -16.69
N ILE A 227 -34.78 15.12 -15.44
CA ILE A 227 -34.74 14.21 -14.30
C ILE A 227 -35.63 14.82 -13.22
N THR A 228 -36.36 13.97 -12.49
CA THR A 228 -37.24 14.42 -11.40
C THR A 228 -37.10 13.45 -10.22
N PRO A 229 -37.51 13.88 -9.02
CA PRO A 229 -37.41 12.97 -7.87
C PRO A 229 -38.22 11.72 -8.14
N GLN A 230 -37.74 10.57 -7.69
CA GLN A 230 -38.44 9.30 -7.90
C GLN A 230 -38.47 8.48 -6.60
N PRO A 231 -39.59 7.79 -6.32
CA PRO A 231 -39.72 6.98 -5.10
C PRO A 231 -38.98 5.66 -5.20
N ILE A 232 -37.76 5.66 -4.65
CA ILE A 232 -36.89 4.51 -4.68
C ILE A 232 -36.43 4.12 -3.28
N GLY A 233 -36.38 2.82 -3.02
CA GLY A 233 -35.92 2.36 -1.73
C GLY A 233 -34.52 1.81 -1.93
N VAL A 234 -33.62 2.05 -0.98
CA VAL A 234 -32.27 1.52 -1.04
C VAL A 234 -32.09 0.87 0.32
N VAL A 235 -32.02 -0.46 0.31
CA VAL A 235 -31.94 -1.21 1.57
C VAL A 235 -30.86 -2.30 1.62
N THR A 236 -30.49 -2.68 2.83
CA THR A 236 -29.47 -3.70 3.04
C THR A 236 -30.07 -4.98 3.64
N ILE A 237 -29.75 -6.12 3.02
CA ILE A 237 -30.22 -7.43 3.46
C ILE A 237 -29.39 -7.91 4.65
N TYR A 238 -30.02 -8.57 5.61
CA TYR A 238 -29.28 -9.09 6.77
C TYR A 238 -29.91 -10.42 7.20
N PRO A 239 -29.19 -11.24 7.97
CA PRO A 239 -29.76 -12.51 8.40
C PRO A 239 -31.12 -12.43 9.08
N GLY A 240 -32.08 -13.18 8.54
CA GLY A 240 -33.43 -13.21 9.09
C GLY A 240 -34.35 -12.05 8.75
N ILE A 241 -33.94 -11.20 7.81
CA ILE A 241 -34.77 -10.06 7.46
C ILE A 241 -36.18 -10.53 7.12
N SER A 242 -37.14 -9.98 7.86
CA SER A 242 -38.56 -10.31 7.75
C SER A 242 -39.28 -9.93 6.46
N ALA A 243 -40.16 -10.83 6.04
CA ALA A 243 -40.95 -10.60 4.83
C ALA A 243 -41.88 -9.41 5.09
N ASP A 244 -42.26 -9.22 6.35
CA ASP A 244 -43.14 -8.11 6.74
C ASP A 244 -42.46 -6.77 6.51
N VAL A 245 -41.20 -6.70 6.90
CA VAL A 245 -40.40 -5.49 6.76
C VAL A 245 -40.13 -5.21 5.28
N VAL A 246 -39.79 -6.24 4.52
CA VAL A 246 -39.52 -6.08 3.09
C VAL A 246 -40.82 -5.63 2.40
N ARG A 247 -41.96 -6.17 2.84
CA ARG A 247 -43.24 -5.77 2.25
C ARG A 247 -43.44 -4.28 2.44
N ASN A 248 -43.09 -3.76 3.62
CA ASN A 248 -43.22 -2.33 3.89
C ASN A 248 -42.34 -1.50 2.95
N PHE A 249 -41.13 -1.99 2.68
CA PHE A 249 -40.19 -1.29 1.79
C PHE A 249 -40.77 -1.15 0.40
N LEU A 250 -41.60 -2.11 0.02
CA LEU A 250 -42.18 -2.13 -1.32
C LEU A 250 -43.60 -1.54 -1.47
N ARG A 251 -44.11 -0.90 -0.42
CA ARG A 251 -45.44 -0.29 -0.46
C ARG A 251 -45.45 0.93 -1.36
N GLN A 252 -46.62 1.28 -1.90
CA GLN A 252 -46.75 2.48 -2.74
C GLN A 252 -46.21 3.63 -1.91
N PRO A 253 -45.65 4.67 -2.56
CA PRO A 253 -45.46 4.84 -4.00
C PRO A 253 -44.19 4.27 -4.63
N VAL A 254 -43.46 3.43 -3.91
CA VAL A 254 -42.22 2.86 -4.44
C VAL A 254 -42.31 2.30 -5.88
N LYS A 255 -41.36 2.72 -6.73
CA LYS A 255 -41.27 2.28 -8.13
C LYS A 255 -40.08 1.37 -8.34
N ALA A 256 -39.09 1.47 -7.46
CA ALA A 256 -37.89 0.66 -7.57
C ALA A 256 -37.25 0.45 -6.22
N LEU A 257 -36.56 -0.68 -6.07
CA LEU A 257 -35.88 -1.01 -4.82
C LEU A 257 -34.50 -1.53 -5.14
N ILE A 258 -33.50 -0.97 -4.47
CA ILE A 258 -32.12 -1.40 -4.64
C ILE A 258 -31.79 -2.21 -3.39
N LEU A 259 -31.36 -3.45 -3.59
CA LEU A 259 -31.00 -4.35 -2.50
C LEU A 259 -29.49 -4.48 -2.47
N ARG A 260 -28.90 -4.47 -1.28
CA ARG A 260 -27.47 -4.66 -1.13
C ARG A 260 -27.40 -6.01 -0.43
N SER A 261 -27.04 -7.04 -1.19
CA SER A 261 -26.97 -8.40 -0.68
C SER A 261 -25.54 -8.92 -0.42
N TYR A 262 -25.42 -10.13 0.13
CA TYR A 262 -24.10 -10.69 0.46
C TYR A 262 -23.19 -11.10 -0.70
N GLY A 263 -21.90 -10.99 -0.44
CA GLY A 263 -20.89 -11.37 -1.42
C GLY A 263 -21.23 -11.10 -2.88
N VAL A 264 -21.23 -12.14 -3.71
CA VAL A 264 -21.51 -11.96 -5.13
C VAL A 264 -23.00 -11.84 -5.49
N GLY A 265 -23.83 -11.49 -4.51
CA GLY A 265 -25.26 -11.32 -4.77
C GLY A 265 -26.19 -12.33 -4.13
N ASN A 266 -25.74 -12.99 -3.07
CA ASN A 266 -26.56 -13.99 -2.40
C ASN A 266 -27.50 -13.39 -1.35
N ALA A 267 -28.67 -14.01 -1.20
CA ALA A 267 -29.68 -13.56 -0.26
C ALA A 267 -30.42 -14.76 0.32
N PRO A 268 -31.20 -14.55 1.38
CA PRO A 268 -31.92 -15.69 1.95
C PRO A 268 -32.86 -16.24 0.91
N GLN A 269 -33.14 -17.54 0.99
CA GLN A 269 -34.03 -18.14 0.01
C GLN A 269 -35.35 -18.63 0.61
N ASN A 270 -35.70 -18.14 1.80
CA ASN A 270 -36.96 -18.56 2.42
C ASN A 270 -38.05 -17.99 1.51
N LYS A 271 -39.07 -18.80 1.23
CA LYS A 271 -40.12 -18.38 0.31
C LYS A 271 -40.89 -17.08 0.59
N ALA A 272 -41.11 -16.75 1.85
CA ALA A 272 -41.83 -15.52 2.19
C ALA A 272 -41.07 -14.29 1.68
N PHE A 273 -39.75 -14.30 1.86
CA PHE A 273 -38.89 -13.21 1.42
C PHE A 273 -38.91 -13.13 -0.10
N LEU A 274 -38.62 -14.23 -0.77
CA LEU A 274 -38.61 -14.27 -2.22
C LEU A 274 -39.98 -13.93 -2.82
N GLN A 275 -41.05 -14.35 -2.14
CA GLN A 275 -42.40 -14.08 -2.60
C GLN A 275 -42.71 -12.58 -2.59
N GLU A 276 -42.21 -11.86 -1.59
CA GLU A 276 -42.47 -10.42 -1.53
C GLU A 276 -41.79 -9.73 -2.70
N LEU A 277 -40.58 -10.18 -3.04
CA LEU A 277 -39.84 -9.60 -4.15
C LEU A 277 -40.52 -9.95 -5.48
N GLN A 278 -40.98 -11.20 -5.60
CA GLN A 278 -41.64 -11.61 -6.84
C GLN A 278 -42.91 -10.80 -7.07
N GLU A 279 -43.70 -10.62 -6.00
CA GLU A 279 -44.94 -9.87 -6.08
C GLU A 279 -44.70 -8.41 -6.48
N ALA A 280 -43.64 -7.83 -5.94
CA ALA A 280 -43.30 -6.44 -6.28
C ALA A 280 -42.98 -6.32 -7.77
N SER A 281 -42.16 -7.24 -8.26
CA SER A 281 -41.80 -7.23 -9.67
C SER A 281 -43.01 -7.46 -10.55
N ASP A 282 -43.94 -8.29 -10.07
CA ASP A 282 -45.16 -8.58 -10.81
C ASP A 282 -46.07 -7.36 -10.90
N ARG A 283 -45.88 -6.37 -10.04
CA ARG A 283 -46.70 -5.18 -10.17
C ARG A 283 -45.87 -4.01 -10.70
N GLY A 284 -44.78 -4.36 -11.39
CA GLY A 284 -43.93 -3.36 -12.03
C GLY A 284 -42.78 -2.70 -11.28
N ILE A 285 -42.48 -3.15 -10.07
CA ILE A 285 -41.39 -2.54 -9.34
C ILE A 285 -40.07 -3.10 -9.86
N VAL A 286 -39.14 -2.20 -10.15
CA VAL A 286 -37.83 -2.61 -10.65
C VAL A 286 -36.93 -2.89 -9.44
N VAL A 287 -36.59 -4.16 -9.25
CA VAL A 287 -35.73 -4.56 -8.14
C VAL A 287 -34.33 -4.88 -8.66
N VAL A 288 -33.34 -4.15 -8.13
CA VAL A 288 -31.95 -4.28 -8.54
C VAL A 288 -31.04 -4.76 -7.40
N ASN A 289 -30.19 -5.73 -7.71
CA ASN A 289 -29.28 -6.33 -6.74
C ASN A 289 -27.83 -5.80 -6.82
N LEU A 290 -27.32 -5.30 -5.70
CA LEU A 290 -25.95 -4.82 -5.61
C LEU A 290 -25.30 -5.55 -4.45
N THR A 291 -23.98 -5.56 -4.40
CA THR A 291 -23.28 -6.23 -3.32
C THR A 291 -23.08 -5.33 -2.10
N GLN A 292 -22.91 -5.94 -0.94
CA GLN A 292 -22.65 -5.22 0.31
C GLN A 292 -21.14 -5.02 0.42
N CYS A 293 -20.40 -5.70 -0.45
CA CYS A 293 -18.93 -5.60 -0.44
C CYS A 293 -18.51 -4.20 -0.91
N MET A 294 -17.31 -3.77 -0.56
CA MET A 294 -16.81 -2.44 -0.94
C MET A 294 -16.44 -2.35 -2.42
N SER A 295 -16.18 -3.49 -3.04
CA SER A 295 -15.84 -3.55 -4.46
C SER A 295 -16.24 -4.91 -5.00
N GLY A 296 -16.30 -5.02 -6.31
CA GLY A 296 -16.68 -6.29 -6.90
C GLY A 296 -18.05 -6.28 -7.55
N LYS A 297 -18.32 -7.36 -8.30
CA LYS A 297 -19.56 -7.55 -9.03
C LYS A 297 -20.54 -8.54 -8.43
N VAL A 298 -21.83 -8.37 -8.75
CA VAL A 298 -22.80 -9.35 -8.30
C VAL A 298 -22.92 -10.25 -9.53
N ASN A 299 -23.07 -11.55 -9.29
CA ASN A 299 -23.21 -12.52 -10.37
C ASN A 299 -24.50 -13.29 -10.10
N MET A 300 -25.56 -12.94 -10.81
CA MET A 300 -26.87 -13.58 -10.67
C MET A 300 -27.88 -13.10 -11.70
N ASN A 307 -30.11 -17.84 -10.14
CA ASN A 307 -30.36 -18.25 -8.78
C ASN A 307 -31.75 -17.83 -8.26
N ALA A 308 -31.95 -17.92 -6.96
CA ALA A 308 -33.23 -17.58 -6.33
C ALA A 308 -33.73 -16.17 -6.65
N LEU A 309 -32.89 -15.16 -6.44
CA LEU A 309 -33.28 -13.78 -6.69
C LEU A 309 -33.61 -13.57 -8.18
N ALA A 310 -32.80 -14.12 -9.06
CA ALA A 310 -33.02 -13.99 -10.50
C ALA A 310 -34.38 -14.52 -10.89
N HIS A 311 -34.81 -15.60 -10.25
CA HIS A 311 -36.12 -16.20 -10.53
C HIS A 311 -37.26 -15.38 -9.92
N ALA A 312 -36.93 -14.49 -8.99
CA ALA A 312 -37.94 -13.64 -8.35
C ALA A 312 -38.06 -12.29 -9.07
N GLY A 313 -37.43 -12.20 -10.24
CA GLY A 313 -37.50 -10.96 -11.03
C GLY A 313 -36.44 -9.91 -10.76
N VAL A 314 -35.50 -10.22 -9.88
CA VAL A 314 -34.44 -9.29 -9.51
C VAL A 314 -33.36 -9.14 -10.60
N ILE A 315 -33.01 -7.89 -10.90
CA ILE A 315 -32.02 -7.55 -11.92
C ILE A 315 -30.63 -7.36 -11.29
N GLY A 316 -29.60 -7.98 -11.87
CA GLY A 316 -28.26 -7.82 -11.34
C GLY A 316 -27.68 -6.47 -11.70
N GLY A 317 -27.11 -5.77 -10.72
CA GLY A 317 -26.53 -4.45 -11.00
C GLY A 317 -25.03 -4.49 -11.22
N ALA A 318 -24.52 -5.68 -11.53
CA ALA A 318 -23.09 -5.90 -11.76
C ALA A 318 -22.22 -5.24 -10.69
N ASP A 319 -21.31 -4.36 -11.08
CA ASP A 319 -20.45 -3.68 -10.11
C ASP A 319 -20.77 -2.20 -9.94
N MET A 320 -22.01 -1.82 -10.20
CA MET A 320 -22.39 -0.41 -10.06
C MET A 320 -22.34 0.06 -8.61
N THR A 321 -22.00 1.33 -8.42
CA THR A 321 -21.98 1.94 -7.10
C THR A 321 -23.45 2.17 -6.75
N VAL A 322 -23.72 2.45 -5.48
CA VAL A 322 -25.09 2.74 -5.07
C VAL A 322 -25.46 4.04 -5.77
N GLU A 323 -24.51 4.96 -5.81
CA GLU A 323 -24.73 6.26 -6.44
C GLU A 323 -25.17 6.16 -7.91
N ALA A 324 -24.46 5.34 -8.67
CA ALA A 324 -24.78 5.17 -10.09
C ALA A 324 -26.11 4.44 -10.27
N THR A 325 -26.36 3.42 -9.44
CA THR A 325 -27.61 2.68 -9.55
C THR A 325 -28.82 3.56 -9.20
N LEU A 326 -28.70 4.35 -8.12
CA LEU A 326 -29.77 5.24 -7.68
C LEU A 326 -30.07 6.34 -8.71
N THR A 327 -29.02 6.97 -9.25
CA THR A 327 -29.23 8.01 -10.24
C THR A 327 -29.66 7.45 -11.60
N LYS A 328 -29.19 6.26 -11.94
CA LYS A 328 -29.55 5.63 -13.21
C LYS A 328 -31.06 5.35 -13.18
N LEU A 329 -31.55 4.90 -12.03
CA LEU A 329 -32.98 4.63 -11.88
C LEU A 329 -33.79 5.93 -11.99
N HIS A 330 -33.27 7.01 -11.41
CA HIS A 330 -33.95 8.30 -11.49
C HIS A 330 -34.05 8.73 -12.95
N TYR A 331 -32.94 8.55 -13.67
CA TYR A 331 -32.86 8.88 -15.09
C TYR A 331 -33.88 8.09 -15.91
N LEU A 332 -33.82 6.77 -15.81
CA LEU A 332 -34.74 5.91 -16.56
C LEU A 332 -36.22 6.10 -16.20
N LEU A 333 -36.54 6.24 -14.92
CA LEU A 333 -37.93 6.42 -14.51
C LEU A 333 -38.48 7.79 -14.91
N SER A 334 -37.58 8.75 -15.15
CA SER A 334 -37.99 10.10 -15.53
C SER A 334 -38.28 10.28 -17.02
N GLN A 335 -38.03 9.24 -17.81
CA GLN A 335 -38.29 9.30 -19.24
C GLN A 335 -39.60 8.52 -19.46
N GLU A 336 -40.15 8.56 -20.67
CA GLU A 336 -41.39 7.83 -20.95
C GLU A 336 -41.03 6.45 -21.49
N LEU A 337 -40.65 5.56 -20.58
CA LEU A 337 -40.23 4.21 -20.94
C LEU A 337 -41.06 3.09 -20.32
N ASP A 338 -41.25 1.99 -21.05
CA ASP A 338 -41.99 0.86 -20.50
C ASP A 338 -41.06 0.19 -19.50
N THR A 339 -41.61 -0.50 -18.51
CA THR A 339 -40.81 -1.14 -17.48
C THR A 339 -39.82 -2.21 -17.94
N GLU A 340 -40.14 -2.93 -19.02
CA GLU A 340 -39.22 -3.94 -19.52
C GLU A 340 -37.97 -3.25 -20.07
N THR A 341 -38.16 -2.08 -20.68
CA THR A 341 -37.01 -1.36 -21.21
C THR A 341 -36.16 -0.84 -20.06
N ILE A 342 -36.79 -0.34 -19.00
CA ILE A 342 -36.03 0.14 -17.85
C ILE A 342 -35.20 -1.01 -17.25
N ARG A 343 -35.83 -2.17 -17.05
CA ARG A 343 -35.12 -3.33 -16.49
C ARG A 343 -33.92 -3.75 -17.34
N LYS A 344 -34.08 -3.78 -18.66
CA LYS A 344 -32.99 -4.17 -19.55
C LYS A 344 -31.87 -3.14 -19.49
N ALA A 345 -32.24 -1.87 -19.49
CA ALA A 345 -31.27 -0.79 -19.46
C ALA A 345 -30.43 -0.79 -18.18
N MET A 346 -31.05 -1.16 -17.05
CA MET A 346 -30.33 -1.17 -15.78
C MET A 346 -29.12 -2.09 -15.79
N SER A 347 -29.18 -3.19 -16.53
CA SER A 347 -28.06 -4.11 -16.58
C SER A 347 -27.09 -3.80 -17.74
N GLN A 348 -27.41 -2.82 -18.56
CA GLN A 348 -26.54 -2.45 -19.69
C GLN A 348 -25.61 -1.28 -19.33
N ASN A 349 -24.40 -1.28 -19.88
CA ASN A 349 -23.44 -0.21 -19.62
C ASN A 349 -23.79 1.00 -20.49
N LEU A 350 -24.54 1.93 -19.93
CA LEU A 350 -24.99 3.12 -20.66
C LEU A 350 -24.00 4.27 -20.79
N ARG A 351 -23.26 4.53 -19.72
CA ARG A 351 -22.31 5.65 -19.66
C ARG A 351 -20.97 5.28 -19.02
N GLY A 352 -20.64 3.98 -19.02
CA GLY A 352 -19.38 3.53 -18.44
C GLY A 352 -19.46 3.24 -16.95
N GLU A 353 -20.67 3.19 -16.42
CA GLU A 353 -20.91 2.94 -14.99
C GLU A 353 -20.77 1.49 -14.53
N LEU A 354 -20.72 0.56 -15.47
CA LEU A 354 -20.59 -0.84 -15.09
C LEU A 354 -19.74 -1.63 -16.07
N THR A 355 -19.16 -2.70 -15.55
CA THR A 355 -18.30 -3.59 -16.31
C THR A 355 -19.12 -4.75 -16.88
N PRO A 356 -19.29 -4.80 -18.21
CA PRO A 356 -20.07 -5.87 -18.87
C PRO A 356 -19.43 -7.24 -18.62
N ASP A 357 -20.26 -8.28 -18.53
CA ASP A 357 -19.76 -9.63 -18.32
C ASP A 357 -18.88 -10.06 -19.49
N LYS B 23 5.66 38.24 14.38
CA LYS B 23 5.82 37.04 13.49
C LYS B 23 7.10 36.25 13.79
N LYS B 24 7.12 35.01 13.36
CA LYS B 24 8.29 34.16 13.53
C LYS B 24 9.15 34.56 12.34
N SER B 25 10.44 34.25 12.37
CA SER B 25 11.31 34.60 11.25
C SER B 25 12.15 33.37 10.89
N ILE B 26 12.20 33.02 9.61
CA ILE B 26 12.95 31.86 9.14
C ILE B 26 14.06 32.26 8.17
N TYR B 27 15.23 31.63 8.31
CA TYR B 27 16.38 31.92 7.45
C TYR B 27 16.49 30.81 6.39
N VAL B 28 16.50 31.21 5.11
CA VAL B 28 16.57 30.26 4.00
C VAL B 28 17.93 30.30 3.30
N ALA B 29 18.69 29.20 3.41
CA ALA B 29 19.98 29.11 2.73
C ALA B 29 19.68 28.48 1.38
N TYR B 30 19.72 29.28 0.33
CA TYR B 30 19.45 28.78 -1.01
C TYR B 30 20.78 28.39 -1.67
N THR B 31 21.15 27.12 -1.51
CA THR B 31 22.42 26.59 -2.02
C THR B 31 22.44 26.30 -3.51
N GLY B 32 21.27 26.02 -4.08
CA GLY B 32 21.16 25.71 -5.49
C GLY B 32 20.10 24.66 -5.67
N GLY B 33 20.11 24.01 -6.82
CA GLY B 33 19.12 22.97 -7.08
C GLY B 33 18.04 23.40 -8.06
N THR B 34 17.39 22.40 -8.63
CA THR B 34 16.32 22.60 -9.60
C THR B 34 15.22 23.58 -9.12
N ILE B 35 14.91 23.55 -7.84
CA ILE B 35 13.86 24.42 -7.29
C ILE B 35 14.01 25.89 -7.68
N GLY B 36 15.25 26.38 -7.81
CA GLY B 36 15.44 27.77 -8.18
C GLY B 36 15.79 28.06 -9.63
N MET B 37 15.75 27.04 -10.48
CA MET B 37 16.10 27.23 -11.88
C MET B 37 15.00 27.85 -12.74
N GLN B 38 15.37 28.22 -13.97
CA GLN B 38 14.43 28.83 -14.91
C GLN B 38 14.57 28.26 -16.31
N ARG B 39 13.49 28.41 -17.10
CA ARG B 39 13.46 27.91 -18.48
C ARG B 39 14.41 28.62 -19.44
N SER B 40 14.83 27.91 -20.48
CA SER B 40 15.71 28.47 -21.52
C SER B 40 15.62 27.59 -22.77
N GLU B 41 16.34 27.99 -23.80
CA GLU B 41 16.37 27.27 -25.07
C GLU B 41 17.02 25.91 -24.87
N GLN B 42 17.91 25.83 -23.89
CA GLN B 42 18.63 24.59 -23.59
C GLN B 42 18.15 23.92 -22.30
N GLY B 43 16.87 24.09 -21.98
CA GLY B 43 16.31 23.50 -20.77
C GLY B 43 16.43 24.37 -19.54
N TYR B 44 16.27 23.77 -18.36
CA TYR B 44 16.38 24.51 -17.10
C TYR B 44 17.82 24.88 -16.80
N ILE B 45 18.01 26.14 -16.39
CA ILE B 45 19.33 26.66 -16.08
C ILE B 45 19.38 27.47 -14.80
N PRO B 46 20.55 27.50 -14.14
CA PRO B 46 20.61 28.28 -12.90
C PRO B 46 20.64 29.78 -13.25
N VAL B 47 19.86 30.57 -12.53
CA VAL B 47 19.81 32.00 -12.76
C VAL B 47 19.81 32.73 -11.43
N SER B 48 20.86 33.51 -11.19
CA SER B 48 21.00 34.25 -9.96
C SER B 48 19.86 35.25 -9.81
N GLY B 49 19.23 35.26 -8.64
CA GLY B 49 18.13 36.18 -8.37
C GLY B 49 16.75 35.74 -8.84
N HIS B 50 16.67 34.66 -9.60
CA HIS B 50 15.39 34.19 -10.10
C HIS B 50 14.43 33.74 -8.99
N LEU B 51 14.91 32.90 -8.07
CA LEU B 51 14.06 32.43 -6.98
C LEU B 51 13.54 33.58 -6.12
N GLN B 52 14.43 34.52 -5.79
CA GLN B 52 14.04 35.69 -4.98
C GLN B 52 12.96 36.49 -5.68
N ARG B 53 13.17 36.79 -6.96
CA ARG B 53 12.20 37.57 -7.73
C ARG B 53 10.82 36.90 -7.75
N GLN B 54 10.81 35.60 -8.05
CA GLN B 54 9.57 34.83 -8.10
C GLN B 54 8.81 34.81 -6.77
N LEU B 55 9.54 34.63 -5.68
CA LEU B 55 8.93 34.61 -4.36
C LEU B 55 8.31 35.95 -4.00
N ALA B 56 8.94 37.03 -4.45
CA ALA B 56 8.44 38.37 -4.18
C ALA B 56 7.10 38.60 -4.86
N LEU B 57 6.88 37.89 -5.97
CA LEU B 57 5.65 38.02 -6.75
C LEU B 57 4.53 37.04 -6.42
N MET B 58 4.80 36.09 -5.54
CA MET B 58 3.80 35.08 -5.13
C MET B 58 3.19 35.51 -3.79
N PRO B 59 1.98 36.08 -3.82
CA PRO B 59 1.28 36.55 -2.62
C PRO B 59 1.11 35.58 -1.44
N GLU B 60 0.95 34.29 -1.73
CA GLU B 60 0.76 33.32 -0.65
C GLU B 60 1.94 33.26 0.33
N PHE B 61 3.12 33.65 -0.10
CA PHE B 61 4.30 33.63 0.79
C PHE B 61 4.37 34.83 1.73
N HIS B 62 3.53 35.83 1.48
CA HIS B 62 3.55 37.04 2.30
C HIS B 62 2.27 37.27 3.11
N ARG B 63 1.53 36.19 3.32
CA ARG B 63 0.29 36.21 4.07
C ARG B 63 0.55 36.26 5.58
N PRO B 64 -0.41 36.78 6.35
CA PRO B 64 -0.30 36.90 7.81
C PRO B 64 0.05 35.58 8.49
N GLU B 65 -0.42 34.47 7.93
CA GLU B 65 -0.19 33.15 8.51
C GLU B 65 1.23 32.60 8.29
N MET B 66 1.96 33.21 7.36
CA MET B 66 3.32 32.77 7.06
C MET B 66 4.36 33.55 7.86
N PRO B 67 5.54 32.93 8.10
CA PRO B 67 6.57 33.65 8.86
C PRO B 67 7.30 34.63 7.96
N ASP B 68 8.03 35.54 8.56
CA ASP B 68 8.82 36.48 7.78
C ASP B 68 9.98 35.57 7.40
N PHE B 69 10.66 35.84 6.28
CA PHE B 69 11.80 35.00 5.94
C PHE B 69 12.87 35.77 5.17
N THR B 70 14.09 35.26 5.24
CA THR B 70 15.22 35.88 4.57
C THR B 70 15.80 34.82 3.63
N ILE B 71 16.11 35.22 2.40
CA ILE B 71 16.67 34.28 1.44
C ILE B 71 18.13 34.67 1.21
N HIS B 72 19.04 33.73 1.45
CA HIS B 72 20.46 33.96 1.23
C HIS B 72 20.86 33.07 0.06
N GLU B 73 21.12 33.70 -1.08
CA GLU B 73 21.51 32.96 -2.29
C GLU B 73 23.00 32.73 -2.25
N TYR B 74 23.41 31.48 -2.45
CA TYR B 74 24.83 31.14 -2.45
C TYR B 74 25.44 31.48 -3.81
N THR B 75 26.72 31.83 -3.80
CA THR B 75 27.43 32.15 -5.04
C THR B 75 28.77 31.43 -4.97
N PRO B 76 29.01 30.51 -5.91
CA PRO B 76 28.09 30.13 -6.99
C PRO B 76 26.96 29.22 -6.51
N LEU B 77 25.91 29.10 -7.32
CA LEU B 77 24.80 28.23 -7.00
C LEU B 77 25.35 26.86 -7.33
N MET B 78 25.07 25.90 -6.46
CA MET B 78 25.58 24.55 -6.63
C MET B 78 24.63 23.47 -7.16
N ASP B 79 25.17 22.64 -8.04
CA ASP B 79 24.43 21.50 -8.57
C ASP B 79 24.80 20.53 -7.47
N SER B 80 23.82 19.91 -6.82
CA SER B 80 24.13 19.02 -5.70
C SER B 80 25.06 17.83 -6.01
N SER B 81 25.17 17.44 -7.27
CA SER B 81 26.06 16.34 -7.60
C SER B 81 27.52 16.79 -7.58
N ASP B 82 27.75 18.10 -7.56
CA ASP B 82 29.10 18.68 -7.53
C ASP B 82 29.55 18.99 -6.11
N MET B 83 28.66 18.80 -5.14
CA MET B 83 29.00 19.10 -3.77
C MET B 83 30.05 18.24 -3.08
N THR B 84 30.74 18.86 -2.11
CA THR B 84 31.77 18.19 -1.32
C THR B 84 31.56 18.57 0.14
N PRO B 85 32.29 17.92 1.05
CA PRO B 85 32.14 18.24 2.47
C PRO B 85 32.44 19.71 2.77
N GLU B 86 33.18 20.37 1.88
CA GLU B 86 33.50 21.78 2.07
C GLU B 86 32.22 22.60 1.99
N ASP B 87 31.30 22.13 1.15
CA ASP B 87 30.02 22.80 0.99
C ASP B 87 29.16 22.55 2.23
N TRP B 88 29.31 21.37 2.84
CA TRP B 88 28.55 21.07 4.07
C TRP B 88 29.05 22.04 5.14
N GLN B 89 30.36 22.26 5.17
CA GLN B 89 30.98 23.18 6.14
C GLN B 89 30.46 24.60 5.94
N HIS B 90 30.36 25.03 4.69
CA HIS B 90 29.86 26.37 4.40
C HIS B 90 28.42 26.56 4.89
N ILE B 91 27.58 25.54 4.70
CA ILE B 91 26.19 25.63 5.14
C ILE B 91 26.13 25.73 6.67
N ALA B 92 26.91 24.89 7.36
CA ALA B 92 26.95 24.88 8.82
C ALA B 92 27.41 26.24 9.37
N GLU B 93 28.39 26.85 8.70
CA GLU B 93 28.91 28.17 9.10
C GLU B 93 27.84 29.23 8.93
N ASP B 94 27.02 29.07 7.89
CA ASP B 94 25.94 30.02 7.59
C ASP B 94 24.88 29.92 8.71
N ILE B 95 24.49 28.70 9.06
CA ILE B 95 23.51 28.49 10.12
C ILE B 95 24.07 29.02 11.43
N LYS B 96 25.33 28.72 11.72
CA LYS B 96 25.96 29.18 12.96
C LYS B 96 25.92 30.71 13.09
N ALA B 97 26.32 31.40 12.03
CA ALA B 97 26.37 32.86 12.06
C ALA B 97 25.01 33.55 12.29
N HIS B 98 23.94 32.94 11.79
CA HIS B 98 22.61 33.53 11.91
C HIS B 98 21.69 32.84 12.91
N TYR B 99 22.21 31.83 13.60
CA TYR B 99 21.42 31.05 14.55
C TYR B 99 20.54 31.81 15.55
N ASP B 100 21.11 32.80 16.24
CA ASP B 100 20.36 33.55 17.25
C ASP B 100 19.38 34.58 16.69
N ASP B 101 19.43 34.84 15.40
CA ASP B 101 18.55 35.84 14.79
C ASP B 101 17.27 35.31 14.15
N TYR B 102 17.14 34.00 14.06
CA TYR B 102 15.97 33.40 13.44
C TYR B 102 15.35 32.30 14.29
N ASP B 103 14.11 31.95 13.99
CA ASP B 103 13.44 30.91 14.76
C ASP B 103 13.58 29.53 14.15
N GLY B 104 14.16 29.48 12.96
CA GLY B 104 14.33 28.20 12.28
C GLY B 104 15.04 28.42 10.96
N PHE B 105 15.44 27.32 10.35
CA PHE B 105 16.17 27.37 9.09
C PHE B 105 15.66 26.40 8.02
N VAL B 106 15.75 26.83 6.76
CA VAL B 106 15.36 26.01 5.61
C VAL B 106 16.54 26.03 4.65
N ILE B 107 17.02 24.85 4.28
CA ILE B 107 18.14 24.75 3.35
C ILE B 107 17.58 24.28 1.99
N LEU B 108 17.63 25.13 0.97
CA LEU B 108 17.13 24.71 -0.36
C LEU B 108 18.33 24.04 -1.02
N HIS B 109 18.10 22.86 -1.60
CA HIS B 109 19.15 22.01 -2.12
C HIS B 109 18.71 21.19 -3.35
N GLY B 110 19.69 20.69 -4.12
CA GLY B 110 19.36 19.85 -5.26
C GLY B 110 19.06 18.50 -4.65
N THR B 111 18.18 17.71 -5.27
CA THR B 111 17.83 16.41 -4.70
C THR B 111 18.90 15.30 -4.73
N ASP B 112 19.73 15.25 -5.76
CA ASP B 112 20.74 14.20 -5.87
C ASP B 112 21.51 13.86 -4.59
N THR B 113 22.05 14.84 -3.88
CA THR B 113 22.81 14.55 -2.65
C THR B 113 22.22 15.22 -1.41
N MET B 114 20.95 15.58 -1.48
CA MET B 114 20.25 16.22 -0.38
C MET B 114 20.31 15.43 0.93
N ALA B 115 20.19 14.11 0.83
CA ALA B 115 20.23 13.24 2.00
C ALA B 115 21.63 13.22 2.65
N TYR B 116 22.67 13.36 1.84
CA TYR B 116 24.03 13.38 2.38
C TYR B 116 24.20 14.68 3.17
N THR B 117 23.78 15.79 2.60
CA THR B 117 23.91 17.07 3.30
C THR B 117 23.11 17.08 4.61
N ALA B 118 21.87 16.60 4.56
CA ALA B 118 21.04 16.56 5.78
C ALA B 118 21.70 15.67 6.84
N SER B 119 22.24 14.52 6.43
CA SER B 119 22.90 13.62 7.38
C SER B 119 24.15 14.28 8.00
N ALA B 120 24.95 14.94 7.16
CA ALA B 120 26.17 15.60 7.65
C ALA B 120 25.85 16.69 8.67
N LEU B 121 24.89 17.54 8.36
CA LEU B 121 24.53 18.62 9.28
C LEU B 121 24.03 18.11 10.62
N SER B 122 23.36 16.95 10.62
CA SER B 122 22.85 16.41 11.89
C SER B 122 24.00 16.11 12.85
N PHE B 123 25.14 15.67 12.33
CA PHE B 123 26.28 15.38 13.19
C PHE B 123 27.05 16.65 13.57
N MET B 124 27.23 17.54 12.59
CA MET B 124 27.95 18.79 12.82
C MET B 124 27.28 19.71 13.83
N LEU B 125 25.96 19.66 13.89
CA LEU B 125 25.23 20.50 14.83
C LEU B 125 24.92 19.65 16.06
N GLU B 126 25.34 20.13 17.23
CA GLU B 126 25.08 19.41 18.47
C GLU B 126 24.26 20.34 19.37
N ASN B 127 23.32 19.77 20.11
CA ASN B 127 22.42 20.53 20.98
C ASN B 127 21.63 21.53 20.15
N LEU B 128 21.13 21.08 18.99
CA LEU B 128 20.35 21.95 18.12
C LEU B 128 19.02 22.26 18.82
N GLY B 129 18.68 23.55 18.92
CA GLY B 129 17.45 23.94 19.58
C GLY B 129 16.41 24.63 18.70
N LYS B 130 16.61 24.57 17.39
CA LYS B 130 15.69 25.16 16.41
C LYS B 130 15.64 24.25 15.18
N PRO B 131 14.53 24.29 14.43
CA PRO B 131 14.46 23.42 13.24
C PRO B 131 15.38 23.82 12.09
N VAL B 132 15.91 22.82 11.39
CA VAL B 132 16.74 23.02 10.21
C VAL B 132 16.15 22.02 9.23
N ILE B 133 15.42 22.52 8.25
CA ILE B 133 14.75 21.68 7.27
C ILE B 133 15.38 21.76 5.87
N VAL B 134 15.87 20.63 5.37
CA VAL B 134 16.48 20.57 4.04
C VAL B 134 15.39 20.14 3.06
N THR B 135 15.23 20.86 1.96
CA THR B 135 14.23 20.48 0.97
C THR B 135 14.62 20.99 -0.42
N GLY B 136 13.81 20.64 -1.40
CA GLY B 136 14.07 21.04 -2.78
C GLY B 136 12.89 20.56 -3.59
N SER B 137 13.08 20.36 -4.89
CA SER B 137 11.97 19.89 -5.72
C SER B 137 12.47 19.34 -7.05
N GLN B 138 11.59 18.64 -7.75
CA GLN B 138 11.99 18.11 -9.04
C GLN B 138 11.60 19.10 -10.14
N ILE B 139 10.67 20.00 -9.82
CA ILE B 139 10.22 21.02 -10.77
C ILE B 139 10.51 22.42 -10.20
N PRO B 140 11.08 23.32 -11.03
CA PRO B 140 11.41 24.69 -10.58
C PRO B 140 10.18 25.36 -9.98
N LEU B 141 10.39 26.15 -8.93
CA LEU B 141 9.31 26.85 -8.24
C LEU B 141 8.42 27.73 -9.14
N ALA B 142 9.01 28.31 -10.19
CA ALA B 142 8.26 29.20 -11.09
C ALA B 142 7.27 28.52 -12.03
N GLU B 143 7.40 27.21 -12.21
CA GLU B 143 6.50 26.49 -13.10
C GLU B 143 5.10 26.31 -12.53
N LEU B 144 4.12 26.12 -13.42
CA LEU B 144 2.75 25.91 -13.01
C LEU B 144 2.75 24.50 -12.41
N ARG B 145 2.05 24.33 -11.30
CA ARG B 145 1.94 23.03 -10.62
C ARG B 145 3.26 22.51 -10.02
N SER B 146 4.18 23.41 -9.68
CA SER B 146 5.46 23.01 -9.13
C SER B 146 5.47 22.43 -7.71
N ASP B 147 6.24 21.37 -7.48
CA ASP B 147 6.32 20.82 -6.14
C ASP B 147 7.23 21.76 -5.35
N GLY B 148 7.94 22.63 -6.07
CA GLY B 148 8.83 23.58 -5.41
C GLY B 148 8.05 24.57 -4.58
N GLN B 149 6.94 25.07 -5.12
CA GLN B 149 6.10 26.02 -4.41
C GLN B 149 5.56 25.36 -3.14
N ILE B 150 5.10 24.11 -3.27
CA ILE B 150 4.55 23.36 -2.13
C ILE B 150 5.59 23.04 -1.06
N ASN B 151 6.77 22.58 -1.47
CA ASN B 151 7.82 22.24 -0.52
C ASN B 151 8.39 23.44 0.25
N LEU B 152 8.54 24.58 -0.41
CA LEU B 152 9.08 25.76 0.29
C LEU B 152 8.01 26.35 1.22
N LEU B 153 6.77 26.44 0.75
CA LEU B 153 5.70 27.00 1.58
C LEU B 153 5.56 26.14 2.85
N ASN B 154 5.51 24.82 2.68
CA ASN B 154 5.38 23.94 3.84
C ASN B 154 6.60 23.96 4.76
N ALA B 155 7.80 24.00 4.20
CA ALA B 155 9.01 24.02 5.02
C ALA B 155 9.05 25.27 5.89
N LEU B 156 8.69 26.41 5.31
CA LEU B 156 8.68 27.67 6.04
C LEU B 156 7.64 27.61 7.16
N TYR B 157 6.43 27.17 6.81
CA TYR B 157 5.36 27.09 7.78
C TYR B 157 5.64 26.10 8.91
N VAL B 158 6.20 24.94 8.55
CA VAL B 158 6.50 23.93 9.55
C VAL B 158 7.67 24.35 10.47
N ALA B 159 8.70 24.96 9.89
CA ALA B 159 9.85 25.42 10.67
C ALA B 159 9.39 26.45 11.72
N ALA B 160 8.39 27.24 11.36
CA ALA B 160 7.88 28.28 12.26
C ALA B 160 6.83 27.84 13.27
N ASN B 161 5.99 26.89 12.88
CA ASN B 161 4.89 26.43 13.74
C ASN B 161 4.93 25.04 14.39
N TYR B 162 5.57 24.09 13.74
CA TYR B 162 5.67 22.74 14.29
C TYR B 162 7.16 22.50 14.41
N PRO B 163 7.84 23.29 15.25
CA PRO B 163 9.27 23.11 15.41
C PRO B 163 9.74 21.79 16.04
N ILE B 164 10.59 21.10 15.30
CA ILE B 164 11.21 19.86 15.71
C ILE B 164 12.69 20.23 15.62
N ASN B 165 13.36 20.21 16.77
CA ASN B 165 14.75 20.59 16.86
C ASN B 165 15.78 19.58 16.37
N GLU B 166 15.69 19.25 15.08
CA GLU B 166 16.58 18.30 14.43
C GLU B 166 16.78 18.74 12.99
N VAL B 167 17.78 18.17 12.34
CA VAL B 167 18.00 18.48 10.93
C VAL B 167 17.08 17.48 10.26
N THR B 168 16.08 17.98 9.56
CA THR B 168 15.11 17.13 8.89
C THR B 168 15.14 17.31 7.37
N LEU B 169 14.47 16.42 6.65
CA LEU B 169 14.40 16.50 5.18
C LEU B 169 12.91 16.42 4.83
N PHE B 170 12.45 17.39 4.06
CA PHE B 170 11.05 17.43 3.66
C PHE B 170 10.87 17.14 2.17
N PHE B 171 10.05 16.13 1.87
CA PHE B 171 9.78 15.76 0.49
C PHE B 171 8.58 14.82 0.47
N ASN B 172 7.85 14.83 -0.64
CA ASN B 172 6.66 13.98 -0.77
C ASN B 172 5.69 14.19 0.42
N ASN B 173 5.56 15.44 0.87
CA ASN B 173 4.67 15.84 1.98
C ASN B 173 4.98 15.23 3.34
N ARG B 174 6.19 14.71 3.51
CA ARG B 174 6.60 14.12 4.78
C ARG B 174 7.89 14.78 5.28
N LEU B 175 8.00 14.90 6.60
CA LEU B 175 9.21 15.48 7.19
C LEU B 175 9.92 14.32 7.87
N TYR B 176 11.08 13.96 7.32
CA TYR B 176 11.88 12.85 7.82
C TYR B 176 13.06 13.30 8.66
N ARG B 177 13.56 12.40 9.51
CA ARG B 177 14.76 12.72 10.29
C ARG B 177 15.84 12.69 9.20
N GLY B 178 16.57 13.78 9.05
CA GLY B 178 17.60 13.86 8.02
C GLY B 178 18.58 12.70 7.88
N ASN B 179 19.18 12.27 8.98
CA ASN B 179 20.14 11.18 8.94
C ASN B 179 19.53 9.78 8.84
N ARG B 180 18.25 9.70 8.47
CA ARG B 180 17.57 8.41 8.29
C ARG B 180 17.10 8.30 6.84
N THR B 181 17.38 9.33 6.05
CA THR B 181 16.93 9.37 4.65
C THR B 181 17.90 8.96 3.53
N THR B 182 17.31 8.61 2.39
CA THR B 182 18.06 8.26 1.19
C THR B 182 17.16 8.56 -0.02
N LYS B 183 17.74 8.97 -1.14
CA LYS B 183 16.94 9.25 -2.32
C LYS B 183 16.62 7.89 -2.90
N ALA B 184 15.35 7.50 -2.80
CA ALA B 184 14.90 6.18 -3.26
C ALA B 184 14.58 6.05 -4.76
N HIS B 185 14.26 7.16 -5.43
CA HIS B 185 13.95 7.12 -6.86
C HIS B 185 14.28 8.46 -7.50
N ALA B 186 14.61 8.44 -8.79
CA ALA B 186 14.95 9.66 -9.52
C ALA B 186 14.53 9.62 -11.00
N ASP B 187 14.37 8.43 -11.55
CA ASP B 187 14.01 8.22 -12.95
C ASP B 187 12.51 8.50 -13.23
N GLY B 188 12.22 9.68 -13.77
CA GLY B 188 10.85 10.04 -14.07
C GLY B 188 10.24 10.87 -12.95
N PHE B 189 10.58 10.50 -11.71
CA PHE B 189 10.10 11.22 -10.53
C PHE B 189 11.08 11.05 -9.37
N ASP B 190 11.14 12.05 -8.49
CA ASP B 190 12.04 12.01 -7.34
C ASP B 190 11.26 11.56 -6.12
N ALA B 191 11.89 10.74 -5.28
CA ALA B 191 11.27 10.27 -4.05
C ALA B 191 12.34 9.95 -3.03
N PHE B 192 12.05 10.24 -1.78
CA PHE B 192 12.99 9.96 -0.69
C PHE B 192 12.31 8.98 0.25
N ALA B 193 13.12 8.19 0.95
CA ALA B 193 12.62 7.22 1.89
C ALA B 193 13.43 7.29 3.17
N SER B 194 12.81 6.81 4.25
CA SER B 194 13.44 6.73 5.58
C SER B 194 13.09 5.28 5.90
N PRO B 195 13.81 4.33 5.29
CA PRO B 195 13.56 2.89 5.48
C PRO B 195 13.47 2.32 6.90
N ASN B 196 14.22 2.89 7.84
CA ASN B 196 14.24 2.37 9.19
C ASN B 196 13.62 3.23 10.29
N LEU B 197 12.88 4.27 9.92
CA LEU B 197 12.21 5.14 10.88
C LEU B 197 11.03 5.87 10.23
N PRO B 198 9.91 5.96 10.96
CA PRO B 198 8.73 6.64 10.42
C PRO B 198 9.06 8.13 10.31
N PRO B 199 8.23 8.89 9.59
CA PRO B 199 8.49 10.33 9.46
C PRO B 199 8.31 10.98 10.83
N LEU B 200 8.80 12.20 11.00
CA LEU B 200 8.63 12.89 12.27
C LEU B 200 7.33 13.69 12.19
N LEU B 201 6.92 14.03 10.97
CA LEU B 201 5.70 14.80 10.74
C LEU B 201 5.15 14.59 9.33
N GLU B 202 3.83 14.68 9.17
CA GLU B 202 3.20 14.52 7.86
C GLU B 202 2.46 15.81 7.54
N ALA B 203 2.58 16.26 6.30
CA ALA B 203 1.95 17.50 5.87
C ALA B 203 0.81 17.31 4.87
N GLY B 204 -0.30 16.74 5.34
CA GLY B 204 -1.45 16.55 4.47
C GLY B 204 -2.37 17.73 4.69
N ILE B 205 -3.67 17.52 4.52
CA ILE B 205 -4.65 18.58 4.72
C ILE B 205 -4.38 19.22 6.07
N HIS B 206 -4.21 18.38 7.08
CA HIS B 206 -3.89 18.86 8.43
C HIS B 206 -2.50 18.34 8.76
N ILE B 207 -1.62 19.24 9.18
CA ILE B 207 -0.27 18.86 9.54
C ILE B 207 -0.34 18.09 10.84
N ARG B 208 0.33 16.94 10.87
CA ARG B 208 0.32 16.07 12.03
C ARG B 208 1.73 15.70 12.48
N ARG B 209 2.07 16.01 13.73
CA ARG B 209 3.39 15.63 14.21
C ARG B 209 3.20 14.19 14.68
N LEU B 210 4.12 13.31 14.29
CA LEU B 210 3.99 11.90 14.68
C LEU B 210 4.65 11.59 16.02
N ASN B 211 4.29 10.46 16.62
CA ASN B 211 4.83 10.06 17.92
C ASN B 211 6.24 9.50 17.89
N THR B 212 6.91 9.67 16.77
CA THR B 212 8.28 9.18 16.60
C THR B 212 9.17 9.85 17.67
N PRO B 213 9.82 9.03 18.51
CA PRO B 213 10.68 9.56 19.57
C PRO B 213 11.77 10.52 19.09
N PRO B 214 11.90 11.68 19.75
CA PRO B 214 12.91 12.65 19.36
C PRO B 214 14.33 12.14 19.52
N ALA B 215 15.24 12.70 18.72
CA ALA B 215 16.64 12.31 18.74
C ALA B 215 17.32 12.64 20.06
N PRO B 216 18.37 11.89 20.43
CA PRO B 216 19.03 12.20 21.69
C PRO B 216 19.69 13.57 21.57
N HIS B 217 19.73 14.33 22.66
CA HIS B 217 20.35 15.65 22.65
C HIS B 217 20.85 16.05 24.03
N GLY B 218 21.78 17.01 24.06
CA GLY B 218 22.33 17.49 25.31
C GLY B 218 21.48 18.66 25.76
N GLU B 219 21.87 19.35 26.81
CA GLU B 219 21.07 20.49 27.26
C GLU B 219 21.79 21.85 27.15
N GLY B 220 23.05 21.82 26.72
CA GLY B 220 23.79 23.07 26.60
C GLY B 220 23.46 23.92 25.38
N GLU B 221 24.33 24.87 25.07
CA GLU B 221 24.15 25.76 23.93
C GLU B 221 24.54 25.00 22.66
N LEU B 222 24.12 25.51 21.51
CA LEU B 222 24.44 24.89 20.23
C LEU B 222 25.95 24.79 20.04
N ILE B 223 26.43 23.63 19.60
CA ILE B 223 27.85 23.45 19.32
C ILE B 223 27.93 23.04 17.85
N VAL B 224 28.75 23.76 17.09
CA VAL B 224 28.91 23.45 15.68
C VAL B 224 30.32 22.91 15.44
N HIS B 225 30.38 21.68 14.93
CA HIS B 225 31.65 21.00 14.66
C HIS B 225 32.06 21.16 13.20
N PRO B 226 33.36 21.21 12.93
CA PRO B 226 33.86 21.35 11.57
C PRO B 226 33.86 20.00 10.85
N ILE B 227 33.95 20.04 9.53
CA ILE B 227 33.99 18.82 8.73
C ILE B 227 34.85 19.09 7.50
N THR B 228 35.64 18.10 7.10
CA THR B 228 36.51 18.21 5.92
C THR B 228 36.40 16.91 5.14
N PRO B 229 36.78 16.92 3.85
CA PRO B 229 36.69 15.68 3.08
C PRO B 229 37.58 14.64 3.74
N GLN B 230 37.19 13.37 3.68
CA GLN B 230 37.96 12.28 4.28
C GLN B 230 38.06 11.11 3.30
N PRO B 231 39.21 10.43 3.26
CA PRO B 231 39.42 9.28 2.37
C PRO B 231 38.70 8.04 2.88
N ILE B 232 37.48 7.85 2.39
CA ILE B 232 36.66 6.72 2.83
C ILE B 232 36.24 5.84 1.65
N GLY B 233 36.27 4.53 1.87
CA GLY B 233 35.86 3.61 0.83
C GLY B 233 34.49 3.05 1.18
N VAL B 234 33.61 2.93 0.20
CA VAL B 234 32.28 2.37 0.40
C VAL B 234 32.16 1.30 -0.67
N VAL B 235 32.17 0.04 -0.23
CA VAL B 235 32.14 -1.08 -1.16
C VAL B 235 31.10 -2.16 -0.84
N THR B 236 30.77 -2.96 -1.85
CA THR B 236 29.79 -4.03 -1.69
C THR B 236 30.46 -5.41 -1.81
N ILE B 237 30.15 -6.28 -0.85
CA ILE B 237 30.68 -7.65 -0.80
C ILE B 237 29.85 -8.51 -1.77
N TYR B 238 30.50 -9.44 -2.47
CA TYR B 238 29.80 -10.34 -3.38
C TYR B 238 30.52 -11.69 -3.38
N PRO B 239 29.82 -12.76 -3.79
CA PRO B 239 30.43 -14.10 -3.81
C PRO B 239 31.81 -14.19 -4.47
N GLY B 240 32.78 -14.69 -3.70
CA GLY B 240 34.12 -14.84 -4.21
C GLY B 240 35.00 -13.62 -4.23
N ILE B 241 34.53 -12.50 -3.70
CA ILE B 241 35.34 -11.28 -3.72
C ILE B 241 36.74 -11.60 -3.19
N SER B 242 37.73 -11.24 -4.00
CA SER B 242 39.14 -11.49 -3.75
C SER B 242 39.83 -10.65 -2.68
N ALA B 243 40.75 -11.28 -1.95
CA ALA B 243 41.50 -10.59 -0.92
C ALA B 243 42.34 -9.52 -1.61
N ASP B 244 42.80 -9.80 -2.83
CA ASP B 244 43.62 -8.86 -3.61
C ASP B 244 42.85 -7.56 -3.89
N VAL B 245 41.58 -7.72 -4.26
CA VAL B 245 40.74 -6.56 -4.56
C VAL B 245 40.43 -5.80 -3.27
N VAL B 246 40.15 -6.52 -2.19
CA VAL B 246 39.87 -5.88 -0.91
C VAL B 246 41.12 -5.16 -0.40
N ARG B 247 42.29 -5.76 -0.61
CA ARG B 247 43.54 -5.14 -0.17
C ARG B 247 43.66 -3.78 -0.85
N ASN B 248 43.29 -3.70 -2.13
CA ASN B 248 43.36 -2.43 -2.86
C ASN B 248 42.41 -1.39 -2.24
N PHE B 249 41.24 -1.84 -1.79
CA PHE B 249 40.26 -0.95 -1.19
C PHE B 249 40.80 -0.31 0.09
N LEU B 250 41.74 -0.99 0.74
CA LEU B 250 42.30 -0.53 2.01
C LEU B 250 43.69 0.17 1.97
N ARG B 251 44.20 0.46 0.77
CA ARG B 251 45.50 1.12 0.64
C ARG B 251 45.41 2.59 1.00
N GLN B 252 46.53 3.19 1.37
CA GLN B 252 46.56 4.61 1.68
C GLN B 252 45.98 5.31 0.46
N PRO B 253 45.32 6.47 0.65
CA PRO B 253 45.05 7.18 1.90
C PRO B 253 43.84 6.78 2.74
N VAL B 254 43.18 5.68 2.38
CA VAL B 254 41.98 5.26 3.11
C VAL B 254 42.09 5.21 4.65
N LYS B 255 41.16 5.91 5.31
CA LYS B 255 41.11 5.97 6.77
C LYS B 255 39.96 5.13 7.33
N ALA B 256 39.00 4.82 6.47
CA ALA B 256 37.84 4.03 6.88
C ALA B 256 37.20 3.33 5.69
N LEU B 257 36.60 2.17 5.93
CA LEU B 257 35.94 1.42 4.87
C LEU B 257 34.55 1.00 5.30
N ILE B 258 33.56 1.27 4.44
CA ILE B 258 32.20 0.87 4.75
C ILE B 258 31.95 -0.34 3.87
N LEU B 259 31.58 -1.46 4.50
CA LEU B 259 31.30 -2.70 3.78
C LEU B 259 29.79 -2.91 3.76
N ARG B 260 29.23 -3.29 2.62
CA ARG B 260 27.82 -3.57 2.53
C ARG B 260 27.80 -5.08 2.35
N SER B 261 27.42 -5.78 3.41
CA SER B 261 27.40 -7.24 3.43
C SER B 261 25.99 -7.88 3.31
N TYR B 262 25.94 -9.20 3.29
CA TYR B 262 24.66 -9.90 3.14
C TYR B 262 23.75 -9.93 4.36
N GLY B 263 22.45 -9.87 4.10
CA GLY B 263 21.46 -9.93 5.15
C GLY B 263 21.79 -9.22 6.47
N VAL B 264 21.84 -9.97 7.57
CA VAL B 264 22.11 -9.35 8.86
C VAL B 264 23.59 -9.01 9.08
N GLY B 265 24.36 -8.98 7.99
CA GLY B 265 25.76 -8.64 8.09
C GLY B 265 26.74 -9.78 7.90
N ASN B 266 26.33 -10.80 7.15
CA ASN B 266 27.20 -11.94 6.91
C ASN B 266 28.12 -11.67 5.71
N ALA B 267 29.27 -12.32 5.72
CA ALA B 267 30.26 -12.16 4.65
C ALA B 267 31.11 -13.43 4.54
N PRO B 268 31.92 -13.53 3.48
CA PRO B 268 32.77 -14.71 3.30
C PRO B 268 33.67 -14.94 4.49
N GLN B 269 33.97 -16.20 4.77
CA GLN B 269 34.81 -16.53 5.91
C GLN B 269 36.21 -17.00 5.54
N ASN B 270 36.58 -16.89 4.28
CA ASN B 270 37.90 -17.34 3.87
C ASN B 270 39.00 -16.52 4.55
N LYS B 271 40.04 -17.23 4.98
CA LYS B 271 41.15 -16.64 5.69
C LYS B 271 41.81 -15.41 5.08
N ALA B 272 42.06 -15.45 3.77
CA ALA B 272 42.69 -14.32 3.09
C ALA B 272 41.87 -13.03 3.19
N PHE B 273 40.57 -13.14 2.95
CA PHE B 273 39.68 -11.98 3.01
C PHE B 273 39.66 -11.38 4.42
N LEU B 274 39.43 -12.21 5.43
CA LEU B 274 39.38 -11.75 6.81
C LEU B 274 40.72 -11.15 7.26
N GLN B 275 41.81 -11.74 6.76
CA GLN B 275 43.16 -11.27 7.08
C GLN B 275 43.36 -9.84 6.59
N GLU B 276 42.88 -9.53 5.40
CA GLU B 276 43.04 -8.17 4.87
C GLU B 276 42.31 -7.16 5.74
N LEU B 277 41.13 -7.52 6.24
CA LEU B 277 40.36 -6.63 7.10
C LEU B 277 41.05 -6.46 8.44
N GLN B 278 41.61 -7.56 8.96
CA GLN B 278 42.31 -7.53 10.24
C GLN B 278 43.55 -6.63 10.16
N GLU B 279 44.28 -6.76 9.06
CA GLU B 279 45.49 -5.97 8.83
C GLU B 279 45.15 -4.49 8.76
N ALA B 280 44.02 -4.19 8.12
CA ALA B 280 43.57 -2.80 7.99
C ALA B 280 43.26 -2.22 9.37
N SER B 281 42.55 -2.97 10.21
CA SER B 281 42.23 -2.48 11.54
C SER B 281 43.51 -2.32 12.38
N ASP B 282 44.51 -3.15 12.12
CA ASP B 282 45.78 -3.06 12.84
C ASP B 282 46.51 -1.75 12.45
N ARG B 283 46.26 -1.27 11.23
CA ARG B 283 46.86 -0.04 10.74
C ARG B 283 46.08 1.19 11.21
N GLY B 284 44.94 0.96 11.86
CA GLY B 284 44.15 2.07 12.36
C GLY B 284 42.93 2.42 11.51
N ILE B 285 42.67 1.63 10.48
CA ILE B 285 41.52 1.87 9.61
C ILE B 285 40.24 1.42 10.29
N VAL B 286 39.21 2.27 10.23
CA VAL B 286 37.93 1.97 10.85
C VAL B 286 37.07 1.26 9.80
N VAL B 287 36.73 -0.01 10.03
CA VAL B 287 35.91 -0.76 9.10
C VAL B 287 34.51 -0.96 9.70
N VAL B 288 33.49 -0.49 8.98
CA VAL B 288 32.11 -0.56 9.42
C VAL B 288 31.24 -1.43 8.51
N ASN B 289 30.42 -2.28 9.13
CA ASN B 289 29.55 -3.21 8.40
C ASN B 289 28.07 -2.76 8.32
N LEU B 290 27.55 -2.64 7.09
CA LEU B 290 26.15 -2.28 6.85
C LEU B 290 25.56 -3.40 6.01
N THR B 291 24.24 -3.44 5.92
CA THR B 291 23.58 -4.47 5.12
C THR B 291 23.32 -4.02 3.69
N GLN B 292 23.20 -4.99 2.78
CA GLN B 292 22.90 -4.71 1.38
C GLN B 292 21.40 -4.61 1.25
N CYS B 293 20.69 -5.08 2.28
CA CYS B 293 19.23 -5.01 2.27
C CYS B 293 18.75 -3.56 2.26
N MET B 294 17.50 -3.35 1.84
CA MET B 294 16.92 -2.01 1.76
C MET B 294 16.56 -1.43 3.12
N SER B 295 16.33 -2.32 4.10
CA SER B 295 15.99 -1.91 5.45
C SER B 295 16.42 -3.02 6.42
N GLY B 296 16.44 -2.69 7.71
CA GLY B 296 16.84 -3.67 8.71
C GLY B 296 18.21 -3.40 9.30
N LYS B 297 18.51 -4.11 10.38
CA LYS B 297 19.79 -3.98 11.10
C LYS B 297 20.82 -5.06 10.83
N VAL B 298 22.08 -4.70 11.05
CA VAL B 298 23.18 -5.62 10.92
C VAL B 298 23.32 -6.09 12.35
N ASN B 299 23.57 -7.37 12.57
CA ASN B 299 23.73 -7.92 13.91
C ASN B 299 25.06 -8.68 13.88
N MET B 300 26.06 -8.16 14.59
CA MET B 300 27.39 -8.77 14.62
C MET B 300 27.53 -10.01 15.52
N ASN B 307 30.09 -12.25 13.21
CA ASN B 307 30.92 -12.92 14.20
C ASN B 307 32.36 -13.06 13.70
N ALA B 308 32.52 -13.51 12.47
CA ALA B 308 33.85 -13.67 11.88
C ALA B 308 34.41 -12.28 11.62
N LEU B 309 33.54 -11.38 11.13
CA LEU B 309 33.94 -10.00 10.86
C LEU B 309 34.29 -9.28 12.15
N ALA B 310 33.51 -9.54 13.20
CA ALA B 310 33.76 -8.93 14.50
C ALA B 310 35.16 -9.26 15.01
N HIS B 311 35.58 -10.51 14.80
CA HIS B 311 36.90 -10.95 15.23
C HIS B 311 38.00 -10.28 14.40
N ALA B 312 37.68 -9.88 13.18
CA ALA B 312 38.65 -9.22 12.32
C ALA B 312 38.67 -7.71 12.58
N GLY B 313 37.95 -7.29 13.62
CA GLY B 313 37.91 -5.87 13.99
C GLY B 313 36.84 -4.98 13.35
N VAL B 314 35.92 -5.59 12.63
CA VAL B 314 34.85 -4.85 11.97
C VAL B 314 33.77 -4.42 12.98
N ILE B 315 33.30 -3.18 12.83
CA ILE B 315 32.28 -2.61 13.71
C ILE B 315 30.91 -2.67 13.04
N GLY B 316 29.88 -3.04 13.80
CA GLY B 316 28.54 -3.11 13.23
C GLY B 316 27.91 -1.74 13.11
N GLY B 317 27.28 -1.47 11.97
CA GLY B 317 26.64 -0.18 11.75
C GLY B 317 25.15 -0.20 12.00
N ALA B 318 24.68 -1.23 12.70
CA ALA B 318 23.26 -1.36 13.01
C ALA B 318 22.39 -1.15 11.75
N ASP B 319 21.41 -0.26 11.83
CA ASP B 319 20.54 0.00 10.69
C ASP B 319 20.80 1.34 9.99
N MET B 320 22.00 1.88 10.16
CA MET B 320 22.33 3.16 9.52
C MET B 320 22.31 3.11 8.00
N THR B 321 21.90 4.23 7.40
CA THR B 321 21.86 4.35 5.94
C THR B 321 23.31 4.57 5.52
N VAL B 322 23.58 4.41 4.23
CA VAL B 322 24.92 4.63 3.73
C VAL B 322 25.28 6.11 3.94
N GLU B 323 24.31 6.99 3.70
CA GLU B 323 24.53 8.43 3.85
C GLU B 323 24.89 8.80 5.30
N ALA B 324 24.19 8.21 6.26
CA ALA B 324 24.46 8.48 7.66
C ALA B 324 25.83 7.95 8.08
N THR B 325 26.16 6.75 7.65
CA THR B 325 27.44 6.13 7.98
C THR B 325 28.62 6.91 7.39
N LEU B 326 28.50 7.26 6.11
CA LEU B 326 29.54 8.01 5.41
C LEU B 326 29.77 9.38 6.05
N THR B 327 28.69 10.11 6.33
CA THR B 327 28.82 11.44 6.93
C THR B 327 29.24 11.36 8.40
N LYS B 328 28.84 10.30 9.10
CA LYS B 328 29.22 10.13 10.50
C LYS B 328 30.73 9.90 10.57
N LEU B 329 31.28 9.11 9.65
CA LEU B 329 32.73 8.87 9.63
C LEU B 329 33.45 10.18 9.29
N HIS B 330 32.90 10.96 8.37
CA HIS B 330 33.50 12.25 8.02
C HIS B 330 33.54 13.14 9.27
N TYR B 331 32.44 13.12 10.01
CA TYR B 331 32.33 13.93 11.23
C TYR B 331 33.35 13.52 12.30
N LEU B 332 33.38 12.23 12.63
CA LEU B 332 34.31 11.75 13.65
C LEU B 332 35.78 11.90 13.24
N LEU B 333 36.10 11.60 11.98
CA LEU B 333 37.48 11.72 11.51
C LEU B 333 37.95 13.17 11.46
N SER B 334 37.00 14.10 11.34
CA SER B 334 37.34 15.53 11.27
C SER B 334 37.55 16.16 12.65
N GLN B 335 37.23 15.42 13.72
CA GLN B 335 37.44 15.93 15.07
C GLN B 335 38.81 15.39 15.51
N GLU B 336 39.23 15.72 16.73
CA GLU B 336 40.52 15.25 17.25
C GLU B 336 40.24 13.99 18.05
N LEU B 337 39.85 12.92 17.36
CA LEU B 337 39.53 11.67 18.03
C LEU B 337 40.42 10.48 17.66
N ASP B 338 40.73 9.67 18.65
CA ASP B 338 41.55 8.49 18.45
C ASP B 338 40.72 7.40 17.79
N THR B 339 41.39 6.47 17.13
CA THR B 339 40.72 5.38 16.43
C THR B 339 39.74 4.59 17.30
N GLU B 340 40.16 4.26 18.53
CA GLU B 340 39.30 3.51 19.44
C GLU B 340 38.01 4.26 19.78
N THR B 341 38.10 5.58 19.95
CA THR B 341 36.91 6.36 20.26
C THR B 341 36.01 6.43 19.02
N ILE B 342 36.61 6.56 17.84
CA ILE B 342 35.82 6.59 16.62
C ILE B 342 35.07 5.26 16.48
N ARG B 343 35.76 4.15 16.68
CA ARG B 343 35.11 2.83 16.58
C ARG B 343 33.94 2.70 17.55
N LYS B 344 34.11 3.18 18.78
CA LYS B 344 33.02 3.10 19.77
C LYS B 344 31.85 4.01 19.38
N ALA B 345 32.17 5.23 18.96
CA ALA B 345 31.14 6.19 18.57
C ALA B 345 30.30 5.75 17.37
N MET B 346 30.93 5.06 16.42
CA MET B 346 30.20 4.60 15.24
C MET B 346 29.02 3.68 15.55
N SER B 347 29.11 2.91 16.65
CA SER B 347 28.00 2.01 16.99
C SER B 347 27.01 2.63 17.97
N GLN B 348 27.27 3.87 18.39
CA GLN B 348 26.39 4.57 19.32
C GLN B 348 25.44 5.52 18.59
N ASN B 349 24.22 5.63 19.11
CA ASN B 349 23.20 6.50 18.52
C ASN B 349 23.50 7.92 18.98
N LEU B 350 24.21 8.66 18.14
CA LEU B 350 24.59 10.03 18.47
C LEU B 350 23.56 11.11 18.17
N ARG B 351 22.82 10.93 17.08
CA ARG B 351 21.85 11.94 16.66
C ARG B 351 20.52 11.37 16.16
N GLY B 352 20.21 10.13 16.53
CA GLY B 352 18.97 9.51 16.09
C GLY B 352 19.10 8.74 14.79
N GLU B 353 20.35 8.57 14.32
CA GLU B 353 20.63 7.87 13.07
C GLU B 353 20.58 6.34 13.13
N LEU B 354 20.56 5.76 14.33
CA LEU B 354 20.50 4.31 14.43
C LEU B 354 19.63 3.86 15.60
N THR B 355 19.14 2.63 15.49
CA THR B 355 18.27 2.02 16.49
C THR B 355 19.12 1.18 17.44
N PRO B 356 19.32 1.63 18.69
CA PRO B 356 20.13 0.87 19.64
C PRO B 356 19.55 -0.49 20.02
N ASP B 357 20.42 -1.40 20.44
CA ASP B 357 20.03 -2.76 20.82
C ASP B 357 19.05 -2.81 22.00
N GLN C 22 -1.19 -31.51 30.46
CA GLN C 22 -1.56 -32.09 29.14
C GLN C 22 -1.87 -31.03 28.07
N LYS C 23 -2.19 -31.50 26.87
CA LYS C 23 -2.49 -30.60 25.76
C LYS C 23 -3.78 -29.81 25.89
N LYS C 24 -3.82 -28.66 25.21
CA LYS C 24 -4.98 -27.81 25.21
C LYS C 24 -6.02 -28.55 24.38
N SER C 25 -7.30 -28.25 24.59
CA SER C 25 -8.35 -28.91 23.83
C SER C 25 -9.31 -27.85 23.28
N ILE C 26 -9.52 -27.86 21.96
CA ILE C 26 -10.38 -26.89 21.28
C ILE C 26 -11.65 -27.53 20.70
N TYR C 27 -12.79 -26.87 20.88
CA TYR C 27 -14.06 -27.35 20.36
C TYR C 27 -14.30 -26.63 19.05
N VAL C 28 -14.54 -27.40 17.99
CA VAL C 28 -14.76 -26.85 16.66
C VAL C 28 -16.22 -27.04 16.24
N ALA C 29 -16.95 -25.94 16.09
CA ALA C 29 -18.33 -26.01 15.67
C ALA C 29 -18.31 -25.81 14.16
N TYR C 30 -18.53 -26.89 13.42
CA TYR C 30 -18.56 -26.82 11.96
C TYR C 30 -20.02 -26.57 11.54
N THR C 31 -20.38 -25.30 11.42
CA THR C 31 -21.74 -24.89 11.08
C THR C 31 -22.09 -25.02 9.59
N GLY C 32 -21.07 -24.90 8.75
CA GLY C 32 -21.25 -24.98 7.31
C GLY C 32 -20.16 -24.18 6.64
N GLY C 33 -20.30 -23.96 5.34
CA GLY C 33 -19.29 -23.18 4.64
C GLY C 33 -18.41 -24.01 3.73
N THR C 34 -17.87 -23.35 2.70
CA THR C 34 -17.00 -23.97 1.72
C THR C 34 -15.84 -24.76 2.32
N ILE C 35 -15.29 -24.28 3.44
CA ILE C 35 -14.16 -24.93 4.08
C ILE C 35 -14.28 -26.46 4.23
N GLY C 36 -15.48 -26.96 4.51
CA GLY C 36 -15.64 -28.41 4.67
C GLY C 36 -16.30 -29.15 3.52
N MET C 37 -16.54 -28.45 2.42
CA MET C 37 -17.19 -29.04 1.25
C MET C 37 -16.28 -29.89 0.35
N GLN C 38 -16.91 -30.59 -0.59
CA GLN C 38 -16.21 -31.44 -1.56
C GLN C 38 -16.31 -30.84 -2.94
N ARG C 39 -15.25 -31.00 -3.72
CA ARG C 39 -15.26 -30.49 -5.08
C ARG C 39 -16.02 -31.53 -5.89
N SER C 40 -16.82 -31.07 -6.85
CA SER C 40 -17.59 -31.96 -7.73
C SER C 40 -17.71 -31.29 -9.08
N GLU C 41 -18.23 -32.02 -10.06
CA GLU C 41 -18.39 -31.49 -11.41
C GLU C 41 -19.33 -30.28 -11.41
N GLN C 42 -20.32 -30.32 -10.53
CA GLN C 42 -21.29 -29.23 -10.43
C GLN C 42 -20.74 -28.02 -9.67
N GLY C 43 -19.75 -28.27 -8.82
CA GLY C 43 -19.13 -27.23 -8.02
C GLY C 43 -18.83 -27.76 -6.63
N TYR C 44 -18.79 -26.90 -5.63
CA TYR C 44 -18.52 -27.35 -4.26
C TYR C 44 -19.82 -27.82 -3.60
N ILE C 45 -19.78 -29.00 -2.98
CA ILE C 45 -20.96 -29.54 -2.31
C ILE C 45 -20.71 -30.01 -0.88
N PRO C 46 -21.70 -29.80 0.00
CA PRO C 46 -21.56 -30.22 1.39
C PRO C 46 -21.71 -31.72 1.45
N VAL C 47 -20.80 -32.39 2.16
CA VAL C 47 -20.84 -33.84 2.29
C VAL C 47 -20.62 -34.19 3.76
N SER C 48 -21.61 -34.84 4.36
CA SER C 48 -21.56 -35.21 5.77
C SER C 48 -20.34 -36.06 6.11
N GLY C 49 -19.62 -35.64 7.15
CA GLY C 49 -18.44 -36.36 7.61
C GLY C 49 -17.16 -36.17 6.81
N HIS C 50 -17.23 -35.44 5.70
CA HIS C 50 -16.05 -35.22 4.86
C HIS C 50 -14.90 -34.49 5.55
N LEU C 51 -15.19 -33.35 6.18
CA LEU C 51 -14.15 -32.59 6.87
C LEU C 51 -13.41 -33.44 7.90
N GLN C 52 -14.16 -34.23 8.67
CA GLN C 52 -13.56 -35.08 9.71
C GLN C 52 -12.71 -36.20 9.10
N ARG C 53 -13.16 -36.72 7.96
CA ARG C 53 -12.48 -37.80 7.26
C ARG C 53 -11.13 -37.28 6.75
N GLN C 54 -11.15 -36.10 6.15
CA GLN C 54 -9.94 -35.48 5.62
C GLN C 54 -8.94 -35.07 6.71
N LEU C 55 -9.43 -34.51 7.81
CA LEU C 55 -8.53 -34.08 8.88
C LEU C 55 -7.80 -35.24 9.55
N ALA C 56 -8.41 -36.43 9.56
CA ALA C 56 -7.78 -37.59 10.17
C ALA C 56 -6.61 -38.07 9.30
N LEU C 57 -6.58 -37.62 8.06
CA LEU C 57 -5.51 -38.00 7.12
C LEU C 57 -4.41 -36.97 6.96
N MET C 58 -4.55 -35.85 7.68
CA MET C 58 -3.55 -34.76 7.61
C MET C 58 -2.71 -34.71 8.87
N PRO C 59 -1.49 -35.29 8.82
CA PRO C 59 -0.58 -35.33 9.97
C PRO C 59 -0.27 -34.03 10.69
N GLU C 60 -0.25 -32.91 9.98
CA GLU C 60 0.04 -31.63 10.62
C GLU C 60 -0.96 -31.27 11.72
N PHE C 61 -2.20 -31.72 11.59
CA PHE C 61 -3.21 -31.41 12.61
C PHE C 61 -3.10 -32.28 13.86
N HIS C 62 -2.21 -33.28 13.81
CA HIS C 62 -2.06 -34.19 14.93
C HIS C 62 -0.67 -34.17 15.58
N ARG C 63 0.07 -33.10 15.33
CA ARG C 63 1.41 -32.94 15.87
C ARG C 63 1.38 -32.51 17.33
N PRO C 64 2.49 -32.75 18.06
CA PRO C 64 2.62 -32.39 19.47
C PRO C 64 2.34 -30.91 19.75
N GLU C 65 2.69 -30.06 18.79
CA GLU C 65 2.51 -28.62 18.92
C GLU C 65 1.07 -28.14 18.75
N MET C 66 0.23 -28.98 18.17
CA MET C 66 -1.17 -28.65 17.95
C MET C 66 -2.05 -29.15 19.08
N PRO C 67 -3.16 -28.44 19.36
CA PRO C 67 -4.06 -28.86 20.43
C PRO C 67 -4.93 -30.02 20.00
N ASP C 68 -5.52 -30.69 20.98
CA ASP C 68 -6.42 -31.77 20.67
C ASP C 68 -7.65 -30.98 20.24
N PHE C 69 -8.51 -31.55 19.42
CA PHE C 69 -9.73 -30.84 19.04
C PHE C 69 -10.86 -31.81 18.78
N THR C 70 -12.09 -31.31 18.92
CA THR C 70 -13.29 -32.10 18.73
C THR C 70 -14.16 -31.37 17.73
N ILE C 71 -14.66 -32.09 16.73
CA ILE C 71 -15.49 -31.47 15.72
C ILE C 71 -16.96 -31.79 15.88
N HIS C 72 -17.79 -30.76 15.91
CA HIS C 72 -19.23 -30.94 16.00
C HIS C 72 -19.76 -30.45 14.67
N GLU C 73 -20.15 -31.39 13.81
CA GLU C 73 -20.69 -31.04 12.49
C GLU C 73 -22.18 -30.78 12.66
N TYR C 74 -22.64 -29.61 12.22
CA TYR C 74 -24.04 -29.25 12.33
C TYR C 74 -24.89 -30.04 11.32
N THR C 75 -26.13 -30.31 11.73
CA THR C 75 -27.07 -31.06 10.91
C THR C 75 -28.38 -30.28 10.90
N PRO C 76 -28.72 -29.65 9.75
CA PRO C 76 -27.88 -29.67 8.54
C PRO C 76 -26.76 -28.63 8.49
N LEU C 77 -25.87 -28.79 7.51
CA LEU C 77 -24.77 -27.86 7.33
C LEU C 77 -25.47 -26.66 6.71
N MET C 78 -25.09 -25.47 7.16
CA MET C 78 -25.73 -24.27 6.66
C MET C 78 -24.97 -23.43 5.66
N ASP C 79 -25.70 -22.90 4.70
CA ASP C 79 -25.13 -22.00 3.72
C ASP C 79 -25.30 -20.71 4.49
N SER C 80 -24.21 -20.00 4.73
CA SER C 80 -24.28 -18.77 5.51
C SER C 80 -25.25 -17.71 5.00
N SER C 81 -25.59 -17.72 3.71
CA SER C 81 -26.53 -16.73 3.20
C SER C 81 -27.97 -17.05 3.61
N ASP C 82 -28.17 -18.25 4.15
CA ASP C 82 -29.49 -18.72 4.61
C ASP C 82 -29.66 -18.58 6.11
N MET C 83 -28.63 -18.12 6.79
CA MET C 83 -28.70 -18.00 8.23
C MET C 83 -29.61 -16.91 8.78
N THR C 84 -30.13 -17.15 9.99
CA THR C 84 -31.01 -16.22 10.70
C THR C 84 -30.51 -16.14 12.14
N PRO C 85 -31.08 -15.22 12.93
CA PRO C 85 -30.65 -15.09 14.33
C PRO C 85 -30.88 -16.37 15.14
N GLU C 86 -31.75 -17.23 14.64
CA GLU C 86 -32.02 -18.48 15.34
C GLU C 86 -30.78 -19.36 15.26
N ASP C 87 -30.04 -19.22 14.17
CA ASP C 87 -28.82 -19.99 13.99
C ASP C 87 -27.74 -19.39 14.92
N TRP C 88 -27.76 -18.07 15.11
CA TRP C 88 -26.80 -17.44 16.02
C TRP C 88 -27.05 -18.00 17.42
N GLN C 89 -28.32 -18.09 17.77
CA GLN C 89 -28.74 -18.62 19.08
C GLN C 89 -28.23 -20.05 19.25
N HIS C 90 -28.40 -20.86 18.20
CA HIS C 90 -27.96 -22.25 18.24
C HIS C 90 -26.45 -22.36 18.49
N ILE C 91 -25.67 -21.53 17.80
CA ILE C 91 -24.22 -21.55 17.97
C ILE C 91 -23.86 -21.14 19.40
N ALA C 92 -24.51 -20.09 19.93
CA ALA C 92 -24.22 -19.64 21.29
C ALA C 92 -24.59 -20.71 22.33
N GLU C 93 -25.65 -21.45 22.07
CA GLU C 93 -26.08 -22.52 22.98
C GLU C 93 -25.04 -23.65 22.96
N ASP C 94 -24.46 -23.89 21.79
CA ASP C 94 -23.44 -24.92 21.59
C ASP C 94 -22.19 -24.54 22.38
N ILE C 95 -21.80 -23.27 22.29
CA ILE C 95 -20.62 -22.78 23.00
C ILE C 95 -20.89 -22.90 24.51
N LYS C 96 -22.08 -22.49 24.93
CA LYS C 96 -22.44 -22.56 26.35
C LYS C 96 -22.44 -23.97 26.90
N ALA C 97 -22.99 -24.92 26.13
CA ALA C 97 -23.06 -26.31 26.57
C ALA C 97 -21.69 -26.96 26.73
N HIS C 98 -20.71 -26.53 25.94
CA HIS C 98 -19.39 -27.12 26.01
C HIS C 98 -18.32 -26.22 26.64
N TYR C 99 -18.72 -25.03 27.07
CA TYR C 99 -17.78 -24.06 27.63
C TYR C 99 -16.80 -24.56 28.70
N ASP C 100 -17.31 -25.24 29.72
CA ASP C 100 -16.45 -25.73 30.81
C ASP C 100 -15.51 -26.89 30.45
N ASP C 101 -15.77 -27.54 29.33
CA ASP C 101 -14.97 -28.70 28.92
C ASP C 101 -13.84 -28.50 27.90
N TYR C 102 -13.71 -27.28 27.39
CA TYR C 102 -12.69 -26.97 26.39
C TYR C 102 -11.97 -25.67 26.73
N ASP C 103 -10.79 -25.47 26.14
CA ASP C 103 -9.99 -24.28 26.39
C ASP C 103 -10.21 -23.15 25.40
N GLY C 104 -10.95 -23.45 24.34
CA GLY C 104 -11.21 -22.44 23.33
C GLY C 104 -12.15 -23.01 22.30
N PHE C 105 -12.63 -22.13 21.43
CA PHE C 105 -13.59 -22.54 20.41
C PHE C 105 -13.29 -21.96 19.04
N VAL C 106 -13.56 -22.74 18.01
CA VAL C 106 -13.40 -22.30 16.63
C VAL C 106 -14.75 -22.57 15.96
N ILE C 107 -15.29 -21.54 15.32
CA ILE C 107 -16.57 -21.67 14.64
C ILE C 107 -16.30 -21.64 13.13
N LEU C 108 -16.50 -22.77 12.45
CA LEU C 108 -16.28 -22.81 11.00
C LEU C 108 -17.60 -22.33 10.39
N HIS C 109 -17.48 -21.41 9.44
CA HIS C 109 -18.63 -20.74 8.88
C HIS C 109 -18.41 -20.33 7.42
N GLY C 110 -19.50 -20.15 6.67
CA GLY C 110 -19.40 -19.70 5.29
C GLY C 110 -19.04 -18.23 5.37
N THR C 111 -18.31 -17.71 4.38
CA THR C 111 -17.89 -16.30 4.43
C THR C 111 -18.95 -15.20 4.23
N ASP C 112 -19.98 -15.46 3.42
CA ASP C 112 -21.01 -14.45 3.16
C ASP C 112 -21.56 -13.70 4.38
N THR C 113 -21.92 -14.40 5.45
CA THR C 113 -22.45 -13.71 6.63
C THR C 113 -21.63 -13.96 7.90
N MET C 114 -20.39 -14.39 7.71
CA MET C 114 -19.47 -14.68 8.81
C MET C 114 -19.31 -13.51 9.78
N ALA C 115 -19.22 -12.30 9.24
CA ALA C 115 -19.06 -11.11 10.07
C ALA C 115 -20.30 -10.82 10.91
N TYR C 116 -21.48 -11.17 10.41
CA TYR C 116 -22.72 -10.95 11.17
C TYR C 116 -22.74 -11.89 12.37
N THR C 117 -22.40 -13.16 12.14
CA THR C 117 -22.38 -14.14 13.23
C THR C 117 -21.34 -13.76 14.30
N ALA C 118 -20.14 -13.41 13.86
CA ALA C 118 -19.10 -13.00 14.79
C ALA C 118 -19.54 -11.79 15.61
N SER C 119 -20.17 -10.83 14.96
CA SER C 119 -20.64 -9.64 15.65
C SER C 119 -21.72 -9.98 16.69
N ALA C 120 -22.71 -10.78 16.25
CA ALA C 120 -23.81 -11.22 17.13
C ALA C 120 -23.30 -11.94 18.37
N LEU C 121 -22.39 -12.89 18.18
CA LEU C 121 -21.84 -13.65 19.29
C LEU C 121 -21.11 -12.77 20.31
N SER C 122 -20.45 -11.70 19.83
CA SER C 122 -19.72 -10.81 20.74
C SER C 122 -20.66 -10.16 21.76
N PHE C 123 -21.89 -9.86 21.35
CA PHE C 123 -22.85 -9.24 22.25
C PHE C 123 -23.55 -10.29 23.13
N MET C 124 -23.87 -11.45 22.55
CA MET C 124 -24.55 -12.51 23.29
C MET C 124 -23.67 -13.10 24.41
N LEU C 125 -22.36 -13.13 24.18
CA LEU C 125 -21.45 -13.65 25.19
C LEU C 125 -20.95 -12.45 25.98
N GLU C 126 -21.10 -12.51 27.30
CA GLU C 126 -20.65 -11.45 28.19
C GLU C 126 -19.70 -12.10 29.20
N ASN C 127 -18.61 -11.40 29.51
CA ASN C 127 -17.57 -11.89 30.42
C ASN C 127 -16.95 -13.18 29.86
N LEU C 128 -16.65 -13.17 28.57
CA LEU C 128 -16.05 -14.33 27.91
C LEU C 128 -14.63 -14.48 28.46
N GLY C 129 -14.27 -15.71 28.85
CA GLY C 129 -12.96 -15.96 29.40
C GLY C 129 -12.13 -16.98 28.63
N LYS C 130 -12.53 -17.25 27.39
CA LYS C 130 -11.84 -18.19 26.52
C LYS C 130 -12.00 -17.68 25.07
N PRO C 131 -11.05 -17.99 24.19
CA PRO C 131 -11.18 -17.51 22.80
C PRO C 131 -12.29 -18.19 21.99
N VAL C 132 -12.93 -17.41 21.12
CA VAL C 132 -13.94 -17.94 20.21
C VAL C 132 -13.52 -17.33 18.88
N ILE C 133 -12.99 -18.17 18.00
CA ILE C 133 -12.51 -17.69 16.72
C ILE C 133 -13.41 -18.17 15.59
N VAL C 134 -13.96 -17.22 14.84
CA VAL C 134 -14.82 -17.57 13.72
C VAL C 134 -13.95 -17.54 12.47
N THR C 135 -14.02 -18.58 11.65
CA THR C 135 -13.23 -18.59 10.41
C THR C 135 -13.88 -19.47 9.33
N GLY C 136 -13.30 -19.44 8.14
CA GLY C 136 -13.79 -20.21 7.02
C GLY C 136 -12.79 -20.06 5.91
N SER C 137 -13.18 -20.32 4.66
CA SER C 137 -12.24 -20.19 3.56
C SER C 137 -12.98 -20.12 2.23
N GLN C 138 -12.27 -19.76 1.16
CA GLN C 138 -12.93 -19.71 -0.14
C GLN C 138 -12.68 -21.02 -0.87
N ILE C 139 -11.66 -21.77 -0.45
CA ILE C 139 -11.31 -23.08 -1.03
C ILE C 139 -11.47 -24.18 0.03
N PRO C 140 -12.12 -25.31 -0.32
CA PRO C 140 -12.30 -26.39 0.66
C PRO C 140 -10.95 -26.83 1.23
N LEU C 141 -10.92 -27.18 2.51
CA LEU C 141 -9.71 -27.61 3.19
C LEU C 141 -8.98 -28.76 2.50
N ALA C 142 -9.75 -29.65 1.86
CA ALA C 142 -9.21 -30.82 1.18
C ALA C 142 -8.35 -30.57 -0.07
N GLU C 143 -8.56 -29.43 -0.73
CA GLU C 143 -7.82 -29.11 -1.94
C GLU C 143 -6.34 -28.77 -1.69
N LEU C 144 -5.50 -28.97 -2.69
CA LEU C 144 -4.09 -28.64 -2.56
C LEU C 144 -4.02 -27.11 -2.58
N ARG C 145 -3.16 -26.53 -1.74
CA ARG C 145 -2.99 -25.08 -1.67
C ARG C 145 -4.18 -24.32 -1.09
N SER C 146 -5.01 -25.01 -0.33
CA SER C 146 -6.20 -24.43 0.27
C SER C 146 -5.99 -23.44 1.40
N ASP C 147 -6.77 -22.35 1.41
CA ASP C 147 -6.68 -21.39 2.49
C ASP C 147 -7.43 -22.01 3.66
N GLY C 148 -8.25 -23.02 3.36
CA GLY C 148 -9.02 -23.68 4.40
C GLY C 148 -8.10 -24.39 5.38
N GLN C 149 -7.08 -25.04 4.85
CA GLN C 149 -6.11 -25.75 5.69
C GLN C 149 -5.33 -24.74 6.55
N ILE C 150 -4.98 -23.61 5.94
CA ILE C 150 -4.23 -22.55 6.64
C ILE C 150 -5.04 -21.95 7.78
N ASN C 151 -6.27 -21.54 7.47
CA ASN C 151 -7.14 -20.92 8.45
C ASN C 151 -7.53 -21.81 9.62
N LEU C 152 -7.79 -23.09 9.36
CA LEU C 152 -8.16 -23.99 10.46
C LEU C 152 -6.93 -24.27 11.33
N LEU C 153 -5.79 -24.54 10.71
CA LEU C 153 -4.57 -24.83 11.47
C LEU C 153 -4.22 -23.64 12.36
N ASN C 154 -4.25 -22.44 11.77
CA ASN C 154 -3.93 -21.24 12.55
C ASN C 154 -4.98 -20.94 13.62
N ALA C 155 -6.26 -21.10 13.30
CA ALA C 155 -7.28 -20.81 14.29
C ALA C 155 -7.10 -21.74 15.50
N LEU C 156 -6.86 -23.03 15.25
CA LEU C 156 -6.66 -23.98 16.34
C LEU C 156 -5.43 -23.61 17.17
N TYR C 157 -4.33 -23.33 16.49
CA TYR C 157 -3.09 -22.97 17.16
C TYR C 157 -3.19 -21.67 17.96
N VAL C 158 -3.83 -20.66 17.38
CA VAL C 158 -3.99 -19.38 18.05
C VAL C 158 -4.95 -19.48 19.25
N ALA C 159 -6.06 -20.16 19.07
CA ALA C 159 -7.02 -20.31 20.17
C ALA C 159 -6.33 -21.00 21.36
N ALA C 160 -5.43 -21.91 21.06
CA ALA C 160 -4.73 -22.67 22.10
C ALA C 160 -3.54 -21.97 22.77
N ASN C 161 -2.76 -21.25 21.96
CA ASN C 161 -1.54 -20.59 22.42
C ASN C 161 -1.47 -19.07 22.58
N TYR C 162 -2.28 -18.35 21.81
CA TYR C 162 -2.31 -16.89 21.91
C TYR C 162 -3.76 -16.58 22.18
N PRO C 163 -4.27 -17.04 23.33
CA PRO C 163 -5.67 -16.78 23.65
C PRO C 163 -6.02 -15.30 23.89
N ILE C 164 -7.05 -14.86 23.20
CA ILE C 164 -7.58 -13.51 23.31
C ILE C 164 -9.06 -13.79 23.61
N ASN C 165 -9.50 -13.37 24.80
CA ASN C 165 -10.86 -13.62 25.25
C ASN C 165 -11.97 -12.76 24.65
N GLU C 166 -12.10 -12.83 23.33
CA GLU C 166 -13.10 -12.09 22.58
C GLU C 166 -13.58 -12.97 21.42
N VAL C 167 -14.67 -12.57 20.80
CA VAL C 167 -15.14 -13.30 19.64
C VAL C 167 -14.36 -12.63 18.52
N THR C 168 -13.49 -13.40 17.88
CA THR C 168 -12.65 -12.87 16.82
C THR C 168 -12.99 -13.51 15.48
N LEU C 169 -12.44 -12.96 14.40
CA LEU C 169 -12.65 -13.48 13.06
C LEU C 169 -11.27 -13.59 12.43
N PHE C 170 -10.93 -14.78 11.95
CA PHE C 170 -9.63 -15.00 11.33
C PHE C 170 -9.73 -15.16 9.82
N PHE C 171 -9.00 -14.31 9.08
CA PHE C 171 -8.98 -14.40 7.63
C PHE C 171 -7.80 -13.60 7.10
N ASN C 172 -7.30 -14.00 5.94
CA ASN C 172 -6.16 -13.36 5.29
C ASN C 172 -4.99 -13.18 6.28
N ASN C 173 -4.70 -14.23 7.07
CA ASN C 173 -3.62 -14.24 8.06
C ASN C 173 -3.68 -13.19 9.17
N ARG C 174 -4.88 -12.66 9.43
CA ARG C 174 -5.08 -11.65 10.47
C ARG C 174 -6.26 -12.05 11.37
N LEU C 175 -6.13 -11.80 12.66
CA LEU C 175 -7.21 -12.09 13.61
C LEU C 175 -7.80 -10.75 14.00
N TYR C 176 -9.04 -10.50 13.56
CA TYR C 176 -9.73 -9.25 13.82
C TYR C 176 -10.74 -9.38 14.97
N ARG C 177 -11.14 -8.24 15.53
CA ARG C 177 -12.16 -8.25 16.57
C ARG C 177 -13.40 -8.50 15.73
N GLY C 178 -14.16 -9.53 16.09
CA GLY C 178 -15.36 -9.89 15.33
C GLY C 178 -16.35 -8.79 15.00
N ASN C 179 -16.71 -7.99 16.00
CA ASN C 179 -17.69 -6.93 15.81
C ASN C 179 -17.13 -5.67 15.15
N ARG C 180 -15.95 -5.78 14.52
CA ARG C 180 -15.32 -4.66 13.81
C ARG C 180 -15.14 -5.04 12.34
N THR C 181 -15.52 -6.26 12.00
CA THR C 181 -15.34 -6.78 10.64
C THR C 181 -16.51 -6.70 9.66
N THR C 182 -16.15 -6.74 8.38
CA THR C 182 -17.13 -6.74 7.29
C THR C 182 -16.48 -7.48 6.12
N LYS C 183 -17.28 -8.17 5.31
CA LYS C 183 -16.71 -8.87 4.17
C LYS C 183 -16.54 -7.78 3.14
N ALA C 184 -15.29 -7.47 2.80
CA ALA C 184 -14.96 -6.40 1.86
C ALA C 184 -14.93 -6.80 0.38
N HIS C 185 -14.74 -8.08 0.07
CA HIS C 185 -14.69 -8.53 -1.33
C HIS C 185 -15.11 -10.01 -1.43
N ALA C 186 -15.69 -10.40 -2.57
CA ALA C 186 -16.15 -11.77 -2.79
C ALA C 186 -16.04 -12.23 -4.25
N ASP C 187 -15.97 -11.27 -5.16
CA ASP C 187 -15.88 -11.53 -6.61
C ASP C 187 -14.46 -11.98 -6.99
N GLY C 188 -14.29 -13.28 -7.24
CA GLY C 188 -12.99 -13.79 -7.62
C GLY C 188 -12.15 -14.21 -6.41
N PHE C 189 -12.26 -13.44 -5.33
CA PHE C 189 -11.55 -13.74 -4.10
C PHE C 189 -12.28 -13.16 -2.91
N ASP C 190 -12.16 -13.82 -1.76
CA ASP C 190 -12.80 -13.38 -0.54
C ASP C 190 -11.82 -12.56 0.29
N ALA C 191 -12.31 -11.49 0.90
CA ALA C 191 -11.47 -10.67 1.77
C ALA C 191 -12.34 -10.00 2.83
N PHE C 192 -11.78 -9.85 4.03
CA PHE C 192 -12.48 -9.22 5.12
C PHE C 192 -11.66 -8.02 5.55
N ALA C 193 -12.34 -7.02 6.10
CA ALA C 193 -11.68 -5.81 6.56
C ALA C 193 -12.22 -5.42 7.93
N SER C 194 -11.41 -4.66 8.66
CA SER C 194 -11.76 -4.13 9.99
C SER C 194 -11.42 -2.67 9.73
N PRO C 195 -12.29 -1.96 9.00
CA PRO C 195 -12.07 -0.54 8.67
C PRO C 195 -11.70 0.46 9.75
N ASN C 196 -12.23 0.28 10.96
CA ASN C 196 -11.99 1.25 12.03
C ASN C 196 -11.17 0.77 13.24
N LEU C 197 -10.51 -0.38 13.11
CA LEU C 197 -9.67 -0.91 14.18
C LEU C 197 -8.61 -1.84 13.60
N PRO C 198 -7.39 -1.78 14.14
CA PRO C 198 -6.33 -2.67 13.64
C PRO C 198 -6.65 -4.09 14.09
N PRO C 199 -5.95 -5.10 13.53
CA PRO C 199 -6.22 -6.49 13.95
C PRO C 199 -5.81 -6.65 15.40
N LEU C 200 -6.18 -7.77 16.02
CA LEU C 200 -5.76 -7.99 17.40
C LEU C 200 -4.47 -8.81 17.37
N LEU C 201 -4.29 -9.55 16.28
CA LEU C 201 -3.11 -10.40 16.12
C LEU C 201 -2.83 -10.64 14.63
N GLU C 202 -1.56 -10.82 14.29
CA GLU C 202 -1.16 -11.10 12.91
C GLU C 202 -0.47 -12.44 12.91
N ALA C 203 -0.78 -13.24 11.90
CA ALA C 203 -0.20 -14.57 11.80
C ALA C 203 0.70 -14.74 10.57
N GLY C 204 1.89 -14.15 10.62
CA GLY C 204 2.84 -14.28 9.53
C GLY C 204 3.83 -15.37 9.92
N ILE C 205 5.09 -15.23 9.52
CA ILE C 205 6.12 -16.23 9.87
C ILE C 205 6.06 -16.43 11.37
N HIS C 206 6.01 -15.32 12.09
CA HIS C 206 5.93 -15.36 13.55
C HIS C 206 4.63 -14.68 13.96
N ILE C 207 3.83 -15.41 14.73
CA ILE C 207 2.57 -14.88 15.21
C ILE C 207 2.88 -13.74 16.14
N ARG C 208 2.17 -12.63 15.94
CA ARG C 208 2.40 -11.43 16.72
C ARG C 208 1.11 -10.82 17.27
N ARG C 209 1.03 -10.68 18.59
CA ARG C 209 -0.14 -10.08 19.21
C ARG C 209 0.09 -8.58 19.12
N LEU C 210 -0.89 -7.83 18.61
CA LEU C 210 -0.73 -6.40 18.46
C LEU C 210 -1.16 -5.65 19.73
N ASN C 211 -0.80 -4.36 19.84
CA ASN C 211 -1.14 -3.57 21.03
C ASN C 211 -2.55 -3.00 21.07
N THR C 212 -3.40 -3.46 20.16
CA THR C 212 -4.79 -3.00 20.10
C THR C 212 -5.40 -3.26 21.48
N PRO C 213 -5.93 -2.20 22.13
CA PRO C 213 -6.52 -2.38 23.47
C PRO C 213 -7.67 -3.39 23.53
N PRO C 214 -7.64 -4.26 24.54
CA PRO C 214 -8.70 -5.27 24.70
C PRO C 214 -10.08 -4.68 24.90
N ALA C 215 -11.09 -5.44 24.52
CA ALA C 215 -12.47 -5.01 24.65
C ALA C 215 -12.84 -4.92 26.11
N PRO C 216 -13.82 -4.07 26.47
CA PRO C 216 -14.20 -3.98 27.87
C PRO C 216 -14.87 -5.26 28.28
N HIS C 217 -14.79 -5.61 29.57
CA HIS C 217 -15.40 -6.83 30.08
C HIS C 217 -15.52 -6.75 31.60
N GLY C 218 -16.49 -7.48 32.16
CA GLY C 218 -16.68 -7.49 33.59
C GLY C 218 -15.80 -8.58 34.17
N GLU C 219 -15.78 -8.74 35.49
CA GLU C 219 -14.94 -9.78 36.08
C GLU C 219 -15.71 -10.93 36.72
N GLY C 220 -16.88 -11.24 36.17
CA GLY C 220 -17.69 -12.32 36.69
C GLY C 220 -17.64 -13.60 35.87
N GLU C 221 -18.69 -14.41 36.00
CA GLU C 221 -18.81 -15.68 35.28
C GLU C 221 -19.36 -15.37 33.89
N LEU C 222 -19.17 -16.28 32.94
CA LEU C 222 -19.68 -16.07 31.59
C LEU C 222 -21.20 -15.99 31.62
N ILE C 223 -21.76 -15.06 30.87
CA ILE C 223 -23.21 -14.91 30.78
C ILE C 223 -23.55 -15.02 29.30
N VAL C 224 -24.51 -15.87 28.97
CA VAL C 224 -24.92 -16.07 27.57
C VAL C 224 -26.34 -15.54 27.41
N HIS C 225 -26.47 -14.44 26.67
CA HIS C 225 -27.76 -13.82 26.43
C HIS C 225 -28.46 -14.39 25.20
N PRO C 226 -29.78 -14.48 25.25
CA PRO C 226 -30.55 -15.01 24.12
C PRO C 226 -30.67 -13.98 23.02
N ILE C 227 -31.02 -14.43 21.82
CA ILE C 227 -31.22 -13.55 20.69
C ILE C 227 -32.30 -14.15 19.81
N THR C 228 -33.14 -13.31 19.21
CA THR C 228 -34.23 -13.74 18.33
C THR C 228 -34.32 -12.78 17.16
N PRO C 229 -34.95 -13.21 16.05
CA PRO C 229 -35.08 -12.33 14.89
C PRO C 229 -35.81 -11.07 15.33
N GLN C 230 -35.41 -9.91 14.83
CA GLN C 230 -36.07 -8.65 15.18
C GLN C 230 -36.35 -7.82 13.92
N PRO C 231 -37.51 -7.13 13.87
CA PRO C 231 -37.88 -6.32 12.70
C PRO C 231 -37.10 -5.01 12.66
N ILE C 232 -36.02 -5.01 11.90
CA ILE C 232 -35.15 -3.84 11.78
C ILE C 232 -35.02 -3.40 10.33
N GLY C 233 -34.99 -2.10 10.10
CA GLY C 233 -34.82 -1.61 8.74
C GLY C 233 -33.41 -1.07 8.59
N VAL C 234 -32.75 -1.33 7.47
CA VAL C 234 -31.41 -0.79 7.24
C VAL C 234 -31.53 -0.14 5.87
N VAL C 235 -31.45 1.19 5.87
CA VAL C 235 -31.63 1.94 4.63
C VAL C 235 -30.61 3.04 4.34
N THR C 236 -30.50 3.41 3.07
CA THR C 236 -29.56 4.43 2.64
C THR C 236 -30.27 5.72 2.21
N ILE C 237 -29.81 6.84 2.74
CA ILE C 237 -30.35 8.17 2.44
C ILE C 237 -29.76 8.62 1.10
N TYR C 238 -30.57 9.25 0.25
CA TYR C 238 -30.07 9.75 -1.03
C TYR C 238 -30.80 11.07 -1.33
N PRO C 239 -30.25 11.91 -2.23
CA PRO C 239 -30.89 13.20 -2.56
C PRO C 239 -32.37 13.10 -2.96
N GLY C 240 -33.20 13.87 -2.25
CA GLY C 240 -34.61 13.88 -2.53
C GLY C 240 -35.45 12.75 -1.95
N ILE C 241 -34.83 11.83 -1.22
CA ILE C 241 -35.58 10.72 -0.64
C ILE C 241 -36.85 11.29 0.01
N SER C 242 -38.00 10.84 -0.47
CA SER C 242 -39.29 11.31 0.02
C SER C 242 -39.77 10.83 1.38
N ALA C 243 -40.57 11.68 2.01
CA ALA C 243 -41.14 11.39 3.32
C ALA C 243 -42.04 10.16 3.22
N ASP C 244 -42.71 10.00 2.08
CA ASP C 244 -43.59 8.87 1.85
C ASP C 244 -42.83 7.54 1.87
N VAL C 245 -41.66 7.54 1.25
CA VAL C 245 -40.85 6.34 1.21
C VAL C 245 -40.29 6.05 2.61
N VAL C 246 -39.83 7.09 3.31
CA VAL C 246 -39.29 6.90 4.66
C VAL C 246 -40.40 6.46 5.61
N ARG C 247 -41.61 6.98 5.42
CA ARG C 247 -42.72 6.59 6.28
C ARG C 247 -42.90 5.08 6.16
N ASN C 248 -42.80 4.54 4.96
CA ASN C 248 -42.94 3.11 4.74
C ASN C 248 -41.87 2.30 5.48
N PHE C 249 -40.65 2.83 5.53
CA PHE C 249 -39.55 2.16 6.22
C PHE C 249 -39.82 2.04 7.72
N LEU C 250 -40.61 2.97 8.25
CA LEU C 250 -40.90 3.01 9.68
C LEU C 250 -42.26 2.45 10.15
N ARG C 251 -42.98 1.80 9.24
CA ARG C 251 -44.28 1.21 9.58
C ARG C 251 -44.08 -0.05 10.41
N GLN C 252 -45.07 -0.38 11.24
CA GLN C 252 -45.01 -1.57 12.07
C GLN C 252 -44.81 -2.75 11.12
N PRO C 253 -44.18 -3.85 11.58
CA PRO C 253 -43.58 -4.10 12.90
C PRO C 253 -42.21 -3.53 13.24
N VAL C 254 -41.65 -2.68 12.38
CA VAL C 254 -40.32 -2.11 12.64
C VAL C 254 -40.12 -1.59 14.07
N LYS C 255 -39.03 -2.00 14.70
CA LYS C 255 -38.67 -1.59 16.07
C LYS C 255 -37.46 -0.65 16.06
N ALA C 256 -36.68 -0.75 15.00
CA ALA C 256 -35.48 0.08 14.87
C ALA C 256 -35.15 0.28 13.40
N LEU C 257 -34.48 1.38 13.09
CA LEU C 257 -34.09 1.69 11.73
C LEU C 257 -32.67 2.21 11.73
N ILE C 258 -31.84 1.64 10.87
CA ILE C 258 -30.47 2.08 10.74
C ILE C 258 -30.44 2.92 9.47
N LEU C 259 -29.98 4.16 9.59
CA LEU C 259 -29.90 5.07 8.45
C LEU C 259 -28.43 5.19 8.04
N ARG C 260 -28.14 5.09 6.76
CA ARG C 260 -26.76 5.28 6.33
C ARG C 260 -26.80 6.64 5.65
N SER C 261 -26.26 7.64 6.34
CA SER C 261 -26.28 9.00 5.83
C SER C 261 -24.95 9.50 5.24
N TYR C 262 -24.93 10.76 4.82
CA TYR C 262 -23.73 11.33 4.18
C TYR C 262 -22.58 11.73 5.10
N GLY C 263 -21.36 11.51 4.61
CA GLY C 263 -20.16 11.87 5.34
C GLY C 263 -20.17 11.63 6.84
N VAL C 264 -20.04 12.70 7.63
CA VAL C 264 -20.02 12.57 9.09
C VAL C 264 -21.40 12.40 9.72
N GLY C 265 -22.42 12.15 8.91
CA GLY C 265 -23.76 11.96 9.44
C GLY C 265 -24.81 12.99 9.05
N ASN C 266 -24.66 13.59 7.88
CA ASN C 266 -25.59 14.59 7.40
C ASN C 266 -26.72 14.01 6.55
N ALA C 267 -27.87 14.68 6.57
CA ALA C 267 -29.03 14.22 5.83
C ALA C 267 -29.93 15.41 5.45
N PRO C 268 -30.92 15.18 4.56
CA PRO C 268 -31.86 16.23 4.12
C PRO C 268 -32.47 16.91 5.34
N GLN C 269 -32.70 18.21 5.24
CA GLN C 269 -33.31 18.94 6.34
C GLN C 269 -34.74 19.36 6.08
N ASN C 270 -35.38 18.82 5.05
CA ASN C 270 -36.76 19.22 4.78
C ASN C 270 -37.64 18.73 5.93
N LYS C 271 -38.61 19.55 6.28
CA LYS C 271 -39.52 19.26 7.39
C LYS C 271 -40.25 17.91 7.35
N ALA C 272 -40.77 17.53 6.18
CA ALA C 272 -41.49 16.27 6.04
C ALA C 272 -40.63 15.06 6.44
N PHE C 273 -39.39 15.06 6.00
CA PHE C 273 -38.44 13.98 6.30
C PHE C 273 -38.13 13.90 7.79
N LEU C 274 -37.75 15.03 8.38
CA LEU C 274 -37.41 15.08 9.79
C LEU C 274 -38.62 14.76 10.67
N GLN C 275 -39.81 15.14 10.19
CA GLN C 275 -41.04 14.89 10.93
C GLN C 275 -41.29 13.38 11.02
N GLU C 276 -41.10 12.68 9.92
CA GLU C 276 -41.30 11.23 9.91
C GLU C 276 -40.37 10.55 10.92
N LEU C 277 -39.14 11.05 11.04
CA LEU C 277 -38.17 10.48 11.98
C LEU C 277 -38.56 10.81 13.43
N GLN C 278 -39.02 12.03 13.66
CA GLN C 278 -39.42 12.44 15.01
C GLN C 278 -40.64 11.63 15.45
N GLU C 279 -41.58 11.40 14.54
CA GLU C 279 -42.78 10.62 14.85
C GLU C 279 -42.39 9.17 15.16
N ALA C 280 -41.34 8.68 14.50
CA ALA C 280 -40.87 7.32 14.73
C ALA C 280 -40.30 7.18 16.15
N SER C 281 -39.49 8.16 16.58
CA SER C 281 -38.94 8.10 17.92
C SER C 281 -40.05 8.25 18.96
N ASP C 282 -41.10 8.98 18.61
CA ASP C 282 -42.24 9.16 19.51
C ASP C 282 -42.99 7.83 19.64
N ARG C 283 -42.94 7.03 18.58
CA ARG C 283 -43.60 5.73 18.56
C ARG C 283 -42.74 4.69 19.27
N GLY C 284 -41.57 5.10 19.74
CA GLY C 284 -40.69 4.18 20.43
C GLY C 284 -39.71 3.43 19.54
N ILE C 285 -39.57 3.86 18.29
CA ILE C 285 -38.64 3.23 17.38
C ILE C 285 -37.26 3.83 17.61
N VAL C 286 -36.24 2.98 17.66
CA VAL C 286 -34.87 3.43 17.87
C VAL C 286 -34.24 3.68 16.50
N VAL C 287 -33.92 4.93 16.20
CA VAL C 287 -33.32 5.29 14.91
C VAL C 287 -31.83 5.60 15.14
N VAL C 288 -30.98 4.87 14.42
CA VAL C 288 -29.53 5.00 14.55
C VAL C 288 -28.90 5.47 13.23
N ASN C 289 -27.94 6.38 13.35
CA ASN C 289 -27.27 6.96 12.19
C ASN C 289 -25.84 6.43 11.98
N LEU C 290 -25.56 5.92 10.79
CA LEU C 290 -24.23 5.42 10.42
C LEU C 290 -23.85 6.16 9.16
N THR C 291 -22.57 6.16 8.81
CA THR C 291 -22.12 6.85 7.60
C THR C 291 -22.11 5.94 6.38
N GLN C 292 -22.22 6.54 5.20
CA GLN C 292 -22.19 5.80 3.95
C GLN C 292 -20.72 5.58 3.57
N CYS C 293 -19.83 6.27 4.29
CA CYS C 293 -18.40 6.14 4.00
C CYS C 293 -17.88 4.75 4.38
N MET C 294 -16.73 4.38 3.83
CA MET C 294 -16.14 3.05 4.08
C MET C 294 -15.46 2.93 5.45
N SER C 295 -15.12 4.06 6.05
CA SER C 295 -14.49 4.09 7.37
C SER C 295 -14.72 5.46 8.01
N GLY C 296 -14.49 5.54 9.31
CA GLY C 296 -14.68 6.79 10.01
C GLY C 296 -15.95 6.83 10.87
N LYS C 297 -16.03 7.87 11.70
CA LYS C 297 -17.15 8.07 12.62
C LYS C 297 -18.21 9.06 12.16
N VAL C 298 -19.44 8.90 12.68
CA VAL C 298 -20.46 9.90 12.38
C VAL C 298 -20.31 10.79 13.61
N ASN C 299 -20.49 12.09 13.43
CA ASN C 299 -20.39 13.04 14.52
C ASN C 299 -21.64 13.90 14.47
N MET C 300 -22.57 13.65 15.39
CA MET C 300 -23.84 14.37 15.45
C MET C 300 -23.72 15.75 16.10
N GLY C 306 -26.52 18.68 11.06
CA GLY C 306 -25.84 17.86 12.04
C GLY C 306 -26.68 17.67 13.29
N ASN C 307 -27.30 18.75 13.75
CA ASN C 307 -28.14 18.73 14.94
C ASN C 307 -29.60 18.49 14.57
N ALA C 308 -29.90 18.58 13.28
CA ALA C 308 -31.26 18.37 12.80
C ALA C 308 -31.68 16.92 12.98
N LEU C 309 -30.77 16.00 12.68
CA LEU C 309 -31.06 14.58 12.84
C LEU C 309 -31.15 14.23 14.33
N ALA C 310 -30.20 14.75 15.12
CA ALA C 310 -30.19 14.52 16.56
C ALA C 310 -31.39 15.18 17.25
N HIS C 311 -31.89 16.28 16.69
CA HIS C 311 -33.05 16.95 17.27
C HIS C 311 -34.31 16.14 16.95
N ALA C 312 -34.23 15.31 15.91
CA ALA C 312 -35.38 14.49 15.53
C ALA C 312 -35.32 13.14 16.29
N GLY C 313 -34.41 13.05 17.26
CA GLY C 313 -34.29 11.83 18.06
C GLY C 313 -33.35 10.72 17.61
N VAL C 314 -32.62 10.96 16.52
CA VAL C 314 -31.69 10.00 15.96
C VAL C 314 -30.42 9.88 16.80
N ILE C 315 -29.98 8.64 17.03
CA ILE C 315 -28.79 8.34 17.82
C ILE C 315 -27.61 8.07 16.89
N GLY C 316 -26.44 8.60 17.22
CA GLY C 316 -25.27 8.39 16.38
C GLY C 316 -24.68 7.01 16.66
N GLY C 317 -24.26 6.32 15.59
CA GLY C 317 -23.68 5.01 15.74
C GLY C 317 -22.16 5.03 15.70
N ALA C 318 -21.59 6.21 15.92
CA ALA C 318 -20.14 6.38 15.92
C ALA C 318 -19.49 5.74 14.69
N ASP C 319 -18.50 4.88 14.90
CA ASP C 319 -17.83 4.20 13.79
C ASP C 319 -18.20 2.72 13.65
N MET C 320 -19.35 2.34 14.20
CA MET C 320 -19.79 0.95 14.12
C MET C 320 -20.06 0.48 12.69
N THR C 321 -19.73 -0.78 12.42
CA THR C 321 -19.98 -1.38 11.11
C THR C 321 -21.48 -1.60 11.05
N VAL C 322 -22.01 -1.85 9.86
CA VAL C 322 -23.44 -2.14 9.72
C VAL C 322 -23.73 -3.44 10.46
N GLU C 323 -22.81 -4.39 10.35
CA GLU C 323 -22.94 -5.69 10.99
C GLU C 323 -23.05 -5.59 12.53
N ALA C 324 -22.19 -4.77 13.13
CA ALA C 324 -22.23 -4.60 14.58
C ALA C 324 -23.51 -3.86 15.00
N THR C 325 -23.88 -2.83 14.27
CA THR C 325 -25.08 -2.07 14.60
C THR C 325 -26.34 -2.93 14.49
N LEU C 326 -26.43 -3.71 13.43
CA LEU C 326 -27.58 -4.59 13.20
C LEU C 326 -27.66 -5.68 14.28
N THR C 327 -26.55 -6.33 14.59
CA THR C 327 -26.57 -7.37 15.61
C THR C 327 -26.70 -6.80 17.03
N LYS C 328 -26.17 -5.60 17.25
CA LYS C 328 -26.26 -4.96 18.57
C LYS C 328 -27.74 -4.65 18.86
N LEU C 329 -28.46 -4.20 17.85
CA LEU C 329 -29.87 -3.89 18.01
C LEU C 329 -30.65 -5.19 18.26
N HIS C 330 -30.26 -6.27 17.60
CA HIS C 330 -30.94 -7.55 17.80
C HIS C 330 -30.76 -7.99 19.24
N TYR C 331 -29.54 -7.83 19.73
CA TYR C 331 -29.17 -8.19 21.11
C TYR C 331 -30.00 -7.41 22.14
N LEU C 332 -29.97 -6.08 22.02
CA LEU C 332 -30.70 -5.22 22.96
C LEU C 332 -32.22 -5.40 22.90
N LEU C 333 -32.78 -5.57 21.70
CA LEU C 333 -34.22 -5.74 21.56
C LEU C 333 -34.66 -7.12 22.08
N SER C 334 -33.73 -8.08 22.07
CA SER C 334 -34.03 -9.43 22.55
C SER C 334 -33.99 -9.53 24.07
N GLN C 335 -33.52 -8.47 24.74
CA GLN C 335 -33.45 -8.49 26.20
C GLN C 335 -34.66 -7.76 26.82
N GLU C 336 -35.57 -7.29 25.97
CA GLU C 336 -36.79 -6.58 26.41
C GLU C 336 -36.57 -5.29 27.20
N LEU C 337 -35.41 -4.67 26.99
CA LEU C 337 -35.05 -3.43 27.68
C LEU C 337 -35.89 -2.24 27.23
N ASP C 338 -35.96 -1.21 28.08
CA ASP C 338 -36.72 0.00 27.78
C ASP C 338 -36.07 0.68 26.57
N THR C 339 -36.87 1.43 25.81
CA THR C 339 -36.40 2.14 24.64
C THR C 339 -35.28 3.13 24.98
N GLU C 340 -35.42 3.80 26.12
CA GLU C 340 -34.42 4.77 26.57
C GLU C 340 -33.10 4.06 26.86
N THR C 341 -33.19 2.87 27.45
CA THR C 341 -32.01 2.07 27.77
C THR C 341 -31.32 1.61 26.49
N ILE C 342 -32.12 1.20 25.51
CA ILE C 342 -31.58 0.74 24.23
C ILE C 342 -30.87 1.92 23.53
N ARG C 343 -31.53 3.08 23.48
CA ARG C 343 -30.93 4.25 22.84
C ARG C 343 -29.60 4.61 23.50
N LYS C 344 -29.55 4.52 24.83
CA LYS C 344 -28.33 4.84 25.56
C LYS C 344 -27.24 3.80 25.29
N ALA C 345 -27.62 2.52 25.30
CA ALA C 345 -26.66 1.44 25.07
C ALA C 345 -26.04 1.45 23.66
N MET C 346 -26.83 1.85 22.66
CA MET C 346 -26.35 1.89 21.28
C MET C 346 -25.15 2.81 21.12
N SER C 347 -25.07 3.87 21.91
CA SER C 347 -23.94 4.79 21.81
C SER C 347 -22.80 4.42 22.75
N GLN C 348 -23.00 3.38 23.56
CA GLN C 348 -21.96 2.94 24.50
C GLN C 348 -21.12 1.81 23.91
N ASN C 349 -19.83 1.78 24.25
CA ASN C 349 -18.93 0.73 23.78
C ASN C 349 -19.10 -0.47 24.68
N LEU C 350 -19.99 -1.39 24.29
CA LEU C 350 -20.28 -2.56 25.10
C LEU C 350 -19.31 -3.74 24.97
N ARG C 351 -18.77 -3.94 23.78
CA ARG C 351 -17.87 -5.07 23.53
C ARG C 351 -16.66 -4.77 22.63
N GLY C 352 -16.31 -3.49 22.49
CA GLY C 352 -15.18 -3.12 21.65
C GLY C 352 -15.54 -2.77 20.21
N GLU C 353 -16.84 -2.72 19.93
CA GLU C 353 -17.37 -2.43 18.59
C GLU C 353 -17.38 -0.98 18.15
N LEU C 354 -17.05 -0.09 19.08
CA LEU C 354 -17.11 1.33 18.82
C LEU C 354 -16.01 2.10 19.53
N THR C 355 -15.54 3.17 18.90
CA THR C 355 -14.50 4.02 19.48
C THR C 355 -15.22 5.18 20.18
N PRO C 356 -15.20 5.20 21.52
CA PRO C 356 -15.88 6.29 22.23
C PRO C 356 -15.19 7.64 22.03
N ASP C 357 -15.95 8.73 22.19
CA ASP C 357 -15.41 10.08 22.01
C ASP C 357 -14.25 10.42 22.94
N MET D 21 -1.68 -38.31 -17.49
CA MET D 21 -1.02 -39.65 -17.48
C MET D 21 0.18 -39.66 -16.54
N GLN D 22 1.32 -40.18 -17.00
CA GLN D 22 2.53 -40.24 -16.17
C GLN D 22 2.92 -38.84 -15.70
N LYS D 23 3.05 -38.68 -14.38
CA LYS D 23 3.39 -37.38 -13.80
C LYS D 23 4.72 -36.79 -14.22
N LYS D 24 4.79 -35.47 -14.18
CA LYS D 24 6.02 -34.78 -14.54
C LYS D 24 6.99 -35.08 -13.41
N SER D 25 8.28 -34.95 -13.70
CA SER D 25 9.32 -35.23 -12.71
C SER D 25 10.19 -33.99 -12.51
N ILE D 26 10.37 -33.56 -11.26
CA ILE D 26 11.17 -32.37 -10.98
C ILE D 26 12.45 -32.75 -10.21
N TYR D 27 13.59 -32.20 -10.63
CA TYR D 27 14.88 -32.45 -9.97
C TYR D 27 15.05 -31.35 -8.95
N VAL D 28 15.26 -31.74 -7.69
CA VAL D 28 15.43 -30.78 -6.60
C VAL D 28 16.86 -30.86 -6.05
N ALA D 29 17.61 -29.78 -6.19
CA ALA D 29 18.98 -29.75 -5.67
C ALA D 29 18.94 -28.98 -4.35
N TYR D 30 19.20 -29.68 -3.26
CA TYR D 30 19.22 -29.05 -1.95
C TYR D 30 20.68 -28.64 -1.75
N THR D 31 21.00 -27.43 -2.21
CA THR D 31 22.38 -26.93 -2.13
C THR D 31 22.75 -26.40 -0.75
N GLY D 32 21.77 -25.86 -0.04
CA GLY D 32 22.02 -25.30 1.28
C GLY D 32 20.81 -24.55 1.79
N GLY D 33 20.91 -23.97 2.98
CA GLY D 33 19.77 -23.24 3.53
C GLY D 33 19.17 -24.02 4.68
N THR D 34 18.28 -23.38 5.43
CA THR D 34 17.64 -24.00 6.60
C THR D 34 16.56 -25.07 6.40
N ILE D 35 15.99 -25.19 5.21
CA ILE D 35 14.89 -26.12 4.98
C ILE D 35 14.96 -27.55 5.53
N GLY D 36 16.10 -28.24 5.39
CA GLY D 36 16.18 -29.60 5.89
C GLY D 36 16.72 -29.78 7.30
N MET D 37 16.92 -28.69 8.02
CA MET D 37 17.46 -28.79 9.38
C MET D 37 16.53 -29.42 10.44
N GLN D 38 17.16 -30.00 11.46
CA GLN D 38 16.47 -30.70 12.54
C GLN D 38 16.71 -30.12 13.93
N ARG D 39 15.71 -30.29 14.81
CA ARG D 39 15.78 -29.80 16.18
C ARG D 39 16.72 -30.59 17.09
N SER D 40 17.64 -29.89 17.73
CA SER D 40 18.59 -30.49 18.66
C SER D 40 18.63 -29.58 19.88
N GLU D 41 19.32 -30.01 20.93
CA GLU D 41 19.43 -29.22 22.15
C GLU D 41 20.24 -27.95 21.88
N GLN D 42 21.22 -28.07 20.99
CA GLN D 42 22.08 -26.94 20.63
C GLN D 42 21.34 -26.02 19.68
N GLY D 43 20.18 -26.47 19.20
CA GLY D 43 19.38 -25.69 18.27
C GLY D 43 19.19 -26.42 16.95
N TYR D 44 18.91 -25.68 15.88
CA TYR D 44 18.72 -26.30 14.58
C TYR D 44 20.05 -26.58 13.87
N ILE D 45 20.20 -27.84 13.44
CA ILE D 45 21.43 -28.28 12.78
C ILE D 45 21.16 -29.04 11.48
N PRO D 46 22.16 -29.05 10.57
CA PRO D 46 21.93 -29.77 9.32
C PRO D 46 22.03 -31.26 9.62
N VAL D 47 21.08 -32.03 9.09
CA VAL D 47 21.07 -33.48 9.29
C VAL D 47 20.87 -34.11 7.93
N SER D 48 21.89 -34.83 7.48
CA SER D 48 21.88 -35.47 6.18
C SER D 48 20.66 -36.38 5.93
N GLY D 49 19.93 -36.07 4.87
CA GLY D 49 18.76 -36.85 4.50
C GLY D 49 17.47 -36.50 5.23
N HIS D 50 17.54 -35.58 6.18
CA HIS D 50 16.35 -35.20 6.96
C HIS D 50 15.24 -34.62 6.09
N LEU D 51 15.60 -33.82 5.09
CA LEU D 51 14.60 -33.23 4.20
C LEU D 51 13.85 -34.34 3.44
N GLN D 52 14.60 -35.27 2.88
CA GLN D 52 14.02 -36.39 2.14
C GLN D 52 13.10 -37.27 2.99
N ARG D 53 13.59 -37.61 4.18
CA ARG D 53 12.85 -38.46 5.11
C ARG D 53 11.52 -37.81 5.55
N GLN D 54 11.53 -36.50 5.71
CA GLN D 54 10.33 -35.79 6.11
C GLN D 54 9.31 -35.75 4.98
N LEU D 55 9.77 -35.41 3.78
CA LEU D 55 8.88 -35.31 2.63
C LEU D 55 8.18 -36.63 2.32
N ALA D 56 8.81 -37.74 2.69
CA ALA D 56 8.25 -39.07 2.46
C ALA D 56 7.02 -39.29 3.33
N LEU D 57 6.92 -38.54 4.42
CA LEU D 57 5.80 -38.67 5.36
C LEU D 57 4.75 -37.55 5.30
N MET D 58 4.84 -36.70 4.29
CA MET D 58 3.89 -35.59 4.12
C MET D 58 3.03 -35.84 2.87
N PRO D 59 1.81 -36.36 3.07
CA PRO D 59 0.88 -36.66 1.97
C PRO D 59 0.64 -35.57 0.93
N GLU D 60 0.67 -34.31 1.35
CA GLU D 60 0.43 -33.22 0.40
C GLU D 60 1.43 -33.19 -0.74
N PHE D 61 2.64 -33.69 -0.50
CA PHE D 61 3.68 -33.70 -1.52
C PHE D 61 3.59 -34.90 -2.46
N HIS D 62 2.63 -35.78 -2.21
CA HIS D 62 2.48 -36.99 -3.01
C HIS D 62 1.10 -37.09 -3.68
N ARG D 63 0.40 -35.96 -3.75
CA ARG D 63 -0.93 -35.91 -4.35
C ARG D 63 -0.87 -35.98 -5.88
N PRO D 64 -1.96 -36.42 -6.52
CA PRO D 64 -2.03 -36.54 -7.98
C PRO D 64 -1.69 -35.25 -8.72
N GLU D 65 -1.99 -34.12 -8.09
CA GLU D 65 -1.73 -32.81 -8.68
C GLU D 65 -0.25 -32.44 -8.61
N MET D 66 0.47 -33.10 -7.70
CA MET D 66 1.90 -32.83 -7.53
C MET D 66 2.80 -33.69 -8.40
N PRO D 67 3.93 -33.13 -8.85
CA PRO D 67 4.87 -33.87 -9.69
C PRO D 67 5.71 -34.82 -8.87
N ASP D 68 6.33 -35.78 -9.55
CA ASP D 68 7.20 -36.71 -8.86
C ASP D 68 8.45 -35.84 -8.69
N PHE D 69 9.29 -36.15 -7.73
CA PHE D 69 10.51 -35.37 -7.54
C PHE D 69 11.65 -36.21 -6.96
N THR D 70 12.87 -35.80 -7.28
CA THR D 70 14.07 -36.47 -6.83
C THR D 70 14.94 -35.41 -6.15
N ILE D 71 15.42 -35.72 -4.95
CA ILE D 71 16.24 -34.78 -4.21
C ILE D 71 17.72 -35.16 -4.24
N HIS D 72 18.55 -34.18 -4.58
CA HIS D 72 19.99 -34.36 -4.59
C HIS D 72 20.49 -33.39 -3.54
N GLU D 73 20.82 -33.92 -2.37
CA GLU D 73 21.30 -33.09 -1.28
C GLU D 73 22.82 -32.94 -1.39
N TYR D 74 23.29 -31.70 -1.39
CA TYR D 74 24.71 -31.43 -1.49
C TYR D 74 25.46 -31.86 -0.24
N THR D 75 26.65 -32.45 -0.44
CA THR D 75 27.46 -32.91 0.68
C THR D 75 28.85 -32.29 0.65
N PRO D 76 29.13 -31.33 1.55
CA PRO D 76 28.24 -30.76 2.56
C PRO D 76 27.35 -29.68 1.97
N LEU D 77 26.44 -29.17 2.78
CA LEU D 77 25.55 -28.11 2.33
C LEU D 77 26.38 -26.86 2.17
N MET D 78 25.96 -25.95 1.29
CA MET D 78 26.68 -24.70 1.07
C MET D 78 26.11 -23.62 2.00
N ASP D 79 26.99 -22.83 2.61
CA ASP D 79 26.57 -21.72 3.46
C ASP D 79 26.53 -20.64 2.40
N SER D 80 25.35 -20.12 2.09
CA SER D 80 25.28 -19.12 1.01
C SER D 80 26.13 -17.86 1.16
N SER D 81 26.44 -17.45 2.39
CA SER D 81 27.25 -16.26 2.57
C SER D 81 28.72 -16.56 2.29
N ASP D 82 29.06 -17.85 2.14
CA ASP D 82 30.45 -18.23 1.87
C ASP D 82 30.61 -18.81 0.46
N MET D 83 29.59 -18.66 -0.37
CA MET D 83 29.66 -19.17 -1.74
C MET D 83 30.53 -18.34 -2.68
N THR D 84 31.03 -18.99 -3.74
CA THR D 84 31.84 -18.31 -4.75
C THR D 84 31.35 -18.74 -6.13
N PRO D 85 31.87 -18.12 -7.20
CA PRO D 85 31.43 -18.50 -8.54
C PRO D 85 31.70 -19.98 -8.83
N GLU D 86 32.64 -20.58 -8.10
CA GLU D 86 32.95 -22.00 -8.31
C GLU D 86 31.71 -22.82 -7.94
N ASP D 87 30.96 -22.32 -6.97
CA ASP D 87 29.76 -22.98 -6.52
C ASP D 87 28.63 -22.78 -7.54
N TRP D 88 28.59 -21.62 -8.19
CA TRP D 88 27.57 -21.36 -9.20
C TRP D 88 27.84 -22.39 -10.31
N GLN D 89 29.11 -22.54 -10.64
CA GLN D 89 29.54 -23.49 -11.68
C GLN D 89 29.08 -24.90 -11.33
N HIS D 90 29.31 -25.30 -10.08
CA HIS D 90 28.90 -26.63 -9.64
C HIS D 90 27.39 -26.86 -9.78
N ILE D 91 26.59 -25.85 -9.44
CA ILE D 91 25.13 -25.99 -9.54
C ILE D 91 24.70 -26.10 -11.01
N ALA D 92 25.30 -25.30 -11.88
CA ALA D 92 24.98 -25.34 -13.31
C ALA D 92 25.37 -26.70 -13.91
N GLU D 93 26.47 -27.26 -13.43
CA GLU D 93 26.93 -28.57 -13.93
C GLU D 93 25.94 -29.65 -13.51
N ASP D 94 25.34 -29.47 -12.34
CA ASP D 94 24.35 -30.42 -11.80
C ASP D 94 23.11 -30.36 -12.68
N ILE D 95 22.68 -29.15 -13.01
CA ILE D 95 21.50 -28.96 -13.85
C ILE D 95 21.76 -29.55 -15.23
N LYS D 96 22.93 -29.27 -15.79
CA LYS D 96 23.31 -29.78 -17.11
C LYS D 96 23.31 -31.31 -17.16
N ALA D 97 23.90 -31.92 -16.13
CA ALA D 97 23.99 -33.38 -16.05
C ALA D 97 22.64 -34.10 -15.97
N HIS D 98 21.63 -33.42 -15.43
CA HIS D 98 20.31 -34.02 -15.25
C HIS D 98 19.23 -33.41 -16.13
N TYR D 99 19.62 -32.45 -16.96
CA TYR D 99 18.68 -31.73 -17.81
C TYR D 99 17.71 -32.56 -18.67
N ASP D 100 18.24 -33.52 -19.42
CA ASP D 100 17.43 -34.36 -20.30
C ASP D 100 16.52 -35.36 -19.60
N ASP D 101 16.74 -35.57 -18.30
CA ASP D 101 15.96 -36.56 -17.55
C ASP D 101 14.80 -36.02 -16.71
N TYR D 102 14.68 -34.71 -16.58
CA TYR D 102 13.61 -34.12 -15.79
C TYR D 102 12.86 -33.02 -16.55
N ASP D 103 11.70 -32.65 -16.04
CA ASP D 103 10.89 -31.63 -16.69
C ASP D 103 11.10 -30.23 -16.11
N GLY D 104 11.77 -30.16 -14.98
CA GLY D 104 12.01 -28.87 -14.35
C GLY D 104 13.00 -29.03 -13.24
N PHE D 105 13.43 -27.90 -12.69
CA PHE D 105 14.43 -27.92 -11.64
C PHE D 105 14.13 -26.93 -10.52
N VAL D 106 14.35 -27.36 -9.29
CA VAL D 106 14.14 -26.50 -8.13
C VAL D 106 15.47 -26.49 -7.36
N ILE D 107 16.03 -25.30 -7.19
CA ILE D 107 17.30 -25.16 -6.47
C ILE D 107 17.03 -24.55 -5.10
N LEU D 108 17.18 -25.36 -4.05
CA LEU D 108 16.96 -24.90 -2.67
C LEU D 108 18.30 -24.26 -2.28
N HIS D 109 18.21 -23.04 -1.75
CA HIS D 109 19.39 -22.23 -1.48
C HIS D 109 19.23 -21.38 -0.21
N GLY D 110 20.35 -21.04 0.43
CA GLY D 110 20.27 -20.18 1.61
C GLY D 110 19.88 -18.82 1.06
N THR D 111 19.17 -18.02 1.84
CA THR D 111 18.71 -16.72 1.33
C THR D 111 19.73 -15.59 1.11
N ASP D 112 20.78 -15.51 1.94
CA ASP D 112 21.77 -14.44 1.81
C ASP D 112 22.27 -14.11 0.40
N THR D 113 22.62 -15.13 -0.40
CA THR D 113 23.10 -14.84 -1.75
C THR D 113 22.27 -15.51 -2.84
N MET D 114 21.04 -15.89 -2.50
CA MET D 114 20.14 -16.54 -3.45
C MET D 114 19.97 -15.75 -4.74
N ALA D 115 19.83 -14.44 -4.62
CA ALA D 115 19.65 -13.56 -5.78
C ALA D 115 20.88 -13.55 -6.69
N TYR D 116 22.07 -13.71 -6.11
CA TYR D 116 23.30 -13.74 -6.90
C TYR D 116 23.34 -15.03 -7.71
N THR D 117 23.04 -16.15 -7.07
CA THR D 117 23.05 -17.43 -7.76
C THR D 117 22.01 -17.47 -8.88
N ALA D 118 20.81 -16.96 -8.60
CA ALA D 118 19.75 -16.94 -9.60
C ALA D 118 20.17 -16.09 -10.80
N SER D 119 20.79 -14.95 -10.52
CA SER D 119 21.25 -14.05 -11.57
C SER D 119 22.35 -14.71 -12.42
N ALA D 120 23.34 -15.30 -11.75
CA ALA D 120 24.43 -15.96 -12.46
C ALA D 120 23.92 -17.10 -13.35
N LEU D 121 23.03 -17.94 -12.82
CA LEU D 121 22.51 -19.04 -13.61
C LEU D 121 21.76 -18.55 -14.85
N SER D 122 21.06 -17.42 -14.76
CA SER D 122 20.33 -16.90 -15.93
C SER D 122 21.26 -16.60 -17.10
N PHE D 123 22.49 -16.16 -16.81
CA PHE D 123 23.44 -15.86 -17.89
C PHE D 123 24.16 -17.13 -18.36
N MET D 124 24.51 -18.00 -17.42
CA MET D 124 25.21 -19.25 -17.73
C MET D 124 24.38 -20.21 -18.58
N LEU D 125 23.08 -20.21 -18.36
CA LEU D 125 22.21 -21.08 -19.13
C LEU D 125 21.70 -20.25 -20.30
N GLU D 126 21.91 -20.74 -21.51
CA GLU D 126 21.43 -20.03 -22.71
C GLU D 126 20.48 -21.00 -23.41
N ASN D 127 19.42 -20.46 -23.99
CA ASN D 127 18.37 -21.23 -24.67
C ASN D 127 17.77 -22.27 -23.71
N LEU D 128 17.43 -21.81 -22.50
CA LEU D 128 16.82 -22.68 -21.50
C LEU D 128 15.40 -23.04 -21.93
N GLY D 129 15.09 -24.34 -21.92
CA GLY D 129 13.77 -24.78 -22.34
C GLY D 129 12.96 -25.49 -21.25
N LYS D 130 13.41 -25.35 -20.00
CA LYS D 130 12.73 -25.96 -18.86
C LYS D 130 12.84 -24.98 -17.69
N PRO D 131 11.87 -25.00 -16.78
CA PRO D 131 11.96 -24.07 -15.64
C PRO D 131 13.03 -24.42 -14.62
N VAL D 132 13.69 -23.38 -14.10
CA VAL D 132 14.71 -23.54 -13.08
C VAL D 132 14.27 -22.52 -12.05
N ILE D 133 13.78 -23.02 -10.92
CA ILE D 133 13.28 -22.16 -9.86
C ILE D 133 14.18 -22.20 -8.62
N VAL D 134 14.74 -21.06 -8.26
CA VAL D 134 15.60 -21.00 -7.07
C VAL D 134 14.70 -20.53 -5.93
N THR D 135 14.74 -21.25 -4.81
CA THR D 135 13.93 -20.85 -3.67
C THR D 135 14.60 -21.26 -2.36
N GLY D 136 13.94 -20.97 -1.25
CA GLY D 136 14.47 -21.30 0.05
C GLY D 136 13.45 -20.96 1.11
N SER D 137 13.90 -20.79 2.35
CA SER D 137 12.99 -20.47 3.44
C SER D 137 13.72 -19.95 4.65
N GLN D 138 12.99 -19.25 5.49
CA GLN D 138 13.51 -18.68 6.71
C GLN D 138 13.41 -19.73 7.82
N ILE D 139 12.36 -20.54 7.74
CA ILE D 139 12.07 -21.57 8.74
C ILE D 139 12.20 -23.00 8.16
N PRO D 140 12.81 -23.94 8.92
CA PRO D 140 12.96 -25.32 8.43
C PRO D 140 11.61 -25.99 8.14
N LEU D 141 11.62 -26.95 7.22
CA LEU D 141 10.41 -27.69 6.84
C LEU D 141 9.76 -28.35 8.06
N ALA D 142 10.59 -28.80 8.99
CA ALA D 142 10.14 -29.49 10.21
C ALA D 142 9.22 -28.71 11.15
N GLU D 143 9.35 -27.39 11.17
CA GLU D 143 8.54 -26.56 12.04
C GLU D 143 7.08 -26.54 11.60
N LEU D 144 6.17 -26.53 12.58
CA LEU D 144 4.73 -26.52 12.32
C LEU D 144 4.28 -25.51 11.28
N ARG D 145 4.60 -24.24 11.49
CA ARG D 145 4.23 -23.20 10.56
C ARG D 145 5.51 -22.80 9.85
N SER D 146 5.75 -23.45 8.72
CA SER D 146 6.96 -23.25 7.95
C SER D 146 6.77 -22.66 6.56
N ASP D 147 7.58 -21.65 6.23
CA ASP D 147 7.48 -21.08 4.89
C ASP D 147 8.21 -22.05 3.98
N GLY D 148 9.00 -22.94 4.58
CA GLY D 148 9.72 -23.93 3.80
C GLY D 148 8.74 -24.89 3.16
N GLN D 149 7.70 -25.26 3.89
CA GLN D 149 6.68 -26.17 3.38
C GLN D 149 5.95 -25.47 2.22
N ILE D 150 5.58 -24.21 2.43
CA ILE D 150 4.88 -23.42 1.40
C ILE D 150 5.72 -23.20 0.12
N ASN D 151 6.96 -22.77 0.30
CA ASN D 151 7.82 -22.51 -0.85
C ASN D 151 8.21 -23.75 -1.65
N LEU D 152 8.52 -24.85 -0.99
CA LEU D 152 8.89 -26.05 -1.73
C LEU D 152 7.66 -26.62 -2.44
N LEU D 153 6.50 -26.66 -1.77
CA LEU D 153 5.30 -27.19 -2.42
C LEU D 153 4.95 -26.35 -3.64
N ASN D 154 4.95 -25.03 -3.50
CA ASN D 154 4.63 -24.16 -4.62
C ASN D 154 5.66 -24.21 -5.75
N ALA D 155 6.94 -24.26 -5.39
CA ALA D 155 7.99 -24.35 -6.41
C ALA D 155 7.81 -25.61 -7.25
N LEU D 156 7.52 -26.74 -6.59
CA LEU D 156 7.32 -28.00 -7.32
C LEU D 156 6.11 -27.93 -8.22
N TYR D 157 5.01 -27.40 -7.69
CA TYR D 157 3.75 -27.27 -8.41
C TYR D 157 3.87 -26.33 -9.62
N VAL D 158 4.50 -25.19 -9.42
CA VAL D 158 4.67 -24.21 -10.50
C VAL D 158 5.63 -24.73 -11.57
N ALA D 159 6.72 -25.38 -11.16
CA ALA D 159 7.67 -25.91 -12.13
C ALA D 159 6.99 -26.91 -13.05
N ALA D 160 6.07 -27.69 -12.50
CA ALA D 160 5.36 -28.71 -13.27
C ALA D 160 4.15 -28.22 -14.05
N ASN D 161 3.36 -27.35 -13.43
CA ASN D 161 2.13 -26.84 -14.04
C ASN D 161 2.12 -25.48 -14.73
N TYR D 162 2.96 -24.56 -14.27
CA TYR D 162 3.03 -23.25 -14.88
C TYR D 162 4.49 -23.02 -15.25
N PRO D 163 5.02 -23.86 -16.14
CA PRO D 163 6.42 -23.69 -16.52
C PRO D 163 6.75 -22.42 -17.29
N ILE D 164 7.82 -21.77 -16.86
CA ILE D 164 8.34 -20.56 -17.47
C ILE D 164 9.81 -20.91 -17.66
N ASN D 165 10.26 -20.89 -18.90
CA ASN D 165 11.63 -21.28 -19.23
C ASN D 165 12.69 -20.22 -18.97
N GLU D 166 12.82 -19.87 -17.69
CA GLU D 166 13.79 -18.89 -17.23
C GLU D 166 14.27 -19.31 -15.85
N VAL D 167 15.34 -18.68 -15.40
CA VAL D 167 15.82 -18.96 -14.06
C VAL D 167 15.02 -17.96 -13.26
N THR D 168 14.18 -18.48 -12.37
CA THR D 168 13.32 -17.64 -11.55
C THR D 168 13.67 -17.79 -10.06
N LEU D 169 13.14 -16.90 -9.24
CA LEU D 169 13.37 -16.96 -7.79
C LEU D 169 12.00 -16.86 -7.15
N PHE D 170 11.65 -17.85 -6.33
CA PHE D 170 10.35 -17.87 -5.66
C PHE D 170 10.48 -17.53 -4.17
N PHE D 171 9.75 -16.52 -3.74
CA PHE D 171 9.75 -16.11 -2.33
C PHE D 171 8.58 -15.17 -2.10
N ASN D 172 8.12 -15.10 -0.86
CA ASN D 172 6.98 -14.27 -0.48
C ASN D 172 5.78 -14.44 -1.44
N ASN D 173 5.52 -15.69 -1.84
CA ASN D 173 4.42 -16.07 -2.73
C ASN D 173 4.44 -15.47 -4.14
N ARG D 174 5.63 -15.05 -4.58
CA ARG D 174 5.78 -14.47 -5.91
C ARG D 174 6.93 -15.14 -6.66
N LEU D 175 6.78 -15.31 -7.96
CA LEU D 175 7.82 -15.89 -8.78
C LEU D 175 8.39 -14.76 -9.61
N TYR D 176 9.61 -14.36 -9.26
CA TYR D 176 10.32 -13.25 -9.92
C TYR D 176 11.30 -13.73 -10.97
N ARG D 177 11.68 -12.84 -11.87
CA ARG D 177 12.68 -13.18 -12.86
C ARG D 177 13.93 -13.14 -12.00
N GLY D 178 14.71 -14.22 -12.02
CA GLY D 178 15.91 -14.30 -11.20
C GLY D 178 16.92 -13.16 -11.24
N ASN D 179 17.25 -12.70 -12.45
CA ASN D 179 18.23 -11.63 -12.58
C ASN D 179 17.66 -10.22 -12.37
N ARG D 180 16.47 -10.15 -11.76
CA ARG D 180 15.82 -8.88 -11.46
C ARG D 180 15.62 -8.79 -9.94
N THR D 181 16.05 -9.82 -9.22
CA THR D 181 15.85 -9.85 -7.76
C THR D 181 16.99 -9.39 -6.84
N THR D 182 16.63 -9.09 -5.60
CA THR D 182 17.59 -8.69 -4.57
C THR D 182 16.97 -9.00 -3.20
N LYS D 183 17.79 -9.38 -2.22
CA LYS D 183 17.25 -9.66 -0.89
C LYS D 183 17.04 -8.29 -0.29
N ALA D 184 15.76 -7.96 -0.10
CA ALA D 184 15.36 -6.66 0.42
C ALA D 184 15.28 -6.52 1.96
N HIS D 185 15.15 -7.64 2.68
CA HIS D 185 15.09 -7.60 4.15
C HIS D 185 15.59 -8.93 4.73
N ALA D 186 16.17 -8.87 5.92
CA ALA D 186 16.70 -10.07 6.59
C ALA D 186 16.56 -10.05 8.12
N ASP D 187 16.46 -8.86 8.69
CA ASP D 187 16.34 -8.67 10.14
C ASP D 187 14.96 -9.02 10.69
N GLY D 188 14.83 -10.23 11.25
CA GLY D 188 13.55 -10.65 11.80
C GLY D 188 12.76 -11.48 10.80
N PHE D 189 12.84 -11.11 9.53
CA PHE D 189 12.15 -11.82 8.45
C PHE D 189 12.89 -11.62 7.13
N ASP D 190 12.81 -12.61 6.26
CA ASP D 190 13.47 -12.56 4.95
C ASP D 190 12.47 -12.10 3.90
N ALA D 191 12.92 -11.23 3.00
CA ALA D 191 12.06 -10.75 1.93
C ALA D 191 12.92 -10.41 0.72
N PHE D 192 12.37 -10.69 -0.46
CA PHE D 192 13.05 -10.41 -1.71
C PHE D 192 12.19 -9.44 -2.49
N ALA D 193 12.81 -8.68 -3.39
CA ALA D 193 12.12 -7.72 -4.22
C ALA D 193 12.67 -7.76 -5.63
N SER D 194 11.86 -7.29 -6.58
CA SER D 194 12.23 -7.20 -8.01
C SER D 194 11.87 -5.74 -8.23
N PRO D 195 12.75 -4.82 -7.81
CA PRO D 195 12.48 -3.39 -7.96
C PRO D 195 12.09 -2.78 -9.31
N ASN D 196 12.63 -3.32 -10.40
CA ASN D 196 12.36 -2.76 -11.73
C ASN D 196 11.54 -3.62 -12.69
N LEU D 197 10.91 -4.67 -12.19
CA LEU D 197 10.08 -5.53 -13.02
C LEU D 197 9.07 -6.25 -12.15
N PRO D 198 7.82 -6.36 -12.63
CA PRO D 198 6.78 -7.05 -11.85
C PRO D 198 7.15 -8.52 -11.82
N PRO D 199 6.47 -9.31 -10.97
CA PRO D 199 6.77 -10.74 -10.89
C PRO D 199 6.33 -11.37 -12.21
N LEU D 200 6.76 -12.60 -12.46
CA LEU D 200 6.35 -13.29 -13.67
C LEU D 200 5.06 -14.04 -13.34
N LEU D 201 4.92 -14.39 -12.07
CA LEU D 201 3.76 -15.15 -11.61
C LEU D 201 3.49 -14.86 -10.14
N GLU D 202 2.20 -14.87 -9.79
CA GLU D 202 1.79 -14.64 -8.42
C GLU D 202 1.14 -15.93 -7.94
N ALA D 203 1.55 -16.38 -6.77
CA ALA D 203 1.03 -17.62 -6.21
C ALA D 203 0.13 -17.40 -4.99
N GLY D 204 -1.06 -16.87 -5.23
CA GLY D 204 -2.02 -16.65 -4.15
C GLY D 204 -3.02 -17.78 -4.22
N ILE D 205 -4.27 -17.53 -3.80
CA ILE D 205 -5.31 -18.55 -3.83
C ILE D 205 -5.29 -19.21 -5.21
N HIS D 206 -5.32 -18.39 -6.24
CA HIS D 206 -5.26 -18.90 -7.60
C HIS D 206 -3.94 -18.44 -8.20
N ILE D 207 -3.19 -19.36 -8.79
CA ILE D 207 -1.92 -19.04 -9.40
C ILE D 207 -2.23 -18.19 -10.63
N ARG D 208 -1.52 -17.06 -10.78
CA ARG D 208 -1.75 -16.17 -11.92
C ARG D 208 -0.45 -15.82 -12.61
N ARG D 209 -0.37 -16.14 -13.90
CA ARG D 209 0.80 -15.83 -14.69
C ARG D 209 0.56 -14.40 -15.14
N LEU D 210 1.49 -13.49 -14.81
CA LEU D 210 1.34 -12.09 -15.20
C LEU D 210 1.73 -11.85 -16.65
N ASN D 211 1.33 -10.71 -17.21
CA ASN D 211 1.64 -10.39 -18.60
C ASN D 211 3.03 -9.80 -18.83
N THR D 212 3.94 -10.06 -17.89
CA THR D 212 5.31 -9.56 -17.99
C THR D 212 5.97 -10.23 -19.22
N PRO D 213 6.46 -9.42 -20.17
CA PRO D 213 7.10 -9.96 -21.38
C PRO D 213 8.21 -10.98 -21.10
N PRO D 214 8.22 -12.09 -21.83
CA PRO D 214 9.26 -13.10 -21.60
C PRO D 214 10.65 -12.64 -22.00
N ALA D 215 11.65 -13.21 -21.35
CA ALA D 215 13.05 -12.86 -21.60
C ALA D 215 13.44 -13.25 -23.02
N PRO D 216 14.44 -12.58 -23.59
CA PRO D 216 14.89 -12.92 -24.94
C PRO D 216 15.53 -14.30 -24.91
N HIS D 217 15.45 -15.02 -26.04
CA HIS D 217 16.05 -16.36 -26.12
C HIS D 217 16.23 -16.82 -27.55
N GLY D 218 17.25 -17.65 -27.77
CA GLY D 218 17.53 -18.17 -29.09
C GLY D 218 16.68 -19.40 -29.34
N GLU D 219 16.77 -19.97 -30.53
CA GLU D 219 15.95 -21.15 -30.85
C GLU D 219 16.72 -22.45 -31.09
N GLY D 220 17.72 -22.71 -30.24
CA GLY D 220 18.52 -23.92 -30.36
C GLY D 220 18.49 -24.72 -29.07
N GLU D 221 19.41 -25.68 -28.95
CA GLU D 221 19.49 -26.52 -27.76
C GLU D 221 20.17 -25.76 -26.63
N LEU D 222 19.95 -26.22 -25.40
CA LEU D 222 20.54 -25.58 -24.22
C LEU D 222 22.06 -25.47 -24.30
N ILE D 223 22.60 -24.32 -23.90
CA ILE D 223 24.05 -24.12 -23.88
C ILE D 223 24.39 -23.70 -22.45
N VAL D 224 25.32 -24.40 -21.83
CA VAL D 224 25.72 -24.05 -20.46
C VAL D 224 27.11 -23.45 -20.49
N HIS D 225 27.19 -22.16 -20.20
CA HIS D 225 28.45 -21.44 -20.21
C HIS D 225 29.19 -21.54 -18.88
N PRO D 226 30.52 -21.64 -18.92
CA PRO D 226 31.32 -21.74 -17.70
C PRO D 226 31.43 -20.37 -17.00
N ILE D 227 31.77 -20.40 -15.72
CA ILE D 227 31.93 -19.14 -15.00
C ILE D 227 33.04 -19.35 -13.95
N THR D 228 33.88 -18.33 -13.76
CA THR D 228 34.96 -18.40 -12.80
C THR D 228 35.03 -17.11 -12.00
N PRO D 229 35.68 -17.13 -10.82
CA PRO D 229 35.76 -15.89 -10.04
C PRO D 229 36.45 -14.83 -10.90
N GLN D 230 36.06 -13.57 -10.74
CA GLN D 230 36.64 -12.47 -11.48
C GLN D 230 36.84 -11.27 -10.55
N PRO D 231 37.97 -10.55 -10.70
CA PRO D 231 38.31 -9.37 -9.87
C PRO D 231 37.53 -8.13 -10.29
N ILE D 232 36.41 -7.93 -9.60
CA ILE D 232 35.52 -6.83 -9.88
C ILE D 232 35.34 -5.93 -8.66
N GLY D 233 35.29 -4.61 -8.90
CA GLY D 233 35.09 -3.70 -7.80
C GLY D 233 33.66 -3.22 -7.84
N VAL D 234 33.01 -3.10 -6.69
CA VAL D 234 31.64 -2.58 -6.63
C VAL D 234 31.71 -1.50 -5.55
N VAL D 235 31.56 -0.26 -5.98
CA VAL D 235 31.70 0.87 -5.08
C VAL D 235 30.60 1.95 -5.18
N THR D 236 30.49 2.75 -4.12
CA THR D 236 29.49 3.82 -4.05
C THR D 236 30.14 5.21 -4.04
N ILE D 237 29.66 6.07 -4.93
CA ILE D 237 30.15 7.43 -5.05
C ILE D 237 29.51 8.28 -3.95
N TYR D 238 30.26 9.23 -3.40
CA TYR D 238 29.73 10.10 -2.36
C TYR D 238 30.39 11.48 -2.54
N PRO D 239 29.78 12.55 -2.00
CA PRO D 239 30.36 13.88 -2.13
C PRO D 239 31.83 14.03 -1.73
N GLY D 240 32.63 14.51 -2.69
CA GLY D 240 34.04 14.71 -2.45
C GLY D 240 34.92 13.49 -2.57
N ILE D 241 34.37 12.35 -3.00
CA ILE D 241 35.19 11.15 -3.11
C ILE D 241 36.41 11.52 -3.93
N SER D 242 37.58 11.20 -3.41
CA SER D 242 38.83 11.56 -4.07
C SER D 242 39.37 10.64 -5.15
N ALA D 243 40.09 11.25 -6.09
CA ALA D 243 40.68 10.51 -7.19
C ALA D 243 41.66 9.47 -6.64
N ASP D 244 42.30 9.79 -5.52
CA ASP D 244 43.26 8.87 -4.88
C ASP D 244 42.58 7.58 -4.42
N VAL D 245 41.38 7.71 -3.89
CA VAL D 245 40.65 6.54 -3.43
C VAL D 245 40.14 5.75 -4.64
N VAL D 246 39.65 6.46 -5.65
CA VAL D 246 39.16 5.79 -6.85
C VAL D 246 40.31 5.08 -7.59
N ARG D 247 41.51 5.68 -7.55
CA ARG D 247 42.67 5.06 -8.19
C ARG D 247 42.92 3.70 -7.56
N ASN D 248 42.76 3.62 -6.24
CA ASN D 248 42.97 2.35 -5.52
C ASN D 248 41.99 1.27 -5.97
N PHE D 249 40.74 1.68 -6.18
CA PHE D 249 39.69 0.76 -6.63
C PHE D 249 40.01 0.15 -7.99
N LEU D 250 40.81 0.86 -8.76
CA LEU D 250 41.15 0.43 -10.12
C LEU D 250 42.51 -0.24 -10.34
N ARG D 251 43.24 -0.52 -9.26
CA ARG D 251 44.54 -1.17 -9.37
C ARG D 251 44.42 -2.64 -9.73
N GLN D 252 45.52 -3.21 -10.24
CA GLN D 252 45.56 -4.63 -10.59
C GLN D 252 45.17 -5.37 -9.34
N PRO D 253 44.48 -6.53 -9.47
CA PRO D 253 44.04 -7.18 -10.71
C PRO D 253 42.65 -6.83 -11.25
N VAL D 254 42.06 -5.74 -10.79
CA VAL D 254 40.72 -5.34 -11.22
C VAL D 254 40.50 -5.32 -12.76
N LYS D 255 39.44 -6.02 -13.20
CA LYS D 255 39.08 -6.08 -14.63
C LYS D 255 37.84 -5.25 -14.93
N ALA D 256 37.04 -5.00 -13.90
CA ALA D 256 35.82 -4.22 -14.06
C ALA D 256 35.46 -3.52 -12.77
N LEU D 257 34.74 -2.41 -12.90
CA LEU D 257 34.31 -1.62 -11.75
C LEU D 257 32.86 -1.19 -11.91
N ILE D 258 32.05 -1.47 -10.91
CA ILE D 258 30.65 -1.06 -10.91
C ILE D 258 30.55 0.13 -9.97
N LEU D 259 30.07 1.25 -10.51
CA LEU D 259 29.90 2.48 -9.74
C LEU D 259 28.43 2.69 -9.44
N ARG D 260 28.09 3.01 -8.19
CA ARG D 260 26.71 3.30 -7.82
C ARG D 260 26.75 4.80 -7.61
N SER D 261 26.16 5.52 -8.57
CA SER D 261 26.16 6.97 -8.56
C SER D 261 24.80 7.60 -8.20
N TYR D 262 24.73 8.93 -8.16
CA TYR D 262 23.48 9.59 -7.79
C TYR D 262 22.35 9.57 -8.82
N GLY D 263 21.13 9.58 -8.29
CA GLY D 263 19.92 9.59 -9.12
C GLY D 263 19.96 8.88 -10.46
N VAL D 264 19.82 9.62 -11.55
CA VAL D 264 19.81 9.01 -12.88
C VAL D 264 21.21 8.69 -13.42
N GLY D 265 22.21 8.73 -12.55
CA GLY D 265 23.57 8.41 -12.97
C GLY D 265 24.57 9.55 -12.94
N ASN D 266 24.33 10.53 -12.08
CA ASN D 266 25.21 11.70 -11.95
C ASN D 266 26.35 11.49 -10.96
N ALA D 267 27.45 12.19 -11.19
CA ALA D 267 28.63 12.12 -10.32
C ALA D 267 29.37 13.45 -10.34
N PRO D 268 30.35 13.64 -9.44
CA PRO D 268 31.12 14.89 -9.40
C PRO D 268 31.80 15.11 -10.73
N GLN D 269 31.93 16.37 -11.14
CA GLN D 269 32.56 16.66 -12.43
C GLN D 269 34.08 16.90 -12.40
N ASN D 270 34.67 16.95 -11.20
CA ASN D 270 36.10 17.22 -11.11
C ASN D 270 36.94 16.34 -12.04
N LYS D 271 37.85 16.99 -12.75
CA LYS D 271 38.71 16.33 -13.71
C LYS D 271 39.54 15.15 -13.22
N ALA D 272 40.12 15.25 -12.03
CA ALA D 272 40.95 14.17 -11.49
C ALA D 272 40.16 12.85 -11.39
N PHE D 273 38.95 12.92 -10.87
CA PHE D 273 38.09 11.75 -10.71
C PHE D 273 37.76 11.15 -12.08
N LEU D 274 37.36 12.00 -13.01
CA LEU D 274 37.01 11.54 -14.35
C LEU D 274 38.21 10.98 -15.13
N GLN D 275 39.39 11.53 -14.91
CA GLN D 275 40.59 11.04 -15.60
C GLN D 275 41.00 9.66 -15.10
N GLU D 276 40.75 9.36 -13.82
CA GLU D 276 41.10 8.03 -13.30
C GLU D 276 40.21 7.01 -14.00
N LEU D 277 38.95 7.37 -14.23
CA LEU D 277 38.00 6.50 -14.91
C LEU D 277 38.39 6.30 -16.38
N GLN D 278 38.77 7.40 -17.05
CA GLN D 278 39.17 7.31 -18.46
C GLN D 278 40.42 6.45 -18.62
N GLU D 279 41.42 6.69 -17.77
CA GLU D 279 42.66 5.91 -17.84
C GLU D 279 42.39 4.43 -17.59
N ALA D 280 41.43 4.12 -16.73
CA ALA D 280 41.09 2.73 -16.45
C ALA D 280 40.52 2.07 -17.70
N SER D 281 39.59 2.77 -18.35
CA SER D 281 38.97 2.23 -19.57
C SER D 281 40.01 2.11 -20.68
N ASP D 282 40.97 3.02 -20.70
CA ASP D 282 42.03 3.00 -21.71
C ASP D 282 42.83 1.70 -21.56
N ARG D 283 43.06 1.25 -20.34
CA ARG D 283 43.83 0.03 -20.17
C ARG D 283 42.98 -1.25 -20.16
N GLY D 284 41.75 -1.14 -20.67
CA GLY D 284 40.88 -2.30 -20.76
C GLY D 284 39.88 -2.61 -19.65
N ILE D 285 39.77 -1.75 -18.64
CA ILE D 285 38.83 -2.01 -17.56
C ILE D 285 37.42 -1.59 -17.99
N VAL D 286 36.46 -2.46 -17.70
CA VAL D 286 35.07 -2.21 -18.03
C VAL D 286 34.44 -1.49 -16.83
N VAL D 287 34.08 -0.22 -17.02
CA VAL D 287 33.46 0.56 -15.95
C VAL D 287 31.98 0.73 -16.27
N VAL D 288 31.14 0.30 -15.32
CA VAL D 288 29.69 0.35 -15.48
C VAL D 288 29.04 1.21 -14.39
N ASN D 289 28.04 2.00 -14.78
CA ASN D 289 27.35 2.91 -13.88
C ASN D 289 25.93 2.46 -13.53
N LEU D 290 25.65 2.37 -12.23
CA LEU D 290 24.34 1.98 -11.72
C LEU D 290 23.87 3.10 -10.81
N THR D 291 22.57 3.15 -10.54
CA THR D 291 22.05 4.20 -9.66
C THR D 291 22.15 3.77 -8.20
N GLN D 292 22.20 4.75 -7.31
CA GLN D 292 22.25 4.49 -5.87
C GLN D 292 20.82 4.37 -5.40
N CYS D 293 19.88 4.77 -6.24
CA CYS D 293 18.47 4.69 -5.87
C CYS D 293 18.01 3.23 -5.73
N MET D 294 16.89 3.02 -5.04
CA MET D 294 16.36 1.67 -4.83
C MET D 294 15.74 1.08 -6.08
N SER D 295 15.31 1.94 -6.99
CA SER D 295 14.71 1.52 -8.25
C SER D 295 14.92 2.60 -9.31
N GLY D 296 14.69 2.24 -10.57
CA GLY D 296 14.86 3.20 -11.66
C GLY D 296 16.11 2.95 -12.48
N LYS D 297 16.18 3.58 -13.64
CA LYS D 297 17.35 3.40 -14.49
C LYS D 297 18.32 4.56 -14.50
N VAL D 298 19.52 4.26 -15.00
CA VAL D 298 20.58 5.23 -15.13
C VAL D 298 20.33 5.79 -16.53
N ASN D 299 20.35 7.11 -16.67
CA ASN D 299 20.13 7.77 -17.96
C ASN D 299 21.36 8.65 -18.18
N MET D 300 22.34 8.09 -18.88
CA MET D 300 23.61 8.78 -19.13
C MET D 300 23.53 10.07 -19.96
N ASN D 307 26.16 12.54 -18.34
CA ASN D 307 26.90 12.56 -19.61
C ASN D 307 28.40 12.70 -19.40
N ALA D 308 28.81 13.24 -18.26
CA ALA D 308 30.24 13.41 -17.96
C ALA D 308 30.92 12.06 -17.78
N LEU D 309 30.21 11.14 -17.13
CA LEU D 309 30.76 9.80 -16.91
C LEU D 309 30.83 9.09 -18.27
N ALA D 310 29.81 9.29 -19.09
CA ALA D 310 29.75 8.68 -20.42
C ALA D 310 30.99 9.01 -21.26
N HIS D 311 31.44 10.26 -21.19
CA HIS D 311 32.60 10.68 -21.96
C HIS D 311 33.92 10.13 -21.42
N ALA D 312 33.88 9.56 -20.21
CA ALA D 312 35.08 9.00 -19.58
C ALA D 312 35.18 7.49 -19.85
N GLY D 313 34.31 6.98 -20.71
CA GLY D 313 34.33 5.56 -21.04
C GLY D 313 33.39 4.66 -20.23
N VAL D 314 32.62 5.27 -19.33
CA VAL D 314 31.69 4.54 -18.48
C VAL D 314 30.43 4.09 -19.24
N ILE D 315 30.07 2.82 -19.06
CA ILE D 315 28.90 2.21 -19.70
C ILE D 315 27.70 2.28 -18.74
N GLY D 316 26.55 2.70 -19.25
CA GLY D 316 25.38 2.78 -18.40
C GLY D 316 24.80 1.39 -18.17
N GLY D 317 24.40 1.10 -16.94
CA GLY D 317 23.85 -0.20 -16.64
C GLY D 317 22.34 -0.20 -16.58
N ALA D 318 21.73 0.83 -17.17
CA ALA D 318 20.28 0.97 -17.21
C ALA D 318 19.65 0.75 -15.82
N ASP D 319 18.71 -0.20 -15.72
CA ASP D 319 18.06 -0.48 -14.44
C ASP D 319 18.44 -1.84 -13.84
N MET D 320 19.62 -2.34 -14.20
CA MET D 320 20.06 -3.63 -13.65
C MET D 320 20.33 -3.55 -12.16
N THR D 321 20.08 -4.66 -11.47
CA THR D 321 20.32 -4.73 -10.04
C THR D 321 21.83 -4.89 -9.91
N VAL D 322 22.36 -4.73 -8.71
CA VAL D 322 23.79 -4.91 -8.49
C VAL D 322 24.12 -6.37 -8.78
N GLU D 323 23.25 -7.26 -8.31
CA GLU D 323 23.44 -8.69 -8.50
C GLU D 323 23.52 -9.08 -9.98
N ALA D 324 22.63 -8.53 -10.80
CA ALA D 324 22.63 -8.84 -12.23
C ALA D 324 23.89 -8.27 -12.89
N THR D 325 24.27 -7.06 -12.53
CA THR D 325 25.46 -6.44 -13.12
C THR D 325 26.73 -7.21 -12.74
N LEU D 326 26.86 -7.57 -11.47
CA LEU D 326 28.03 -8.30 -10.98
C LEU D 326 28.15 -9.69 -11.62
N THR D 327 27.05 -10.42 -11.71
CA THR D 327 27.10 -11.76 -12.31
C THR D 327 27.26 -11.69 -13.83
N LYS D 328 26.64 -10.69 -14.46
CA LYS D 328 26.75 -10.52 -15.90
C LYS D 328 28.22 -10.26 -16.28
N LEU D 329 28.91 -9.48 -15.46
CA LEU D 329 30.33 -9.22 -15.72
C LEU D 329 31.12 -10.51 -15.53
N HIS D 330 30.79 -11.29 -14.50
CA HIS D 330 31.49 -12.56 -14.27
C HIS D 330 31.32 -13.46 -15.49
N TYR D 331 30.09 -13.50 -16.00
CA TYR D 331 29.76 -14.30 -17.16
C TYR D 331 30.56 -13.88 -18.41
N LEU D 332 30.46 -12.61 -18.76
CA LEU D 332 31.15 -12.10 -19.94
C LEU D 332 32.68 -12.21 -19.84
N LEU D 333 33.24 -11.91 -18.67
CA LEU D 333 34.69 -11.99 -18.49
C LEU D 333 35.18 -13.44 -18.53
N SER D 334 34.32 -14.39 -18.15
CA SER D 334 34.69 -15.80 -18.16
C SER D 334 34.62 -16.46 -19.54
N GLN D 335 34.09 -15.74 -20.52
CA GLN D 335 33.99 -16.28 -21.87
C GLN D 335 35.19 -15.78 -22.69
N GLU D 336 35.28 -16.16 -23.96
CA GLU D 336 36.38 -15.70 -24.81
C GLU D 336 35.93 -14.46 -25.56
N LEU D 337 35.86 -13.35 -24.82
CA LEU D 337 35.41 -12.08 -25.38
C LEU D 337 36.34 -10.88 -25.12
N ASP D 338 36.47 -10.03 -26.12
CA ASP D 338 37.32 -8.84 -26.01
C ASP D 338 36.56 -7.74 -25.27
N THR D 339 37.31 -6.75 -24.78
CA THR D 339 36.75 -5.64 -24.02
C THR D 339 35.57 -4.87 -24.66
N GLU D 340 35.70 -4.50 -25.93
CA GLU D 340 34.62 -3.74 -26.56
C GLU D 340 33.34 -4.58 -26.72
N THR D 341 33.49 -5.88 -26.92
CA THR D 341 32.31 -6.74 -27.05
C THR D 341 31.66 -6.81 -25.67
N ILE D 342 32.47 -6.90 -24.61
CA ILE D 342 31.94 -6.95 -23.25
C ILE D 342 31.18 -5.66 -22.93
N ARG D 343 31.77 -4.52 -23.30
CA ARG D 343 31.14 -3.22 -23.07
C ARG D 343 29.81 -3.12 -23.80
N LYS D 344 29.75 -3.64 -25.02
CA LYS D 344 28.50 -3.59 -25.78
C LYS D 344 27.46 -4.50 -25.14
N ALA D 345 27.89 -5.70 -24.78
CA ALA D 345 27.01 -6.69 -24.17
C ALA D 345 26.41 -6.22 -22.84
N MET D 346 27.19 -5.46 -22.07
CA MET D 346 26.71 -5.00 -20.77
C MET D 346 25.49 -4.09 -20.89
N SER D 347 25.36 -3.37 -22.00
CA SER D 347 24.20 -2.48 -22.17
C SER D 347 23.07 -3.16 -22.95
N GLN D 348 23.28 -4.39 -23.40
CA GLN D 348 22.25 -5.13 -24.14
C GLN D 348 21.44 -6.00 -23.18
N ASN D 349 20.17 -6.20 -23.48
CA ASN D 349 19.31 -7.04 -22.65
C ASN D 349 19.50 -8.48 -23.09
N LEU D 350 20.40 -9.18 -22.40
CA LEU D 350 20.72 -10.56 -22.77
C LEU D 350 19.81 -11.67 -22.26
N ARG D 351 19.23 -11.46 -21.09
CA ARG D 351 18.43 -12.50 -20.44
C ARG D 351 17.20 -11.92 -19.71
N GLY D 352 16.81 -10.70 -20.06
CA GLY D 352 15.66 -10.06 -19.42
C GLY D 352 16.04 -9.27 -18.17
N GLU D 353 17.35 -9.08 -17.95
CA GLU D 353 17.86 -8.35 -16.78
C GLU D 353 17.76 -6.81 -16.81
N LEU D 354 17.48 -6.25 -17.97
CA LEU D 354 17.39 -4.80 -18.08
C LEU D 354 16.31 -4.39 -19.07
N THR D 355 15.83 -3.16 -18.91
CA THR D 355 14.77 -2.62 -19.78
C THR D 355 15.43 -1.72 -20.83
N PRO D 356 15.38 -2.12 -22.10
CA PRO D 356 15.98 -1.33 -23.19
C PRO D 356 15.36 0.06 -23.31
N ASP D 357 16.09 1.00 -23.91
CA ASP D 357 15.60 2.37 -24.10
C ASP D 357 14.45 2.46 -25.10
#